data_3H1E
# 
_entry.id   3H1E 
# 
_audit_conform.dict_name       mmcif_pdbx.dic 
_audit_conform.dict_version    5.403 
_audit_conform.dict_location   http://mmcif.pdb.org/dictionaries/ascii/mmcif_pdbx.dic 
# 
loop_
_database_2.database_id 
_database_2.database_code 
_database_2.pdbx_database_accession 
_database_2.pdbx_DOI 
PDB   3H1E         pdb_00003h1e 10.2210/pdb3h1e/pdb 
RCSB  RCSB052569   ?            ?                   
WWPDB D_1000052569 ?            ?                   
# 
loop_
_pdbx_audit_revision_history.ordinal 
_pdbx_audit_revision_history.data_content_type 
_pdbx_audit_revision_history.major_revision 
_pdbx_audit_revision_history.minor_revision 
_pdbx_audit_revision_history.revision_date 
_pdbx_audit_revision_history.part_number 
1 'Structure model' 1 0 2010-03-09 ? 
2 'Structure model' 1 1 2011-07-13 ? 
3 'Structure model' 1 2 2023-11-01 ? 
4 'Structure model' 1 3 2025-06-04 ? 
# 
_pdbx_audit_revision_details.ordinal             1 
_pdbx_audit_revision_details.revision_ordinal    1 
_pdbx_audit_revision_details.data_content_type   'Structure model' 
_pdbx_audit_revision_details.provider            repository 
_pdbx_audit_revision_details.type                'Initial release' 
_pdbx_audit_revision_details.description         ? 
_pdbx_audit_revision_details.details             ? 
# 
loop_
_pdbx_audit_revision_group.ordinal 
_pdbx_audit_revision_group.revision_ordinal 
_pdbx_audit_revision_group.data_content_type 
_pdbx_audit_revision_group.group 
1 2 'Structure model' 'Version format compliance' 
2 3 'Structure model' 'Data collection'           
3 3 'Structure model' 'Database references'       
4 3 'Structure model' 'Derived calculations'      
5 3 'Structure model' 'Refinement description'    
6 4 'Structure model' 'Structure summary'         
# 
loop_
_pdbx_audit_revision_category.ordinal 
_pdbx_audit_revision_category.revision_ordinal 
_pdbx_audit_revision_category.data_content_type 
_pdbx_audit_revision_category.category 
1 3 'Structure model' chem_comp_atom                
2 3 'Structure model' chem_comp_bond                
3 3 'Structure model' database_2                    
4 3 'Structure model' pdbx_initial_refinement_model 
5 3 'Structure model' struct_ref_seq_dif            
6 3 'Structure model' struct_site                   
7 4 'Structure model' pdbx_entry_details            
# 
loop_
_pdbx_audit_revision_item.ordinal 
_pdbx_audit_revision_item.revision_ordinal 
_pdbx_audit_revision_item.data_content_type 
_pdbx_audit_revision_item.item 
1 3 'Structure model' '_database_2.pdbx_DOI'                
2 3 'Structure model' '_database_2.pdbx_database_accession' 
3 3 'Structure model' '_struct_ref_seq_dif.details'         
4 3 'Structure model' '_struct_site.pdbx_auth_asym_id'      
5 3 'Structure model' '_struct_site.pdbx_auth_comp_id'      
6 3 'Structure model' '_struct_site.pdbx_auth_seq_id'       
# 
_pdbx_database_status.status_code                     REL 
_pdbx_database_status.entry_id                        3H1E 
_pdbx_database_status.recvd_initial_deposition_date   2009-04-12 
_pdbx_database_status.deposit_site                    RCSB 
_pdbx_database_status.process_site                    PDBJ 
_pdbx_database_status.status_code_sf                  REL 
_pdbx_database_status.status_code_mr                  ? 
_pdbx_database_status.SG_entry                        ? 
_pdbx_database_status.pdb_format_compatible           Y 
_pdbx_database_status.status_code_cs                  ? 
_pdbx_database_status.status_code_nmr_data            ? 
_pdbx_database_status.methods_development_category    ? 
# 
loop_
_pdbx_database_related.db_name 
_pdbx_database_related.db_id 
_pdbx_database_related.details 
_pdbx_database_related.content_type 
PDB 3GWG . unspecified 
PDB 3H1F . unspecified 
PDB 3H1G . unspecified 
# 
loop_
_audit_author.name 
_audit_author.pdbx_ordinal 
'Lam, K.H.'  1 
'Ling, T.K.' 2 
'Au, S.W.'   3 
# 
_citation.id                        primary 
_citation.title                     'Crystal structure of activated CheY1 from Helicobacter pylori.' 
_citation.journal_abbrev            J.Bacteriol. 
_citation.journal_volume            192 
_citation.page_first                2324 
_citation.page_last                 2334 
_citation.year                      2010 
_citation.journal_id_ASTM           JOBAAY 
_citation.country                   US 
_citation.journal_id_ISSN           0021-9193 
_citation.journal_id_CSD            0767 
_citation.book_publisher            ? 
_citation.pdbx_database_id_PubMed   20207758 
_citation.pdbx_database_id_DOI      10.1128/JB.00603-09 
# 
loop_
_citation_author.citation_id 
_citation_author.name 
_citation_author.ordinal 
_citation_author.identifier_ORCID 
primary 'Lam, K.H.'  1 ? 
primary 'Ling, T.K.' 2 ? 
primary 'Au, S.W.'   3 ? 
# 
loop_
_entity.id 
_entity.type 
_entity.src_method 
_entity.pdbx_description 
_entity.formula_weight 
_entity.pdbx_number_of_molecules 
_entity.pdbx_ec 
_entity.pdbx_mutation 
_entity.pdbx_fragment 
_entity.details 
1 polymer     man 'Chemotaxis protein cheY homolog' 14344.592 1  ? ? ? ? 
2 non-polymer syn 'MAGNESIUM ION'                   24.305    2  ? ? ? ? 
3 non-polymer syn 'BERYLLIUM TRIFLUORIDE ION'       66.007    1  ? ? ? ? 
4 non-polymer syn 'SULFATE ION'                     96.063    1  ? ? ? ? 
5 water       nat water                             18.015    58 ? ? ? ? 
# 
_entity_name_com.entity_id   1 
_entity_name_com.name        'Chemotaxis protein CheY1' 
# 
_entity_poly.entity_id                      1 
_entity_poly.type                           'polypeptide(L)' 
_entity_poly.nstd_linkage                   no 
_entity_poly.nstd_monomer                   no 
_entity_poly.pdbx_seq_one_letter_code       
;GPLGSMKLLVVDDSSTMRRIIKNTLSRLGYEDVLEAEHGVEAWEKLDANADTKVLITDWNMPEMNGLDLVKKVRSDSRFK
EIPIIMITTEGGKAEVITALKAGVNNYIVKPFTPQVLKEKLEVVLGTND
;
_entity_poly.pdbx_seq_one_letter_code_can   
;GPLGSMKLLVVDDSSTMRRIIKNTLSRLGYEDVLEAEHGVEAWEKLDANADTKVLITDWNMPEMNGLDLVKKVRSDSRFK
EIPIIMITTEGGKAEVITALKAGVNNYIVKPFTPQVLKEKLEVVLGTND
;
_entity_poly.pdbx_strand_id                 A 
_entity_poly.pdbx_target_identifier         ? 
# 
loop_
_pdbx_entity_nonpoly.entity_id 
_pdbx_entity_nonpoly.name 
_pdbx_entity_nonpoly.comp_id 
2 'MAGNESIUM ION'             MG  
3 'BERYLLIUM TRIFLUORIDE ION' BEF 
4 'SULFATE ION'               SO4 
5 water                       HOH 
# 
loop_
_entity_poly_seq.entity_id 
_entity_poly_seq.num 
_entity_poly_seq.mon_id 
_entity_poly_seq.hetero 
1 1   GLY n 
1 2   PRO n 
1 3   LEU n 
1 4   GLY n 
1 5   SER n 
1 6   MET n 
1 7   LYS n 
1 8   LEU n 
1 9   LEU n 
1 10  VAL n 
1 11  VAL n 
1 12  ASP n 
1 13  ASP n 
1 14  SER n 
1 15  SER n 
1 16  THR n 
1 17  MET n 
1 18  ARG n 
1 19  ARG n 
1 20  ILE n 
1 21  ILE n 
1 22  LYS n 
1 23  ASN n 
1 24  THR n 
1 25  LEU n 
1 26  SER n 
1 27  ARG n 
1 28  LEU n 
1 29  GLY n 
1 30  TYR n 
1 31  GLU n 
1 32  ASP n 
1 33  VAL n 
1 34  LEU n 
1 35  GLU n 
1 36  ALA n 
1 37  GLU n 
1 38  HIS n 
1 39  GLY n 
1 40  VAL n 
1 41  GLU n 
1 42  ALA n 
1 43  TRP n 
1 44  GLU n 
1 45  LYS n 
1 46  LEU n 
1 47  ASP n 
1 48  ALA n 
1 49  ASN n 
1 50  ALA n 
1 51  ASP n 
1 52  THR n 
1 53  LYS n 
1 54  VAL n 
1 55  LEU n 
1 56  ILE n 
1 57  THR n 
1 58  ASP n 
1 59  TRP n 
1 60  ASN n 
1 61  MET n 
1 62  PRO n 
1 63  GLU n 
1 64  MET n 
1 65  ASN n 
1 66  GLY n 
1 67  LEU n 
1 68  ASP n 
1 69  LEU n 
1 70  VAL n 
1 71  LYS n 
1 72  LYS n 
1 73  VAL n 
1 74  ARG n 
1 75  SER n 
1 76  ASP n 
1 77  SER n 
1 78  ARG n 
1 79  PHE n 
1 80  LYS n 
1 81  GLU n 
1 82  ILE n 
1 83  PRO n 
1 84  ILE n 
1 85  ILE n 
1 86  MET n 
1 87  ILE n 
1 88  THR n 
1 89  THR n 
1 90  GLU n 
1 91  GLY n 
1 92  GLY n 
1 93  LYS n 
1 94  ALA n 
1 95  GLU n 
1 96  VAL n 
1 97  ILE n 
1 98  THR n 
1 99  ALA n 
1 100 LEU n 
1 101 LYS n 
1 102 ALA n 
1 103 GLY n 
1 104 VAL n 
1 105 ASN n 
1 106 ASN n 
1 107 TYR n 
1 108 ILE n 
1 109 VAL n 
1 110 LYS n 
1 111 PRO n 
1 112 PHE n 
1 113 THR n 
1 114 PRO n 
1 115 GLN n 
1 116 VAL n 
1 117 LEU n 
1 118 LYS n 
1 119 GLU n 
1 120 LYS n 
1 121 LEU n 
1 122 GLU n 
1 123 VAL n 
1 124 VAL n 
1 125 LEU n 
1 126 GLY n 
1 127 THR n 
1 128 ASN n 
1 129 ASP n 
# 
_entity_src_gen.entity_id                          1 
_entity_src_gen.pdbx_src_id                        1 
_entity_src_gen.pdbx_alt_source_flag               sample 
_entity_src_gen.pdbx_seq_type                      ? 
_entity_src_gen.pdbx_beg_seq_num                   ? 
_entity_src_gen.pdbx_end_seq_num                   ? 
_entity_src_gen.gene_src_common_name               ? 
_entity_src_gen.gene_src_genus                     ? 
_entity_src_gen.pdbx_gene_src_gene                 CheY1 
_entity_src_gen.gene_src_species                   ? 
_entity_src_gen.gene_src_strain                    26695 
_entity_src_gen.gene_src_tissue                    ? 
_entity_src_gen.gene_src_tissue_fraction           ? 
_entity_src_gen.gene_src_details                   ? 
_entity_src_gen.pdbx_gene_src_fragment             ? 
_entity_src_gen.pdbx_gene_src_scientific_name      'Helicobacter pylori' 
_entity_src_gen.pdbx_gene_src_ncbi_taxonomy_id     85962 
_entity_src_gen.pdbx_gene_src_variant              ? 
_entity_src_gen.pdbx_gene_src_cell_line            ? 
_entity_src_gen.pdbx_gene_src_atcc                 ? 
_entity_src_gen.pdbx_gene_src_organ                ? 
_entity_src_gen.pdbx_gene_src_organelle            ? 
_entity_src_gen.pdbx_gene_src_cell                 ? 
_entity_src_gen.pdbx_gene_src_cellular_location    ? 
_entity_src_gen.host_org_common_name               ? 
_entity_src_gen.pdbx_host_org_scientific_name      'Escherichia coli' 
_entity_src_gen.pdbx_host_org_ncbi_taxonomy_id     562 
_entity_src_gen.host_org_genus                     ? 
_entity_src_gen.pdbx_host_org_gene                 ? 
_entity_src_gen.pdbx_host_org_organ                ? 
_entity_src_gen.host_org_species                   ? 
_entity_src_gen.pdbx_host_org_tissue               ? 
_entity_src_gen.pdbx_host_org_tissue_fraction      ? 
_entity_src_gen.pdbx_host_org_strain               BL21 
_entity_src_gen.pdbx_host_org_variant              ? 
_entity_src_gen.pdbx_host_org_cell_line            ? 
_entity_src_gen.pdbx_host_org_atcc                 ? 
_entity_src_gen.pdbx_host_org_culture_collection   ? 
_entity_src_gen.pdbx_host_org_cell                 ? 
_entity_src_gen.pdbx_host_org_organelle            ? 
_entity_src_gen.pdbx_host_org_cellular_location    ? 
_entity_src_gen.pdbx_host_org_vector_type          plasmid 
_entity_src_gen.pdbx_host_org_vector               ? 
_entity_src_gen.host_org_details                   ? 
_entity_src_gen.expression_system_id               ? 
_entity_src_gen.plasmid_name                       pGEX-6P-2 
_entity_src_gen.plasmid_details                    ? 
_entity_src_gen.pdbx_description                   ? 
# 
loop_
_chem_comp.id 
_chem_comp.type 
_chem_comp.mon_nstd_flag 
_chem_comp.name 
_chem_comp.pdbx_synonyms 
_chem_comp.formula 
_chem_comp.formula_weight 
ALA 'L-peptide linking' y ALANINE                     ? 'C3 H7 N O2'     89.093  
ARG 'L-peptide linking' y ARGININE                    ? 'C6 H15 N4 O2 1' 175.209 
ASN 'L-peptide linking' y ASPARAGINE                  ? 'C4 H8 N2 O3'    132.118 
ASP 'L-peptide linking' y 'ASPARTIC ACID'             ? 'C4 H7 N O4'     133.103 
BEF non-polymer         . 'BERYLLIUM TRIFLUORIDE ION' ? 'Be F3 -1'       66.007  
GLN 'L-peptide linking' y GLUTAMINE                   ? 'C5 H10 N2 O3'   146.144 
GLU 'L-peptide linking' y 'GLUTAMIC ACID'             ? 'C5 H9 N O4'     147.129 
GLY 'peptide linking'   y GLYCINE                     ? 'C2 H5 N O2'     75.067  
HIS 'L-peptide linking' y HISTIDINE                   ? 'C6 H10 N3 O2 1' 156.162 
HOH non-polymer         . WATER                       ? 'H2 O'           18.015  
ILE 'L-peptide linking' y ISOLEUCINE                  ? 'C6 H13 N O2'    131.173 
LEU 'L-peptide linking' y LEUCINE                     ? 'C6 H13 N O2'    131.173 
LYS 'L-peptide linking' y LYSINE                      ? 'C6 H15 N2 O2 1' 147.195 
MET 'L-peptide linking' y METHIONINE                  ? 'C5 H11 N O2 S'  149.211 
MG  non-polymer         . 'MAGNESIUM ION'             ? 'Mg 2'           24.305  
PHE 'L-peptide linking' y PHENYLALANINE               ? 'C9 H11 N O2'    165.189 
PRO 'L-peptide linking' y PROLINE                     ? 'C5 H9 N O2'     115.130 
SER 'L-peptide linking' y SERINE                      ? 'C3 H7 N O3'     105.093 
SO4 non-polymer         . 'SULFATE ION'               ? 'O4 S -2'        96.063  
THR 'L-peptide linking' y THREONINE                   ? 'C4 H9 N O3'     119.119 
TRP 'L-peptide linking' y TRYPTOPHAN                  ? 'C11 H12 N2 O2'  204.225 
TYR 'L-peptide linking' y TYROSINE                    ? 'C9 H11 N O3'    181.189 
VAL 'L-peptide linking' y VALINE                      ? 'C5 H11 N O2'    117.146 
# 
loop_
_pdbx_poly_seq_scheme.asym_id 
_pdbx_poly_seq_scheme.entity_id 
_pdbx_poly_seq_scheme.seq_id 
_pdbx_poly_seq_scheme.mon_id 
_pdbx_poly_seq_scheme.ndb_seq_num 
_pdbx_poly_seq_scheme.pdb_seq_num 
_pdbx_poly_seq_scheme.auth_seq_num 
_pdbx_poly_seq_scheme.pdb_mon_id 
_pdbx_poly_seq_scheme.auth_mon_id 
_pdbx_poly_seq_scheme.pdb_strand_id 
_pdbx_poly_seq_scheme.pdb_ins_code 
_pdbx_poly_seq_scheme.hetero 
A 1 1   GLY 1   -4  ?   ?   ?   A . n 
A 1 2   PRO 2   -3  ?   ?   ?   A . n 
A 1 3   LEU 3   -2  ?   ?   ?   A . n 
A 1 4   GLY 4   -1  ?   ?   ?   A . n 
A 1 5   SER 5   0   ?   ?   ?   A . n 
A 1 6   MET 6   1   1   MET MET A . n 
A 1 7   LYS 7   2   2   LYS LYS A . n 
A 1 8   LEU 8   3   3   LEU LEU A . n 
A 1 9   LEU 9   4   4   LEU LEU A . n 
A 1 10  VAL 10  5   5   VAL VAL A . n 
A 1 11  VAL 11  6   6   VAL VAL A . n 
A 1 12  ASP 12  7   7   ASP ASP A . n 
A 1 13  ASP 13  8   8   ASP ASP A . n 
A 1 14  SER 14  9   9   SER SER A . n 
A 1 15  SER 15  10  10  SER SER A . n 
A 1 16  THR 16  11  11  THR THR A . n 
A 1 17  MET 17  12  12  MET MET A . n 
A 1 18  ARG 18  13  13  ARG ARG A . n 
A 1 19  ARG 19  14  14  ARG ARG A . n 
A 1 20  ILE 20  15  15  ILE ILE A . n 
A 1 21  ILE 21  16  16  ILE ILE A . n 
A 1 22  LYS 22  17  17  LYS LYS A . n 
A 1 23  ASN 23  18  18  ASN ASN A . n 
A 1 24  THR 24  19  19  THR THR A . n 
A 1 25  LEU 25  20  20  LEU LEU A . n 
A 1 26  SER 26  21  21  SER SER A . n 
A 1 27  ARG 27  22  22  ARG ARG A . n 
A 1 28  LEU 28  23  23  LEU LEU A . n 
A 1 29  GLY 29  24  24  GLY GLY A . n 
A 1 30  TYR 30  25  25  TYR TYR A . n 
A 1 31  GLU 31  26  26  GLU GLU A . n 
A 1 32  ASP 32  27  27  ASP ASP A . n 
A 1 33  VAL 33  28  28  VAL VAL A . n 
A 1 34  LEU 34  29  29  LEU LEU A . n 
A 1 35  GLU 35  30  30  GLU GLU A . n 
A 1 36  ALA 36  31  31  ALA ALA A . n 
A 1 37  GLU 37  32  32  GLU GLU A . n 
A 1 38  HIS 38  33  33  HIS HIS A . n 
A 1 39  GLY 39  34  34  GLY GLY A . n 
A 1 40  VAL 40  35  35  VAL VAL A . n 
A 1 41  GLU 41  36  36  GLU GLU A . n 
A 1 42  ALA 42  37  37  ALA ALA A . n 
A 1 43  TRP 43  38  38  TRP TRP A . n 
A 1 44  GLU 44  39  39  GLU GLU A . n 
A 1 45  LYS 45  40  40  LYS LYS A . n 
A 1 46  LEU 46  41  41  LEU LEU A . n 
A 1 47  ASP 47  42  42  ASP ASP A . n 
A 1 48  ALA 48  43  43  ALA ALA A . n 
A 1 49  ASN 49  44  44  ASN ASN A . n 
A 1 50  ALA 50  45  45  ALA ALA A . n 
A 1 51  ASP 51  46  46  ASP ASP A . n 
A 1 52  THR 52  47  47  THR THR A . n 
A 1 53  LYS 53  48  48  LYS LYS A . n 
A 1 54  VAL 54  49  49  VAL VAL A . n 
A 1 55  LEU 55  50  50  LEU LEU A . n 
A 1 56  ILE 56  51  51  ILE ILE A . n 
A 1 57  THR 57  52  52  THR THR A . n 
A 1 58  ASP 58  53  53  ASP ASP A . n 
A 1 59  TRP 59  54  54  TRP TRP A . n 
A 1 60  ASN 60  55  55  ASN ASN A . n 
A 1 61  MET 61  56  56  MET MET A . n 
A 1 62  PRO 62  57  57  PRO PRO A . n 
A 1 63  GLU 63  58  58  GLU GLU A . n 
A 1 64  MET 64  59  59  MET MET A . n 
A 1 65  ASN 65  60  60  ASN ASN A . n 
A 1 66  GLY 66  61  61  GLY GLY A . n 
A 1 67  LEU 67  62  62  LEU LEU A . n 
A 1 68  ASP 68  63  63  ASP ASP A . n 
A 1 69  LEU 69  64  64  LEU LEU A . n 
A 1 70  VAL 70  65  65  VAL VAL A . n 
A 1 71  LYS 71  66  66  LYS LYS A . n 
A 1 72  LYS 72  67  67  LYS LYS A . n 
A 1 73  VAL 73  68  68  VAL VAL A . n 
A 1 74  ARG 74  69  69  ARG ARG A . n 
A 1 75  SER 75  70  70  SER SER A . n 
A 1 76  ASP 76  71  71  ASP ASP A . n 
A 1 77  SER 77  72  72  SER SER A . n 
A 1 78  ARG 78  73  73  ARG ARG A . n 
A 1 79  PHE 79  74  74  PHE PHE A . n 
A 1 80  LYS 80  75  75  LYS LYS A . n 
A 1 81  GLU 81  76  76  GLU GLU A . n 
A 1 82  ILE 82  77  77  ILE ILE A . n 
A 1 83  PRO 83  78  78  PRO PRO A . n 
A 1 84  ILE 84  79  79  ILE ILE A . n 
A 1 85  ILE 85  80  80  ILE ILE A . n 
A 1 86  MET 86  81  81  MET MET A . n 
A 1 87  ILE 87  82  82  ILE ILE A . n 
A 1 88  THR 88  83  83  THR THR A . n 
A 1 89  THR 89  84  84  THR THR A . n 
A 1 90  GLU 90  85  85  GLU GLU A . n 
A 1 91  GLY 91  86  86  GLY GLY A . n 
A 1 92  GLY 92  87  87  GLY GLY A . n 
A 1 93  LYS 93  88  88  LYS LYS A . n 
A 1 94  ALA 94  89  89  ALA ALA A . n 
A 1 95  GLU 95  90  90  GLU GLU A . n 
A 1 96  VAL 96  91  91  VAL VAL A . n 
A 1 97  ILE 97  92  92  ILE ILE A . n 
A 1 98  THR 98  93  93  THR THR A . n 
A 1 99  ALA 99  94  94  ALA ALA A . n 
A 1 100 LEU 100 95  95  LEU LEU A . n 
A 1 101 LYS 101 96  96  LYS LYS A . n 
A 1 102 ALA 102 97  97  ALA ALA A . n 
A 1 103 GLY 103 98  98  GLY GLY A . n 
A 1 104 VAL 104 99  99  VAL VAL A . n 
A 1 105 ASN 105 100 100 ASN ASN A . n 
A 1 106 ASN 106 101 101 ASN ASN A . n 
A 1 107 TYR 107 102 102 TYR TYR A . n 
A 1 108 ILE 108 103 103 ILE ILE A . n 
A 1 109 VAL 109 104 104 VAL VAL A . n 
A 1 110 LYS 110 105 105 LYS LYS A . n 
A 1 111 PRO 111 106 106 PRO PRO A . n 
A 1 112 PHE 112 107 107 PHE PHE A . n 
A 1 113 THR 113 108 108 THR THR A . n 
A 1 114 PRO 114 109 109 PRO PRO A . n 
A 1 115 GLN 115 110 110 GLN GLN A . n 
A 1 116 VAL 116 111 111 VAL VAL A . n 
A 1 117 LEU 117 112 112 LEU LEU A . n 
A 1 118 LYS 118 113 113 LYS LYS A . n 
A 1 119 GLU 119 114 114 GLU GLU A . n 
A 1 120 LYS 120 115 115 LYS LYS A . n 
A 1 121 LEU 121 116 116 LEU LEU A . n 
A 1 122 GLU 122 117 117 GLU GLU A . n 
A 1 123 VAL 123 118 118 VAL VAL A . n 
A 1 124 VAL 124 119 119 VAL VAL A . n 
A 1 125 LEU 125 120 120 LEU LEU A . n 
A 1 126 GLY 126 121 121 GLY GLY A . n 
A 1 127 THR 127 122 122 THR THR A . n 
A 1 128 ASN 128 123 123 ASN ASN A . n 
A 1 129 ASP 129 124 ?   ?   ?   A . n 
# 
loop_
_pdbx_nonpoly_scheme.asym_id 
_pdbx_nonpoly_scheme.entity_id 
_pdbx_nonpoly_scheme.mon_id 
_pdbx_nonpoly_scheme.ndb_seq_num 
_pdbx_nonpoly_scheme.pdb_seq_num 
_pdbx_nonpoly_scheme.auth_seq_num 
_pdbx_nonpoly_scheme.pdb_mon_id 
_pdbx_nonpoly_scheme.auth_mon_id 
_pdbx_nonpoly_scheme.pdb_strand_id 
_pdbx_nonpoly_scheme.pdb_ins_code 
B 2 MG  1  201 201 MG  MG  A . 
C 2 MG  1  202 202 MG  MG  A . 
D 3 BEF 1  301 301 BEF BEF A . 
E 4 SO4 1  501 501 SO4 SO4 A . 
F 5 HOH 1  125 1   HOH HOH A . 
F 5 HOH 2  126 2   HOH HOH A . 
F 5 HOH 3  127 3   HOH HOH A . 
F 5 HOH 4  128 4   HOH HOH A . 
F 5 HOH 5  129 5   HOH HOH A . 
F 5 HOH 6  130 6   HOH HOH A . 
F 5 HOH 7  131 7   HOH HOH A . 
F 5 HOH 8  132 8   HOH HOH A . 
F 5 HOH 9  133 9   HOH HOH A . 
F 5 HOH 10 134 10  HOH HOH A . 
F 5 HOH 11 135 12  HOH HOH A . 
F 5 HOH 12 136 13  HOH HOH A . 
F 5 HOH 13 137 14  HOH HOH A . 
F 5 HOH 14 138 15  HOH HOH A . 
F 5 HOH 15 139 16  HOH HOH A . 
F 5 HOH 16 140 17  HOH HOH A . 
F 5 HOH 17 141 18  HOH HOH A . 
F 5 HOH 18 142 19  HOH HOH A . 
F 5 HOH 19 143 20  HOH HOH A . 
F 5 HOH 20 144 21  HOH HOH A . 
F 5 HOH 21 145 22  HOH HOH A . 
F 5 HOH 22 146 23  HOH HOH A . 
F 5 HOH 23 147 24  HOH HOH A . 
F 5 HOH 24 148 25  HOH HOH A . 
F 5 HOH 25 149 26  HOH HOH A . 
F 5 HOH 26 150 27  HOH HOH A . 
F 5 HOH 27 151 28  HOH HOH A . 
F 5 HOH 28 152 30  HOH HOH A . 
F 5 HOH 29 153 32  HOH HOH A . 
F 5 HOH 30 154 33  HOH HOH A . 
F 5 HOH 31 155 34  HOH HOH A . 
F 5 HOH 32 156 35  HOH HOH A . 
F 5 HOH 33 157 36  HOH HOH A . 
F 5 HOH 34 158 37  HOH HOH A . 
F 5 HOH 35 159 38  HOH HOH A . 
F 5 HOH 36 160 39  HOH HOH A . 
F 5 HOH 37 161 40  HOH HOH A . 
F 5 HOH 38 162 41  HOH HOH A . 
F 5 HOH 39 163 42  HOH HOH A . 
F 5 HOH 40 164 43  HOH HOH A . 
F 5 HOH 41 165 44  HOH HOH A . 
F 5 HOH 42 166 45  HOH HOH A . 
F 5 HOH 43 167 46  HOH HOH A . 
F 5 HOH 44 168 47  HOH HOH A . 
F 5 HOH 45 169 48  HOH HOH A . 
F 5 HOH 46 170 49  HOH HOH A . 
F 5 HOH 47 171 50  HOH HOH A . 
F 5 HOH 48 172 51  HOH HOH A . 
F 5 HOH 49 173 53  HOH HOH A . 
F 5 HOH 50 174 54  HOH HOH A . 
F 5 HOH 51 175 55  HOH HOH A . 
F 5 HOH 52 176 60  HOH HOH A . 
F 5 HOH 53 177 65  HOH HOH A . 
F 5 HOH 54 178 67  HOH HOH A . 
F 5 HOH 55 179 81  HOH HOH A . 
F 5 HOH 56 180 82  HOH HOH A . 
F 5 HOH 57 181 83  HOH HOH A . 
F 5 HOH 58 182 85  HOH HOH A . 
# 
loop_
_software.name 
_software.classification 
_software.version 
_software.citation_id 
_software.pdbx_ordinal 
CrystalClear 'data collection' .        ? 1 
PHASER       phasing           .        ? 2 
REFMAC       refinement        5.4.0077 ? 3 
CrystalClear 'data reduction'  .        ? 4 
CrystalClear 'data scaling'    .        ? 5 
# 
_cell.entry_id           3H1E 
_cell.length_a           69.956 
_cell.length_b           38.098 
_cell.length_c           38.885 
_cell.angle_alpha        90.00 
_cell.angle_beta         106.95 
_cell.angle_gamma        90.00 
_cell.Z_PDB              4 
_cell.pdbx_unique_axis   ? 
_cell.length_a_esd       ? 
_cell.length_b_esd       ? 
_cell.length_c_esd       ? 
_cell.angle_alpha_esd    ? 
_cell.angle_beta_esd     ? 
_cell.angle_gamma_esd    ? 
# 
_symmetry.entry_id                         3H1E 
_symmetry.space_group_name_H-M             'C 1 2 1' 
_symmetry.pdbx_full_space_group_name_H-M   ? 
_symmetry.cell_setting                     ? 
_symmetry.Int_Tables_number                5 
_symmetry.space_group_name_Hall            ? 
# 
_exptl.entry_id          3H1E 
_exptl.method            'X-RAY DIFFRACTION' 
_exptl.crystals_number   1 
# 
_exptl_crystal.id                    1 
_exptl_crystal.density_meas          ? 
_exptl_crystal.density_Matthews      1.778725 
_exptl_crystal.density_percent_sol   30.849339 
_exptl_crystal.description           ? 
_exptl_crystal.F_000                 ? 
_exptl_crystal.preparation           ? 
# 
_exptl_crystal_grow.crystal_id      1 
_exptl_crystal_grow.method          'VAPOR DIFFUSION, HANGING DROP' 
_exptl_crystal_grow.temp            289 
_exptl_crystal_grow.temp_details    ? 
_exptl_crystal_grow.pH              5.0 
_exptl_crystal_grow.pdbx_details    
;0.1M Sodium acetate, 35% MPEG2000, 0.05M Ammonium sulfate, 1mM Magnesium chloride, 1:10 beryllium, 1:100 sodium fluoride, pH 5.0, VAPOR DIFFUSION, HANGING DROP, temperature 289K
;
_exptl_crystal_grow.pdbx_pH_range   . 
# 
_diffrn.id                     1 
_diffrn.ambient_temp           100 
_diffrn.ambient_temp_details   ? 
_diffrn.crystal_id             1 
# 
_diffrn_detector.diffrn_id              1 
_diffrn_detector.detector               'IMAGE PLATE' 
_diffrn_detector.type                   'RIGAKU RAXIS IV++' 
_diffrn_detector.pdbx_collection_date   2007-11-21 
_diffrn_detector.details                Mirrors 
# 
_diffrn_radiation.diffrn_id                        1 
_diffrn_radiation.wavelength_id                    1 
_diffrn_radiation.pdbx_monochromatic_or_laue_m_l   M 
_diffrn_radiation.monochromator                    varimax 
_diffrn_radiation.pdbx_diffrn_protocol             'SINGLE WAVELENGTH' 
_diffrn_radiation.pdbx_scattering_type             x-ray 
# 
_diffrn_radiation_wavelength.id           1 
_diffrn_radiation_wavelength.wavelength   1.54 
_diffrn_radiation_wavelength.wt           1.0 
# 
_diffrn_source.diffrn_id                   1 
_diffrn_source.source                      'ROTATING ANODE' 
_diffrn_source.type                        'RIGAKU MICROMAX-007' 
_diffrn_source.pdbx_synchrotron_site       ? 
_diffrn_source.pdbx_synchrotron_beamline   ? 
_diffrn_source.pdbx_wavelength             ? 
_diffrn_source.pdbx_wavelength_list        1.54 
# 
_reflns.entry_id                     3H1E 
_reflns.observed_criterion_sigma_I   1.0 
_reflns.observed_criterion_sigma_F   1.0 
_reflns.d_resolution_low             33.32 
_reflns.d_resolution_high            2.2 
_reflns.number_obs                   4888 
_reflns.number_all                   ? 
_reflns.percent_possible_obs         95.3 
_reflns.pdbx_Rmerge_I_obs            0.019 
_reflns.pdbx_Rsym_value              ? 
_reflns.pdbx_netI_over_sigmaI        55.1 
_reflns.B_iso_Wilson_estimate        ? 
_reflns.pdbx_redundancy              4.27 
_reflns.R_free_details               ? 
_reflns.limit_h_max                  ? 
_reflns.limit_h_min                  ? 
_reflns.limit_k_max                  ? 
_reflns.limit_k_min                  ? 
_reflns.limit_l_max                  ? 
_reflns.limit_l_min                  ? 
_reflns.observed_criterion_F_max     ? 
_reflns.observed_criterion_F_min     ? 
_reflns.pdbx_chi_squared             ? 
_reflns.pdbx_scaling_rejects         ? 
_reflns.pdbx_diffrn_id               1 
_reflns.pdbx_ordinal                 1 
# 
_reflns_shell.d_res_high             2.2 
_reflns_shell.d_res_low              2.28 
_reflns_shell.percent_possible_all   91.8 
_reflns_shell.Rmerge_I_obs           0.029 
_reflns_shell.pdbx_Rsym_value        ? 
_reflns_shell.meanI_over_sigI_obs    39.0 
_reflns_shell.pdbx_redundancy        4.36 
_reflns_shell.percent_possible_obs   ? 
_reflns_shell.number_unique_all      ? 
_reflns_shell.number_measured_all    ? 
_reflns_shell.number_measured_obs    ? 
_reflns_shell.number_unique_obs      ? 
_reflns_shell.pdbx_chi_squared       ? 
_reflns_shell.pdbx_diffrn_id         ? 
_reflns_shell.pdbx_ordinal           1 
# 
_refine.entry_id                                 3H1E 
_refine.ls_number_reflns_obs                     3613 
_refine.ls_number_reflns_all                     ? 
_refine.pdbx_ls_sigma_I                          ? 
_refine.pdbx_ls_sigma_F                          ? 
_refine.pdbx_data_cutoff_high_absF               ? 
_refine.pdbx_data_cutoff_low_absF                ? 
_refine.pdbx_data_cutoff_high_rms_absF           ? 
_refine.ls_d_res_low                             33.32 
_refine.ls_d_res_high                            2.40 
_refine.ls_percent_reflns_obs                    96.33 
_refine.ls_R_factor_obs                          0.15449 
_refine.ls_R_factor_all                          ? 
_refine.ls_R_factor_R_work                       0.15137 
_refine.ls_R_factor_R_free                       0.22013 
_refine.ls_R_factor_R_free_error                 ? 
_refine.ls_R_factor_R_free_error_details         ? 
_refine.ls_percent_reflns_R_free                 4.4 
_refine.ls_number_reflns_R_free                  167 
_refine.ls_number_parameters                     ? 
_refine.ls_number_restraints                     ? 
_refine.occupancy_min                            ? 
_refine.occupancy_max                            ? 
_refine.correlation_coeff_Fo_to_Fc               0.954 
_refine.correlation_coeff_Fo_to_Fc_free          0.919 
_refine.B_iso_mean                               6.273 
_refine.aniso_B[1][1]                            0.07 
_refine.aniso_B[2][2]                            0.14 
_refine.aniso_B[3][3]                            -0.19 
_refine.aniso_B[1][2]                            0.00 
_refine.aniso_B[1][3]                            0.05 
_refine.aniso_B[2][3]                            0.00 
_refine.solvent_model_details                    MASK 
_refine.solvent_model_param_ksol                 ? 
_refine.solvent_model_param_bsol                 ? 
_refine.pdbx_solvent_vdw_probe_radii             1.20 
_refine.pdbx_solvent_ion_probe_radii             0.80 
_refine.pdbx_solvent_shrinkage_radii             0.80 
_refine.pdbx_ls_cross_valid_method               THROUGHOUT 
_refine.details                                  'HYDROGENS HAVE BEEN ADDED IN THE RIDING POSITIONS' 
_refine.pdbx_starting_model                      3GWG 
_refine.pdbx_method_to_determine_struct          'MOLECULAR REPLACEMENT' 
_refine.pdbx_isotropic_thermal_model             ? 
_refine.pdbx_stereochemistry_target_values       'MAXIMUM LIKELIHOOD WITH PHASES' 
_refine.pdbx_stereochem_target_val_spec_case     ? 
_refine.pdbx_R_Free_selection_details            RANDOM 
_refine.pdbx_overall_ESU_R                       ? 
_refine.pdbx_overall_ESU_R_Free                  0.291 
_refine.overall_SU_ML                            0.189 
_refine.overall_SU_B                             8.156 
_refine.ls_redundancy_reflns_obs                 ? 
_refine.B_iso_min                                ? 
_refine.B_iso_max                                ? 
_refine.overall_SU_R_Cruickshank_DPI             ? 
_refine.overall_SU_R_free                        ? 
_refine.ls_wR_factor_R_free                      ? 
_refine.ls_wR_factor_R_work                      ? 
_refine.overall_FOM_free_R_set                   ? 
_refine.overall_FOM_work_R_set                   ? 
_refine.pdbx_refine_id                           'X-RAY DIFFRACTION' 
_refine.pdbx_overall_phase_error                 ? 
_refine.pdbx_diffrn_id                           1 
_refine.pdbx_TLS_residual_ADP_flag               ? 
_refine.pdbx_overall_SU_R_free_Cruickshank_DPI   ? 
_refine.pdbx_overall_SU_R_Blow_DPI               ? 
_refine.pdbx_overall_SU_R_free_Blow_DPI          ? 
# 
_refine_hist.pdbx_refine_id                   'X-RAY DIFFRACTION' 
_refine_hist.cycle_id                         LAST 
_refine_hist.pdbx_number_atoms_protein        966 
_refine_hist.pdbx_number_atoms_nucleic_acid   0 
_refine_hist.pdbx_number_atoms_ligand         11 
_refine_hist.number_atoms_solvent             58 
_refine_hist.number_atoms_total               1035 
_refine_hist.d_res_high                       2.40 
_refine_hist.d_res_low                        33.32 
# 
loop_
_refine_ls_restr.type 
_refine_ls_restr.dev_ideal 
_refine_ls_restr.dev_ideal_target 
_refine_ls_restr.weight 
_refine_ls_restr.number 
_refine_ls_restr.pdbx_refine_id 
_refine_ls_restr.pdbx_restraint_function 
r_bond_refined_d       0.013  0.022  ? 985  'X-RAY DIFFRACTION' ? 
r_bond_other_d         0.002  0.020  ? 665  'X-RAY DIFFRACTION' ? 
r_angle_refined_deg    1.395  1.993  ? 1330 'X-RAY DIFFRACTION' ? 
r_angle_other_deg      2.430  3.000  ? 1645 'X-RAY DIFFRACTION' ? 
r_dihedral_angle_1_deg 5.237  5.000  ? 122  'X-RAY DIFFRACTION' ? 
r_dihedral_angle_2_deg 39.000 25.641 ? 39   'X-RAY DIFFRACTION' ? 
r_dihedral_angle_3_deg 14.085 15.000 ? 195  'X-RAY DIFFRACTION' ? 
r_dihedral_angle_4_deg 20.323 15.000 ? 5    'X-RAY DIFFRACTION' ? 
r_chiral_restr         0.067  0.200  ? 160  'X-RAY DIFFRACTION' ? 
r_gen_planes_refined   0.005  0.020  ? 1047 'X-RAY DIFFRACTION' ? 
r_gen_planes_other     0.002  0.020  ? 168  'X-RAY DIFFRACTION' ? 
r_mcbond_it            0.481  1.500  ? 611  'X-RAY DIFFRACTION' ? 
r_mcbond_other         0.098  1.500  ? 248  'X-RAY DIFFRACTION' ? 
r_mcangle_it           0.926  2.000  ? 996  'X-RAY DIFFRACTION' ? 
r_scbond_it            1.543  3.000  ? 374  'X-RAY DIFFRACTION' ? 
r_scangle_it           2.524  4.500  ? 334  'X-RAY DIFFRACTION' ? 
# 
_refine_ls_shell.pdbx_total_number_of_bins_used   20 
_refine_ls_shell.d_res_high                       2.400 
_refine_ls_shell.d_res_low                        2.462 
_refine_ls_shell.number_reflns_R_work             223 
_refine_ls_shell.R_factor_R_work                  0.177 
_refine_ls_shell.percent_reflns_obs               84.19 
_refine_ls_shell.R_factor_R_free                  0.300 
_refine_ls_shell.R_factor_R_free_error            ? 
_refine_ls_shell.percent_reflns_R_free            ? 
_refine_ls_shell.number_reflns_R_free             6 
_refine_ls_shell.number_reflns_all                ? 
_refine_ls_shell.R_factor_all                     ? 
_refine_ls_shell.number_reflns_obs                ? 
_refine_ls_shell.redundancy_reflns_obs            ? 
_refine_ls_shell.pdbx_refine_id                   'X-RAY DIFFRACTION' 
# 
_struct.entry_id                  3H1E 
_struct.title                     'Crystal structure of Mg(2+) and BeH(3)(-)-bound CheY of Helicobacter pylori' 
_struct.pdbx_model_details        ? 
_struct.pdbx_CASP_flag            ? 
_struct.pdbx_model_type_details   ? 
# 
_struct_keywords.entry_id        3H1E 
_struct_keywords.pdbx_keywords   'SIGNALING PROTEIN' 
_struct_keywords.text            
;chemotaxis, BeF3-bound CheY, Cytoplasm, Flagellar rotation, Magnesium, Metal-binding, Phosphoprotein, Two-component regulatory system, SIGNALING PROTEIN
;
# 
loop_
_struct_asym.id 
_struct_asym.pdbx_blank_PDB_chainid_flag 
_struct_asym.pdbx_modified 
_struct_asym.entity_id 
_struct_asym.details 
A N N 1 ? 
B N N 2 ? 
C N N 2 ? 
D N N 3 ? 
E N N 4 ? 
F N N 5 ? 
# 
_struct_ref.id                         1 
_struct_ref.db_name                    UNP 
_struct_ref.db_code                    CHEY_HELPY 
_struct_ref.pdbx_db_accession          P71403 
_struct_ref.entity_id                  1 
_struct_ref.pdbx_seq_one_letter_code   
;MKLLVVDDSSTMRRIIKNTLSRLGYEDVLEAEHGVEAWEKLDANADTKVLITDWNMPEMNGLDLVKKVRSDSRFKEIPII
MITTEGGKAEVITALKAGVNNYIVKPFTPQVLKEKLEVVLGTND
;
_struct_ref.pdbx_align_begin           1 
_struct_ref.pdbx_db_isoform            ? 
# 
_struct_ref_seq.align_id                      1 
_struct_ref_seq.ref_id                        1 
_struct_ref_seq.pdbx_PDB_id_code              3H1E 
_struct_ref_seq.pdbx_strand_id                A 
_struct_ref_seq.seq_align_beg                 6 
_struct_ref_seq.pdbx_seq_align_beg_ins_code   ? 
_struct_ref_seq.seq_align_end                 129 
_struct_ref_seq.pdbx_seq_align_end_ins_code   ? 
_struct_ref_seq.pdbx_db_accession             P71403 
_struct_ref_seq.db_align_beg                  1 
_struct_ref_seq.pdbx_db_align_beg_ins_code    ? 
_struct_ref_seq.db_align_end                  124 
_struct_ref_seq.pdbx_db_align_end_ins_code    ? 
_struct_ref_seq.pdbx_auth_seq_align_beg       1 
_struct_ref_seq.pdbx_auth_seq_align_end       124 
# 
loop_
_struct_ref_seq_dif.align_id 
_struct_ref_seq_dif.pdbx_pdb_id_code 
_struct_ref_seq_dif.mon_id 
_struct_ref_seq_dif.pdbx_pdb_strand_id 
_struct_ref_seq_dif.seq_num 
_struct_ref_seq_dif.pdbx_pdb_ins_code 
_struct_ref_seq_dif.pdbx_seq_db_name 
_struct_ref_seq_dif.pdbx_seq_db_accession_code 
_struct_ref_seq_dif.db_mon_id 
_struct_ref_seq_dif.pdbx_seq_db_seq_num 
_struct_ref_seq_dif.details 
_struct_ref_seq_dif.pdbx_auth_seq_num 
_struct_ref_seq_dif.pdbx_ordinal 
1 3H1E GLY A 1 ? UNP P71403 ? ? 'expression tag' -4 1 
1 3H1E PRO A 2 ? UNP P71403 ? ? 'expression tag' -3 2 
1 3H1E LEU A 3 ? UNP P71403 ? ? 'expression tag' -2 3 
1 3H1E GLY A 4 ? UNP P71403 ? ? 'expression tag' -1 4 
1 3H1E SER A 5 ? UNP P71403 ? ? 'expression tag' 0  5 
# 
_pdbx_struct_assembly.id                   1 
_pdbx_struct_assembly.details              author_and_software_defined_assembly 
_pdbx_struct_assembly.method_details       PISA 
_pdbx_struct_assembly.oligomeric_details   monomeric 
_pdbx_struct_assembly.oligomeric_count     1 
# 
_pdbx_struct_assembly_gen.assembly_id       1 
_pdbx_struct_assembly_gen.oper_expression   1 
_pdbx_struct_assembly_gen.asym_id_list      A,B,C,D,E,F 
# 
_pdbx_struct_oper_list.id                   1 
_pdbx_struct_oper_list.type                 'identity operation' 
_pdbx_struct_oper_list.name                 1_555 
_pdbx_struct_oper_list.symmetry_operation   x,y,z 
_pdbx_struct_oper_list.matrix[1][1]         1.0000000000 
_pdbx_struct_oper_list.matrix[1][2]         0.0000000000 
_pdbx_struct_oper_list.matrix[1][3]         0.0000000000 
_pdbx_struct_oper_list.vector[1]            0.0000000000 
_pdbx_struct_oper_list.matrix[2][1]         0.0000000000 
_pdbx_struct_oper_list.matrix[2][2]         1.0000000000 
_pdbx_struct_oper_list.matrix[2][3]         0.0000000000 
_pdbx_struct_oper_list.vector[2]            0.0000000000 
_pdbx_struct_oper_list.matrix[3][1]         0.0000000000 
_pdbx_struct_oper_list.matrix[3][2]         0.0000000000 
_pdbx_struct_oper_list.matrix[3][3]         1.0000000000 
_pdbx_struct_oper_list.vector[3]            0.0000000000 
# 
_struct_biol.id        1 
_struct_biol.details   ? 
# 
loop_
_struct_conf.conf_type_id 
_struct_conf.id 
_struct_conf.pdbx_PDB_helix_id 
_struct_conf.beg_label_comp_id 
_struct_conf.beg_label_asym_id 
_struct_conf.beg_label_seq_id 
_struct_conf.pdbx_beg_PDB_ins_code 
_struct_conf.end_label_comp_id 
_struct_conf.end_label_asym_id 
_struct_conf.end_label_seq_id 
_struct_conf.pdbx_end_PDB_ins_code 
_struct_conf.beg_auth_comp_id 
_struct_conf.beg_auth_asym_id 
_struct_conf.beg_auth_seq_id 
_struct_conf.end_auth_comp_id 
_struct_conf.end_auth_asym_id 
_struct_conf.end_auth_seq_id 
_struct_conf.pdbx_PDB_helix_class 
_struct_conf.details 
_struct_conf.pdbx_PDB_helix_length 
HELX_P HELX_P1 1 SER A 14  ? LEU A 28  ? SER A 9   LEU A 23  1 ? 15 
HELX_P HELX_P2 2 HIS A 38  ? ASN A 49  ? HIS A 33  ASN A 44  1 ? 12 
HELX_P HELX_P3 3 ASN A 65  ? ASP A 76  ? ASN A 60  ASP A 71  1 ? 12 
HELX_P HELX_P4 4 GLY A 92  ? GLY A 103 ? GLY A 87  GLY A 98  1 ? 12 
HELX_P HELX_P5 5 THR A 113 ? GLY A 126 ? THR A 108 GLY A 121 1 ? 14 
# 
_struct_conf_type.id          HELX_P 
_struct_conf_type.criteria    ? 
_struct_conf_type.reference   ? 
# 
_struct_conn.id                            metalc1 
_struct_conn.conn_type_id                  metalc 
_struct_conn.pdbx_leaving_atom_flag        ? 
_struct_conn.pdbx_PDB_id                   ? 
_struct_conn.ptnr1_label_asym_id           A 
_struct_conn.ptnr1_label_comp_id           ASP 
_struct_conn.ptnr1_label_seq_id            58 
_struct_conn.ptnr1_label_atom_id           OD1 
_struct_conn.pdbx_ptnr1_label_alt_id       ? 
_struct_conn.pdbx_ptnr1_PDB_ins_code       ? 
_struct_conn.pdbx_ptnr1_standard_comp_id   ? 
_struct_conn.ptnr1_symmetry                1_555 
_struct_conn.ptnr2_label_asym_id           D 
_struct_conn.ptnr2_label_comp_id           BEF 
_struct_conn.ptnr2_label_seq_id            . 
_struct_conn.ptnr2_label_atom_id           BE 
_struct_conn.pdbx_ptnr2_label_alt_id       ? 
_struct_conn.pdbx_ptnr2_PDB_ins_code       ? 
_struct_conn.ptnr1_auth_asym_id            A 
_struct_conn.ptnr1_auth_comp_id            ASP 
_struct_conn.ptnr1_auth_seq_id             53 
_struct_conn.ptnr2_auth_asym_id            A 
_struct_conn.ptnr2_auth_comp_id            BEF 
_struct_conn.ptnr2_auth_seq_id             301 
_struct_conn.ptnr2_symmetry                1_555 
_struct_conn.pdbx_ptnr3_label_atom_id      ? 
_struct_conn.pdbx_ptnr3_label_seq_id       ? 
_struct_conn.pdbx_ptnr3_label_comp_id      ? 
_struct_conn.pdbx_ptnr3_label_asym_id      ? 
_struct_conn.pdbx_ptnr3_label_alt_id       ? 
_struct_conn.pdbx_ptnr3_PDB_ins_code       ? 
_struct_conn.details                       ? 
_struct_conn.pdbx_dist_value               1.835 
_struct_conn.pdbx_value_order              ? 
_struct_conn.pdbx_role                     ? 
# 
_struct_conn_type.id          metalc 
_struct_conn_type.criteria    ? 
_struct_conn_type.reference   ? 
# 
loop_
_pdbx_struct_conn_angle.id 
_pdbx_struct_conn_angle.ptnr1_label_atom_id 
_pdbx_struct_conn_angle.ptnr1_label_alt_id 
_pdbx_struct_conn_angle.ptnr1_label_asym_id 
_pdbx_struct_conn_angle.ptnr1_label_comp_id 
_pdbx_struct_conn_angle.ptnr1_label_seq_id 
_pdbx_struct_conn_angle.ptnr1_auth_atom_id 
_pdbx_struct_conn_angle.ptnr1_auth_asym_id 
_pdbx_struct_conn_angle.ptnr1_auth_comp_id 
_pdbx_struct_conn_angle.ptnr1_auth_seq_id 
_pdbx_struct_conn_angle.ptnr1_PDB_ins_code 
_pdbx_struct_conn_angle.ptnr1_symmetry 
_pdbx_struct_conn_angle.ptnr2_label_atom_id 
_pdbx_struct_conn_angle.ptnr2_label_alt_id 
_pdbx_struct_conn_angle.ptnr2_label_asym_id 
_pdbx_struct_conn_angle.ptnr2_label_comp_id 
_pdbx_struct_conn_angle.ptnr2_label_seq_id 
_pdbx_struct_conn_angle.ptnr2_auth_atom_id 
_pdbx_struct_conn_angle.ptnr2_auth_asym_id 
_pdbx_struct_conn_angle.ptnr2_auth_comp_id 
_pdbx_struct_conn_angle.ptnr2_auth_seq_id 
_pdbx_struct_conn_angle.ptnr2_PDB_ins_code 
_pdbx_struct_conn_angle.ptnr2_symmetry 
_pdbx_struct_conn_angle.ptnr3_label_atom_id 
_pdbx_struct_conn_angle.ptnr3_label_alt_id 
_pdbx_struct_conn_angle.ptnr3_label_asym_id 
_pdbx_struct_conn_angle.ptnr3_label_comp_id 
_pdbx_struct_conn_angle.ptnr3_label_seq_id 
_pdbx_struct_conn_angle.ptnr3_auth_atom_id 
_pdbx_struct_conn_angle.ptnr3_auth_asym_id 
_pdbx_struct_conn_angle.ptnr3_auth_comp_id 
_pdbx_struct_conn_angle.ptnr3_auth_seq_id 
_pdbx_struct_conn_angle.ptnr3_PDB_ins_code 
_pdbx_struct_conn_angle.ptnr3_symmetry 
_pdbx_struct_conn_angle.value 
_pdbx_struct_conn_angle.value_esd 
1 OD1 ? A ASP 58 ? A ASP 53  ? 1_555 BE ? D BEF . ? A BEF 301 ? 1_555 F1 ? D BEF . ? A BEF 301 ? 1_555 92.7  ? 
2 OD1 ? A ASP 58 ? A ASP 53  ? 1_555 BE ? D BEF . ? A BEF 301 ? 1_555 F2 ? D BEF . ? A BEF 301 ? 1_555 105.0 ? 
3 F1  ? D BEF .  ? A BEF 301 ? 1_555 BE ? D BEF . ? A BEF 301 ? 1_555 F2 ? D BEF . ? A BEF 301 ? 1_555 117.5 ? 
4 OD1 ? A ASP 58 ? A ASP 53  ? 1_555 BE ? D BEF . ? A BEF 301 ? 1_555 F3 ? D BEF . ? A BEF 301 ? 1_555 103.0 ? 
5 F1  ? D BEF .  ? A BEF 301 ? 1_555 BE ? D BEF . ? A BEF 301 ? 1_555 F3 ? D BEF . ? A BEF 301 ? 1_555 114.2 ? 
6 F2  ? D BEF .  ? A BEF 301 ? 1_555 BE ? D BEF . ? A BEF 301 ? 1_555 F3 ? D BEF . ? A BEF 301 ? 1_555 118.8 ? 
# 
_struct_mon_prot_cis.pdbx_id                1 
_struct_mon_prot_cis.label_comp_id          LYS 
_struct_mon_prot_cis.label_seq_id           110 
_struct_mon_prot_cis.label_asym_id          A 
_struct_mon_prot_cis.label_alt_id           . 
_struct_mon_prot_cis.pdbx_PDB_ins_code      ? 
_struct_mon_prot_cis.auth_comp_id           LYS 
_struct_mon_prot_cis.auth_seq_id            105 
_struct_mon_prot_cis.auth_asym_id           A 
_struct_mon_prot_cis.pdbx_label_comp_id_2   PRO 
_struct_mon_prot_cis.pdbx_label_seq_id_2    111 
_struct_mon_prot_cis.pdbx_label_asym_id_2   A 
_struct_mon_prot_cis.pdbx_PDB_ins_code_2    ? 
_struct_mon_prot_cis.pdbx_auth_comp_id_2    PRO 
_struct_mon_prot_cis.pdbx_auth_seq_id_2     106 
_struct_mon_prot_cis.pdbx_auth_asym_id_2    A 
_struct_mon_prot_cis.pdbx_PDB_model_num     1 
_struct_mon_prot_cis.pdbx_omega_angle       1.90 
# 
_struct_sheet.id               A 
_struct_sheet.type             ? 
_struct_sheet.number_strands   5 
_struct_sheet.details          ? 
# 
loop_
_struct_sheet_order.sheet_id 
_struct_sheet_order.range_id_1 
_struct_sheet_order.range_id_2 
_struct_sheet_order.offset 
_struct_sheet_order.sense 
A 1 2 ? parallel 
A 2 3 ? parallel 
A 3 4 ? parallel 
A 4 5 ? parallel 
# 
loop_
_struct_sheet_range.sheet_id 
_struct_sheet_range.id 
_struct_sheet_range.beg_label_comp_id 
_struct_sheet_range.beg_label_asym_id 
_struct_sheet_range.beg_label_seq_id 
_struct_sheet_range.pdbx_beg_PDB_ins_code 
_struct_sheet_range.end_label_comp_id 
_struct_sheet_range.end_label_asym_id 
_struct_sheet_range.end_label_seq_id 
_struct_sheet_range.pdbx_end_PDB_ins_code 
_struct_sheet_range.beg_auth_comp_id 
_struct_sheet_range.beg_auth_asym_id 
_struct_sheet_range.beg_auth_seq_id 
_struct_sheet_range.end_auth_comp_id 
_struct_sheet_range.end_auth_asym_id 
_struct_sheet_range.end_auth_seq_id 
A 1 VAL A 33  ? ALA A 36  ? VAL A 28  ALA A 31  
A 2 LEU A 8   ? VAL A 11  ? LEU A 3   VAL A 6   
A 3 VAL A 54  ? THR A 57  ? VAL A 49  THR A 52  
A 4 ILE A 84  ? THR A 88  ? ILE A 79  THR A 83  
A 5 ASN A 106 ? VAL A 109 ? ASN A 101 VAL A 104 
# 
loop_
_pdbx_struct_sheet_hbond.sheet_id 
_pdbx_struct_sheet_hbond.range_id_1 
_pdbx_struct_sheet_hbond.range_id_2 
_pdbx_struct_sheet_hbond.range_1_label_atom_id 
_pdbx_struct_sheet_hbond.range_1_label_comp_id 
_pdbx_struct_sheet_hbond.range_1_label_asym_id 
_pdbx_struct_sheet_hbond.range_1_label_seq_id 
_pdbx_struct_sheet_hbond.range_1_PDB_ins_code 
_pdbx_struct_sheet_hbond.range_1_auth_atom_id 
_pdbx_struct_sheet_hbond.range_1_auth_comp_id 
_pdbx_struct_sheet_hbond.range_1_auth_asym_id 
_pdbx_struct_sheet_hbond.range_1_auth_seq_id 
_pdbx_struct_sheet_hbond.range_2_label_atom_id 
_pdbx_struct_sheet_hbond.range_2_label_comp_id 
_pdbx_struct_sheet_hbond.range_2_label_asym_id 
_pdbx_struct_sheet_hbond.range_2_label_seq_id 
_pdbx_struct_sheet_hbond.range_2_PDB_ins_code 
_pdbx_struct_sheet_hbond.range_2_auth_atom_id 
_pdbx_struct_sheet_hbond.range_2_auth_comp_id 
_pdbx_struct_sheet_hbond.range_2_auth_asym_id 
_pdbx_struct_sheet_hbond.range_2_auth_seq_id 
A 1 2 O LEU A 34 ? O LEU A 29 N VAL A 10  ? N VAL A 5   
A 2 3 N VAL A 11 ? N VAL A 6  O ILE A 56  ? O ILE A 51  
A 3 4 N LEU A 55 ? N LEU A 50 O ILE A 85  ? O ILE A 80  
A 4 5 N MET A 86 ? N MET A 81 O ILE A 108 ? O ILE A 103 
# 
loop_
_struct_site.id 
_struct_site.pdbx_evidence_code 
_struct_site.pdbx_auth_asym_id 
_struct_site.pdbx_auth_comp_id 
_struct_site.pdbx_auth_seq_id 
_struct_site.pdbx_auth_ins_code 
_struct_site.pdbx_num_residues 
_struct_site.details 
AC1 Software A MG  201 ? 4 'BINDING SITE FOR RESIDUE MG A 201'  
AC2 Software A MG  202 ? 6 'BINDING SITE FOR RESIDUE MG A 202'  
AC3 Software A BEF 301 ? 9 'BINDING SITE FOR RESIDUE BEF A 301' 
AC4 Software A SO4 501 ? 7 'BINDING SITE FOR RESIDUE SO4 A 501' 
# 
loop_
_struct_site_gen.id 
_struct_site_gen.site_id 
_struct_site_gen.pdbx_num_res 
_struct_site_gen.label_comp_id 
_struct_site_gen.label_asym_id 
_struct_site_gen.label_seq_id 
_struct_site_gen.pdbx_auth_ins_code 
_struct_site_gen.auth_comp_id 
_struct_site_gen.auth_asym_id 
_struct_site_gen.auth_seq_id 
_struct_site_gen.label_atom_id 
_struct_site_gen.label_alt_id 
_struct_site_gen.symmetry 
_struct_site_gen.details 
1  AC1 4 MET A 17  ? MET A 12  . ? 1_555 ? 
2  AC1 4 GLU A 35  ? GLU A 30  . ? 4_454 ? 
3  AC1 4 LYS A 110 ? LYS A 105 . ? 1_555 ? 
4  AC1 4 HOH F .   ? HOH A 171 . ? 1_555 ? 
5  AC2 6 ASP A 13  ? ASP A 8   . ? 1_555 ? 
6  AC2 6 ASP A 58  ? ASP A 53  . ? 1_555 ? 
7  AC2 6 ASN A 60  ? ASN A 55  . ? 1_555 ? 
8  AC2 6 HOH F .   ? HOH A 156 . ? 1_555 ? 
9  AC2 6 HOH F .   ? HOH A 168 . ? 1_555 ? 
10 AC2 6 BEF D .   ? BEF A 301 . ? 1_555 ? 
11 AC3 9 LYS A 22  ? LYS A 17  . ? 4_454 ? 
12 AC3 9 ASP A 58  ? ASP A 53  . ? 1_555 ? 
13 AC3 9 TRP A 59  ? TRP A 54  . ? 1_555 ? 
14 AC3 9 ASN A 60  ? ASN A 55  . ? 1_555 ? 
15 AC3 9 THR A 88  ? THR A 83  . ? 1_555 ? 
16 AC3 9 THR A 89  ? THR A 84  . ? 1_555 ? 
17 AC3 9 LYS A 110 ? LYS A 105 . ? 1_555 ? 
18 AC3 9 HOH F .   ? HOH A 168 . ? 1_555 ? 
19 AC3 9 MG  C .   ? MG  A 202 . ? 1_555 ? 
20 AC4 7 LYS A 7   ? LYS A 2   . ? 4_455 ? 
21 AC4 7 ASP A 51  ? ASP A 46  . ? 4_455 ? 
22 AC4 7 LYS A 53  ? LYS A 48  . ? 4_455 ? 
23 AC4 7 GLY A 92  ? GLY A 87  . ? 4_445 ? 
24 AC4 7 LYS A 93  ? LYS A 88  . ? 4_445 ? 
25 AC4 7 ASN A 105 ? ASN A 100 . ? 1_555 ? 
26 AC4 7 HOH F .   ? HOH A 164 . ? 1_555 ? 
# 
_pdbx_entry_details.entry_id                   3H1E 
_pdbx_entry_details.compound_details           ? 
_pdbx_entry_details.source_details             ? 
_pdbx_entry_details.nonpolymer_details         ? 
_pdbx_entry_details.sequence_details           ? 
_pdbx_entry_details.has_ligand_of_interest     ? 
_pdbx_entry_details.has_protein_modification   N 
# 
loop_
_pdbx_validate_torsion.id 
_pdbx_validate_torsion.PDB_model_num 
_pdbx_validate_torsion.auth_comp_id 
_pdbx_validate_torsion.auth_asym_id 
_pdbx_validate_torsion.auth_seq_id 
_pdbx_validate_torsion.PDB_ins_code 
_pdbx_validate_torsion.label_alt_id 
_pdbx_validate_torsion.phi 
_pdbx_validate_torsion.psi 
1 1 ASP A 7  ? ? -174.20 132.12 
2 1 TRP A 54 ? ? -102.46 -64.79 
3 1 MET A 59 ? ? 80.78   109.60 
# 
_pdbx_struct_special_symmetry.id              1 
_pdbx_struct_special_symmetry.PDB_model_num   1 
_pdbx_struct_special_symmetry.auth_asym_id    A 
_pdbx_struct_special_symmetry.auth_comp_id    HOH 
_pdbx_struct_special_symmetry.auth_seq_id     177 
_pdbx_struct_special_symmetry.PDB_ins_code    ? 
_pdbx_struct_special_symmetry.label_asym_id   F 
_pdbx_struct_special_symmetry.label_comp_id   HOH 
_pdbx_struct_special_symmetry.label_seq_id    . 
# 
loop_
_pdbx_unobs_or_zero_occ_residues.id 
_pdbx_unobs_or_zero_occ_residues.PDB_model_num 
_pdbx_unobs_or_zero_occ_residues.polymer_flag 
_pdbx_unobs_or_zero_occ_residues.occupancy_flag 
_pdbx_unobs_or_zero_occ_residues.auth_asym_id 
_pdbx_unobs_or_zero_occ_residues.auth_comp_id 
_pdbx_unobs_or_zero_occ_residues.auth_seq_id 
_pdbx_unobs_or_zero_occ_residues.PDB_ins_code 
_pdbx_unobs_or_zero_occ_residues.label_asym_id 
_pdbx_unobs_or_zero_occ_residues.label_comp_id 
_pdbx_unobs_or_zero_occ_residues.label_seq_id 
1 1 Y 1 A GLY -4  ? A GLY 1   
2 1 Y 1 A PRO -3  ? A PRO 2   
3 1 Y 1 A LEU -2  ? A LEU 3   
4 1 Y 1 A GLY -1  ? A GLY 4   
5 1 Y 1 A SER 0   ? A SER 5   
6 1 Y 1 A ASP 124 ? A ASP 129 
# 
loop_
_chem_comp_atom.comp_id 
_chem_comp_atom.atom_id 
_chem_comp_atom.type_symbol 
_chem_comp_atom.pdbx_aromatic_flag 
_chem_comp_atom.pdbx_stereo_config 
_chem_comp_atom.pdbx_ordinal 
ALA N    N  N N 1   
ALA CA   C  N S 2   
ALA C    C  N N 3   
ALA O    O  N N 4   
ALA CB   C  N N 5   
ALA OXT  O  N N 6   
ALA H    H  N N 7   
ALA H2   H  N N 8   
ALA HA   H  N N 9   
ALA HB1  H  N N 10  
ALA HB2  H  N N 11  
ALA HB3  H  N N 12  
ALA HXT  H  N N 13  
ARG N    N  N N 14  
ARG CA   C  N S 15  
ARG C    C  N N 16  
ARG O    O  N N 17  
ARG CB   C  N N 18  
ARG CG   C  N N 19  
ARG CD   C  N N 20  
ARG NE   N  N N 21  
ARG CZ   C  N N 22  
ARG NH1  N  N N 23  
ARG NH2  N  N N 24  
ARG OXT  O  N N 25  
ARG H    H  N N 26  
ARG H2   H  N N 27  
ARG HA   H  N N 28  
ARG HB2  H  N N 29  
ARG HB3  H  N N 30  
ARG HG2  H  N N 31  
ARG HG3  H  N N 32  
ARG HD2  H  N N 33  
ARG HD3  H  N N 34  
ARG HE   H  N N 35  
ARG HH11 H  N N 36  
ARG HH12 H  N N 37  
ARG HH21 H  N N 38  
ARG HH22 H  N N 39  
ARG HXT  H  N N 40  
ASN N    N  N N 41  
ASN CA   C  N S 42  
ASN C    C  N N 43  
ASN O    O  N N 44  
ASN CB   C  N N 45  
ASN CG   C  N N 46  
ASN OD1  O  N N 47  
ASN ND2  N  N N 48  
ASN OXT  O  N N 49  
ASN H    H  N N 50  
ASN H2   H  N N 51  
ASN HA   H  N N 52  
ASN HB2  H  N N 53  
ASN HB3  H  N N 54  
ASN HD21 H  N N 55  
ASN HD22 H  N N 56  
ASN HXT  H  N N 57  
ASP N    N  N N 58  
ASP CA   C  N S 59  
ASP C    C  N N 60  
ASP O    O  N N 61  
ASP CB   C  N N 62  
ASP CG   C  N N 63  
ASP OD1  O  N N 64  
ASP OD2  O  N N 65  
ASP OXT  O  N N 66  
ASP H    H  N N 67  
ASP H2   H  N N 68  
ASP HA   H  N N 69  
ASP HB2  H  N N 70  
ASP HB3  H  N N 71  
ASP HD2  H  N N 72  
ASP HXT  H  N N 73  
BEF BE   BE N N 74  
BEF F1   F  N N 75  
BEF F2   F  N N 76  
BEF F3   F  N N 77  
GLN N    N  N N 78  
GLN CA   C  N S 79  
GLN C    C  N N 80  
GLN O    O  N N 81  
GLN CB   C  N N 82  
GLN CG   C  N N 83  
GLN CD   C  N N 84  
GLN OE1  O  N N 85  
GLN NE2  N  N N 86  
GLN OXT  O  N N 87  
GLN H    H  N N 88  
GLN H2   H  N N 89  
GLN HA   H  N N 90  
GLN HB2  H  N N 91  
GLN HB3  H  N N 92  
GLN HG2  H  N N 93  
GLN HG3  H  N N 94  
GLN HE21 H  N N 95  
GLN HE22 H  N N 96  
GLN HXT  H  N N 97  
GLU N    N  N N 98  
GLU CA   C  N S 99  
GLU C    C  N N 100 
GLU O    O  N N 101 
GLU CB   C  N N 102 
GLU CG   C  N N 103 
GLU CD   C  N N 104 
GLU OE1  O  N N 105 
GLU OE2  O  N N 106 
GLU OXT  O  N N 107 
GLU H    H  N N 108 
GLU H2   H  N N 109 
GLU HA   H  N N 110 
GLU HB2  H  N N 111 
GLU HB3  H  N N 112 
GLU HG2  H  N N 113 
GLU HG3  H  N N 114 
GLU HE2  H  N N 115 
GLU HXT  H  N N 116 
GLY N    N  N N 117 
GLY CA   C  N N 118 
GLY C    C  N N 119 
GLY O    O  N N 120 
GLY OXT  O  N N 121 
GLY H    H  N N 122 
GLY H2   H  N N 123 
GLY HA2  H  N N 124 
GLY HA3  H  N N 125 
GLY HXT  H  N N 126 
HIS N    N  N N 127 
HIS CA   C  N S 128 
HIS C    C  N N 129 
HIS O    O  N N 130 
HIS CB   C  N N 131 
HIS CG   C  Y N 132 
HIS ND1  N  Y N 133 
HIS CD2  C  Y N 134 
HIS CE1  C  Y N 135 
HIS NE2  N  Y N 136 
HIS OXT  O  N N 137 
HIS H    H  N N 138 
HIS H2   H  N N 139 
HIS HA   H  N N 140 
HIS HB2  H  N N 141 
HIS HB3  H  N N 142 
HIS HD1  H  N N 143 
HIS HD2  H  N N 144 
HIS HE1  H  N N 145 
HIS HE2  H  N N 146 
HIS HXT  H  N N 147 
HOH O    O  N N 148 
HOH H1   H  N N 149 
HOH H2   H  N N 150 
ILE N    N  N N 151 
ILE CA   C  N S 152 
ILE C    C  N N 153 
ILE O    O  N N 154 
ILE CB   C  N S 155 
ILE CG1  C  N N 156 
ILE CG2  C  N N 157 
ILE CD1  C  N N 158 
ILE OXT  O  N N 159 
ILE H    H  N N 160 
ILE H2   H  N N 161 
ILE HA   H  N N 162 
ILE HB   H  N N 163 
ILE HG12 H  N N 164 
ILE HG13 H  N N 165 
ILE HG21 H  N N 166 
ILE HG22 H  N N 167 
ILE HG23 H  N N 168 
ILE HD11 H  N N 169 
ILE HD12 H  N N 170 
ILE HD13 H  N N 171 
ILE HXT  H  N N 172 
LEU N    N  N N 173 
LEU CA   C  N S 174 
LEU C    C  N N 175 
LEU O    O  N N 176 
LEU CB   C  N N 177 
LEU CG   C  N N 178 
LEU CD1  C  N N 179 
LEU CD2  C  N N 180 
LEU OXT  O  N N 181 
LEU H    H  N N 182 
LEU H2   H  N N 183 
LEU HA   H  N N 184 
LEU HB2  H  N N 185 
LEU HB3  H  N N 186 
LEU HG   H  N N 187 
LEU HD11 H  N N 188 
LEU HD12 H  N N 189 
LEU HD13 H  N N 190 
LEU HD21 H  N N 191 
LEU HD22 H  N N 192 
LEU HD23 H  N N 193 
LEU HXT  H  N N 194 
LYS N    N  N N 195 
LYS CA   C  N S 196 
LYS C    C  N N 197 
LYS O    O  N N 198 
LYS CB   C  N N 199 
LYS CG   C  N N 200 
LYS CD   C  N N 201 
LYS CE   C  N N 202 
LYS NZ   N  N N 203 
LYS OXT  O  N N 204 
LYS H    H  N N 205 
LYS H2   H  N N 206 
LYS HA   H  N N 207 
LYS HB2  H  N N 208 
LYS HB3  H  N N 209 
LYS HG2  H  N N 210 
LYS HG3  H  N N 211 
LYS HD2  H  N N 212 
LYS HD3  H  N N 213 
LYS HE2  H  N N 214 
LYS HE3  H  N N 215 
LYS HZ1  H  N N 216 
LYS HZ2  H  N N 217 
LYS HZ3  H  N N 218 
LYS HXT  H  N N 219 
MET N    N  N N 220 
MET CA   C  N S 221 
MET C    C  N N 222 
MET O    O  N N 223 
MET CB   C  N N 224 
MET CG   C  N N 225 
MET SD   S  N N 226 
MET CE   C  N N 227 
MET OXT  O  N N 228 
MET H    H  N N 229 
MET H2   H  N N 230 
MET HA   H  N N 231 
MET HB2  H  N N 232 
MET HB3  H  N N 233 
MET HG2  H  N N 234 
MET HG3  H  N N 235 
MET HE1  H  N N 236 
MET HE2  H  N N 237 
MET HE3  H  N N 238 
MET HXT  H  N N 239 
MG  MG   MG N N 240 
PHE N    N  N N 241 
PHE CA   C  N S 242 
PHE C    C  N N 243 
PHE O    O  N N 244 
PHE CB   C  N N 245 
PHE CG   C  Y N 246 
PHE CD1  C  Y N 247 
PHE CD2  C  Y N 248 
PHE CE1  C  Y N 249 
PHE CE2  C  Y N 250 
PHE CZ   C  Y N 251 
PHE OXT  O  N N 252 
PHE H    H  N N 253 
PHE H2   H  N N 254 
PHE HA   H  N N 255 
PHE HB2  H  N N 256 
PHE HB3  H  N N 257 
PHE HD1  H  N N 258 
PHE HD2  H  N N 259 
PHE HE1  H  N N 260 
PHE HE2  H  N N 261 
PHE HZ   H  N N 262 
PHE HXT  H  N N 263 
PRO N    N  N N 264 
PRO CA   C  N S 265 
PRO C    C  N N 266 
PRO O    O  N N 267 
PRO CB   C  N N 268 
PRO CG   C  N N 269 
PRO CD   C  N N 270 
PRO OXT  O  N N 271 
PRO H    H  N N 272 
PRO HA   H  N N 273 
PRO HB2  H  N N 274 
PRO HB3  H  N N 275 
PRO HG2  H  N N 276 
PRO HG3  H  N N 277 
PRO HD2  H  N N 278 
PRO HD3  H  N N 279 
PRO HXT  H  N N 280 
SER N    N  N N 281 
SER CA   C  N S 282 
SER C    C  N N 283 
SER O    O  N N 284 
SER CB   C  N N 285 
SER OG   O  N N 286 
SER OXT  O  N N 287 
SER H    H  N N 288 
SER H2   H  N N 289 
SER HA   H  N N 290 
SER HB2  H  N N 291 
SER HB3  H  N N 292 
SER HG   H  N N 293 
SER HXT  H  N N 294 
SO4 S    S  N N 295 
SO4 O1   O  N N 296 
SO4 O2   O  N N 297 
SO4 O3   O  N N 298 
SO4 O4   O  N N 299 
THR N    N  N N 300 
THR CA   C  N S 301 
THR C    C  N N 302 
THR O    O  N N 303 
THR CB   C  N R 304 
THR OG1  O  N N 305 
THR CG2  C  N N 306 
THR OXT  O  N N 307 
THR H    H  N N 308 
THR H2   H  N N 309 
THR HA   H  N N 310 
THR HB   H  N N 311 
THR HG1  H  N N 312 
THR HG21 H  N N 313 
THR HG22 H  N N 314 
THR HG23 H  N N 315 
THR HXT  H  N N 316 
TRP N    N  N N 317 
TRP CA   C  N S 318 
TRP C    C  N N 319 
TRP O    O  N N 320 
TRP CB   C  N N 321 
TRP CG   C  Y N 322 
TRP CD1  C  Y N 323 
TRP CD2  C  Y N 324 
TRP NE1  N  Y N 325 
TRP CE2  C  Y N 326 
TRP CE3  C  Y N 327 
TRP CZ2  C  Y N 328 
TRP CZ3  C  Y N 329 
TRP CH2  C  Y N 330 
TRP OXT  O  N N 331 
TRP H    H  N N 332 
TRP H2   H  N N 333 
TRP HA   H  N N 334 
TRP HB2  H  N N 335 
TRP HB3  H  N N 336 
TRP HD1  H  N N 337 
TRP HE1  H  N N 338 
TRP HE3  H  N N 339 
TRP HZ2  H  N N 340 
TRP HZ3  H  N N 341 
TRP HH2  H  N N 342 
TRP HXT  H  N N 343 
TYR N    N  N N 344 
TYR CA   C  N S 345 
TYR C    C  N N 346 
TYR O    O  N N 347 
TYR CB   C  N N 348 
TYR CG   C  Y N 349 
TYR CD1  C  Y N 350 
TYR CD2  C  Y N 351 
TYR CE1  C  Y N 352 
TYR CE2  C  Y N 353 
TYR CZ   C  Y N 354 
TYR OH   O  N N 355 
TYR OXT  O  N N 356 
TYR H    H  N N 357 
TYR H2   H  N N 358 
TYR HA   H  N N 359 
TYR HB2  H  N N 360 
TYR HB3  H  N N 361 
TYR HD1  H  N N 362 
TYR HD2  H  N N 363 
TYR HE1  H  N N 364 
TYR HE2  H  N N 365 
TYR HH   H  N N 366 
TYR HXT  H  N N 367 
VAL N    N  N N 368 
VAL CA   C  N S 369 
VAL C    C  N N 370 
VAL O    O  N N 371 
VAL CB   C  N N 372 
VAL CG1  C  N N 373 
VAL CG2  C  N N 374 
VAL OXT  O  N N 375 
VAL H    H  N N 376 
VAL H2   H  N N 377 
VAL HA   H  N N 378 
VAL HB   H  N N 379 
VAL HG11 H  N N 380 
VAL HG12 H  N N 381 
VAL HG13 H  N N 382 
VAL HG21 H  N N 383 
VAL HG22 H  N N 384 
VAL HG23 H  N N 385 
VAL HXT  H  N N 386 
# 
loop_
_chem_comp_bond.comp_id 
_chem_comp_bond.atom_id_1 
_chem_comp_bond.atom_id_2 
_chem_comp_bond.value_order 
_chem_comp_bond.pdbx_aromatic_flag 
_chem_comp_bond.pdbx_stereo_config 
_chem_comp_bond.pdbx_ordinal 
ALA N   CA   sing N N 1   
ALA N   H    sing N N 2   
ALA N   H2   sing N N 3   
ALA CA  C    sing N N 4   
ALA CA  CB   sing N N 5   
ALA CA  HA   sing N N 6   
ALA C   O    doub N N 7   
ALA C   OXT  sing N N 8   
ALA CB  HB1  sing N N 9   
ALA CB  HB2  sing N N 10  
ALA CB  HB3  sing N N 11  
ALA OXT HXT  sing N N 12  
ARG N   CA   sing N N 13  
ARG N   H    sing N N 14  
ARG N   H2   sing N N 15  
ARG CA  C    sing N N 16  
ARG CA  CB   sing N N 17  
ARG CA  HA   sing N N 18  
ARG C   O    doub N N 19  
ARG C   OXT  sing N N 20  
ARG CB  CG   sing N N 21  
ARG CB  HB2  sing N N 22  
ARG CB  HB3  sing N N 23  
ARG CG  CD   sing N N 24  
ARG CG  HG2  sing N N 25  
ARG CG  HG3  sing N N 26  
ARG CD  NE   sing N N 27  
ARG CD  HD2  sing N N 28  
ARG CD  HD3  sing N N 29  
ARG NE  CZ   sing N N 30  
ARG NE  HE   sing N N 31  
ARG CZ  NH1  sing N N 32  
ARG CZ  NH2  doub N N 33  
ARG NH1 HH11 sing N N 34  
ARG NH1 HH12 sing N N 35  
ARG NH2 HH21 sing N N 36  
ARG NH2 HH22 sing N N 37  
ARG OXT HXT  sing N N 38  
ASN N   CA   sing N N 39  
ASN N   H    sing N N 40  
ASN N   H2   sing N N 41  
ASN CA  C    sing N N 42  
ASN CA  CB   sing N N 43  
ASN CA  HA   sing N N 44  
ASN C   O    doub N N 45  
ASN C   OXT  sing N N 46  
ASN CB  CG   sing N N 47  
ASN CB  HB2  sing N N 48  
ASN CB  HB3  sing N N 49  
ASN CG  OD1  doub N N 50  
ASN CG  ND2  sing N N 51  
ASN ND2 HD21 sing N N 52  
ASN ND2 HD22 sing N N 53  
ASN OXT HXT  sing N N 54  
ASP N   CA   sing N N 55  
ASP N   H    sing N N 56  
ASP N   H2   sing N N 57  
ASP CA  C    sing N N 58  
ASP CA  CB   sing N N 59  
ASP CA  HA   sing N N 60  
ASP C   O    doub N N 61  
ASP C   OXT  sing N N 62  
ASP CB  CG   sing N N 63  
ASP CB  HB2  sing N N 64  
ASP CB  HB3  sing N N 65  
ASP CG  OD1  doub N N 66  
ASP CG  OD2  sing N N 67  
ASP OD2 HD2  sing N N 68  
ASP OXT HXT  sing N N 69  
BEF BE  F1   sing N N 70  
BEF BE  F2   sing N N 71  
BEF BE  F3   sing N N 72  
GLN N   CA   sing N N 73  
GLN N   H    sing N N 74  
GLN N   H2   sing N N 75  
GLN CA  C    sing N N 76  
GLN CA  CB   sing N N 77  
GLN CA  HA   sing N N 78  
GLN C   O    doub N N 79  
GLN C   OXT  sing N N 80  
GLN CB  CG   sing N N 81  
GLN CB  HB2  sing N N 82  
GLN CB  HB3  sing N N 83  
GLN CG  CD   sing N N 84  
GLN CG  HG2  sing N N 85  
GLN CG  HG3  sing N N 86  
GLN CD  OE1  doub N N 87  
GLN CD  NE2  sing N N 88  
GLN NE2 HE21 sing N N 89  
GLN NE2 HE22 sing N N 90  
GLN OXT HXT  sing N N 91  
GLU N   CA   sing N N 92  
GLU N   H    sing N N 93  
GLU N   H2   sing N N 94  
GLU CA  C    sing N N 95  
GLU CA  CB   sing N N 96  
GLU CA  HA   sing N N 97  
GLU C   O    doub N N 98  
GLU C   OXT  sing N N 99  
GLU CB  CG   sing N N 100 
GLU CB  HB2  sing N N 101 
GLU CB  HB3  sing N N 102 
GLU CG  CD   sing N N 103 
GLU CG  HG2  sing N N 104 
GLU CG  HG3  sing N N 105 
GLU CD  OE1  doub N N 106 
GLU CD  OE2  sing N N 107 
GLU OE2 HE2  sing N N 108 
GLU OXT HXT  sing N N 109 
GLY N   CA   sing N N 110 
GLY N   H    sing N N 111 
GLY N   H2   sing N N 112 
GLY CA  C    sing N N 113 
GLY CA  HA2  sing N N 114 
GLY CA  HA3  sing N N 115 
GLY C   O    doub N N 116 
GLY C   OXT  sing N N 117 
GLY OXT HXT  sing N N 118 
HIS N   CA   sing N N 119 
HIS N   H    sing N N 120 
HIS N   H2   sing N N 121 
HIS CA  C    sing N N 122 
HIS CA  CB   sing N N 123 
HIS CA  HA   sing N N 124 
HIS C   O    doub N N 125 
HIS C   OXT  sing N N 126 
HIS CB  CG   sing N N 127 
HIS CB  HB2  sing N N 128 
HIS CB  HB3  sing N N 129 
HIS CG  ND1  sing Y N 130 
HIS CG  CD2  doub Y N 131 
HIS ND1 CE1  doub Y N 132 
HIS ND1 HD1  sing N N 133 
HIS CD2 NE2  sing Y N 134 
HIS CD2 HD2  sing N N 135 
HIS CE1 NE2  sing Y N 136 
HIS CE1 HE1  sing N N 137 
HIS NE2 HE2  sing N N 138 
HIS OXT HXT  sing N N 139 
HOH O   H1   sing N N 140 
HOH O   H2   sing N N 141 
ILE N   CA   sing N N 142 
ILE N   H    sing N N 143 
ILE N   H2   sing N N 144 
ILE CA  C    sing N N 145 
ILE CA  CB   sing N N 146 
ILE CA  HA   sing N N 147 
ILE C   O    doub N N 148 
ILE C   OXT  sing N N 149 
ILE CB  CG1  sing N N 150 
ILE CB  CG2  sing N N 151 
ILE CB  HB   sing N N 152 
ILE CG1 CD1  sing N N 153 
ILE CG1 HG12 sing N N 154 
ILE CG1 HG13 sing N N 155 
ILE CG2 HG21 sing N N 156 
ILE CG2 HG22 sing N N 157 
ILE CG2 HG23 sing N N 158 
ILE CD1 HD11 sing N N 159 
ILE CD1 HD12 sing N N 160 
ILE CD1 HD13 sing N N 161 
ILE OXT HXT  sing N N 162 
LEU N   CA   sing N N 163 
LEU N   H    sing N N 164 
LEU N   H2   sing N N 165 
LEU CA  C    sing N N 166 
LEU CA  CB   sing N N 167 
LEU CA  HA   sing N N 168 
LEU C   O    doub N N 169 
LEU C   OXT  sing N N 170 
LEU CB  CG   sing N N 171 
LEU CB  HB2  sing N N 172 
LEU CB  HB3  sing N N 173 
LEU CG  CD1  sing N N 174 
LEU CG  CD2  sing N N 175 
LEU CG  HG   sing N N 176 
LEU CD1 HD11 sing N N 177 
LEU CD1 HD12 sing N N 178 
LEU CD1 HD13 sing N N 179 
LEU CD2 HD21 sing N N 180 
LEU CD2 HD22 sing N N 181 
LEU CD2 HD23 sing N N 182 
LEU OXT HXT  sing N N 183 
LYS N   CA   sing N N 184 
LYS N   H    sing N N 185 
LYS N   H2   sing N N 186 
LYS CA  C    sing N N 187 
LYS CA  CB   sing N N 188 
LYS CA  HA   sing N N 189 
LYS C   O    doub N N 190 
LYS C   OXT  sing N N 191 
LYS CB  CG   sing N N 192 
LYS CB  HB2  sing N N 193 
LYS CB  HB3  sing N N 194 
LYS CG  CD   sing N N 195 
LYS CG  HG2  sing N N 196 
LYS CG  HG3  sing N N 197 
LYS CD  CE   sing N N 198 
LYS CD  HD2  sing N N 199 
LYS CD  HD3  sing N N 200 
LYS CE  NZ   sing N N 201 
LYS CE  HE2  sing N N 202 
LYS CE  HE3  sing N N 203 
LYS NZ  HZ1  sing N N 204 
LYS NZ  HZ2  sing N N 205 
LYS NZ  HZ3  sing N N 206 
LYS OXT HXT  sing N N 207 
MET N   CA   sing N N 208 
MET N   H    sing N N 209 
MET N   H2   sing N N 210 
MET CA  C    sing N N 211 
MET CA  CB   sing N N 212 
MET CA  HA   sing N N 213 
MET C   O    doub N N 214 
MET C   OXT  sing N N 215 
MET CB  CG   sing N N 216 
MET CB  HB2  sing N N 217 
MET CB  HB3  sing N N 218 
MET CG  SD   sing N N 219 
MET CG  HG2  sing N N 220 
MET CG  HG3  sing N N 221 
MET SD  CE   sing N N 222 
MET CE  HE1  sing N N 223 
MET CE  HE2  sing N N 224 
MET CE  HE3  sing N N 225 
MET OXT HXT  sing N N 226 
PHE N   CA   sing N N 227 
PHE N   H    sing N N 228 
PHE N   H2   sing N N 229 
PHE CA  C    sing N N 230 
PHE CA  CB   sing N N 231 
PHE CA  HA   sing N N 232 
PHE C   O    doub N N 233 
PHE C   OXT  sing N N 234 
PHE CB  CG   sing N N 235 
PHE CB  HB2  sing N N 236 
PHE CB  HB3  sing N N 237 
PHE CG  CD1  doub Y N 238 
PHE CG  CD2  sing Y N 239 
PHE CD1 CE1  sing Y N 240 
PHE CD1 HD1  sing N N 241 
PHE CD2 CE2  doub Y N 242 
PHE CD2 HD2  sing N N 243 
PHE CE1 CZ   doub Y N 244 
PHE CE1 HE1  sing N N 245 
PHE CE2 CZ   sing Y N 246 
PHE CE2 HE2  sing N N 247 
PHE CZ  HZ   sing N N 248 
PHE OXT HXT  sing N N 249 
PRO N   CA   sing N N 250 
PRO N   CD   sing N N 251 
PRO N   H    sing N N 252 
PRO CA  C    sing N N 253 
PRO CA  CB   sing N N 254 
PRO CA  HA   sing N N 255 
PRO C   O    doub N N 256 
PRO C   OXT  sing N N 257 
PRO CB  CG   sing N N 258 
PRO CB  HB2  sing N N 259 
PRO CB  HB3  sing N N 260 
PRO CG  CD   sing N N 261 
PRO CG  HG2  sing N N 262 
PRO CG  HG3  sing N N 263 
PRO CD  HD2  sing N N 264 
PRO CD  HD3  sing N N 265 
PRO OXT HXT  sing N N 266 
SER N   CA   sing N N 267 
SER N   H    sing N N 268 
SER N   H2   sing N N 269 
SER CA  C    sing N N 270 
SER CA  CB   sing N N 271 
SER CA  HA   sing N N 272 
SER C   O    doub N N 273 
SER C   OXT  sing N N 274 
SER CB  OG   sing N N 275 
SER CB  HB2  sing N N 276 
SER CB  HB3  sing N N 277 
SER OG  HG   sing N N 278 
SER OXT HXT  sing N N 279 
SO4 S   O1   doub N N 280 
SO4 S   O2   doub N N 281 
SO4 S   O3   sing N N 282 
SO4 S   O4   sing N N 283 
THR N   CA   sing N N 284 
THR N   H    sing N N 285 
THR N   H2   sing N N 286 
THR CA  C    sing N N 287 
THR CA  CB   sing N N 288 
THR CA  HA   sing N N 289 
THR C   O    doub N N 290 
THR C   OXT  sing N N 291 
THR CB  OG1  sing N N 292 
THR CB  CG2  sing N N 293 
THR CB  HB   sing N N 294 
THR OG1 HG1  sing N N 295 
THR CG2 HG21 sing N N 296 
THR CG2 HG22 sing N N 297 
THR CG2 HG23 sing N N 298 
THR OXT HXT  sing N N 299 
TRP N   CA   sing N N 300 
TRP N   H    sing N N 301 
TRP N   H2   sing N N 302 
TRP CA  C    sing N N 303 
TRP CA  CB   sing N N 304 
TRP CA  HA   sing N N 305 
TRP C   O    doub N N 306 
TRP C   OXT  sing N N 307 
TRP CB  CG   sing N N 308 
TRP CB  HB2  sing N N 309 
TRP CB  HB3  sing N N 310 
TRP CG  CD1  doub Y N 311 
TRP CG  CD2  sing Y N 312 
TRP CD1 NE1  sing Y N 313 
TRP CD1 HD1  sing N N 314 
TRP CD2 CE2  doub Y N 315 
TRP CD2 CE3  sing Y N 316 
TRP NE1 CE2  sing Y N 317 
TRP NE1 HE1  sing N N 318 
TRP CE2 CZ2  sing Y N 319 
TRP CE3 CZ3  doub Y N 320 
TRP CE3 HE3  sing N N 321 
TRP CZ2 CH2  doub Y N 322 
TRP CZ2 HZ2  sing N N 323 
TRP CZ3 CH2  sing Y N 324 
TRP CZ3 HZ3  sing N N 325 
TRP CH2 HH2  sing N N 326 
TRP OXT HXT  sing N N 327 
TYR N   CA   sing N N 328 
TYR N   H    sing N N 329 
TYR N   H2   sing N N 330 
TYR CA  C    sing N N 331 
TYR CA  CB   sing N N 332 
TYR CA  HA   sing N N 333 
TYR C   O    doub N N 334 
TYR C   OXT  sing N N 335 
TYR CB  CG   sing N N 336 
TYR CB  HB2  sing N N 337 
TYR CB  HB3  sing N N 338 
TYR CG  CD1  doub Y N 339 
TYR CG  CD2  sing Y N 340 
TYR CD1 CE1  sing Y N 341 
TYR CD1 HD1  sing N N 342 
TYR CD2 CE2  doub Y N 343 
TYR CD2 HD2  sing N N 344 
TYR CE1 CZ   doub Y N 345 
TYR CE1 HE1  sing N N 346 
TYR CE2 CZ   sing Y N 347 
TYR CE2 HE2  sing N N 348 
TYR CZ  OH   sing N N 349 
TYR OH  HH   sing N N 350 
TYR OXT HXT  sing N N 351 
VAL N   CA   sing N N 352 
VAL N   H    sing N N 353 
VAL N   H2   sing N N 354 
VAL CA  C    sing N N 355 
VAL CA  CB   sing N N 356 
VAL CA  HA   sing N N 357 
VAL C   O    doub N N 358 
VAL C   OXT  sing N N 359 
VAL CB  CG1  sing N N 360 
VAL CB  CG2  sing N N 361 
VAL CB  HB   sing N N 362 
VAL CG1 HG11 sing N N 363 
VAL CG1 HG12 sing N N 364 
VAL CG1 HG13 sing N N 365 
VAL CG2 HG21 sing N N 366 
VAL CG2 HG22 sing N N 367 
VAL CG2 HG23 sing N N 368 
VAL OXT HXT  sing N N 369 
# 
_pdbx_initial_refinement_model.id               1 
_pdbx_initial_refinement_model.entity_id_list   ? 
_pdbx_initial_refinement_model.type             'experimental model' 
_pdbx_initial_refinement_model.source_name      PDB 
_pdbx_initial_refinement_model.accession_code   3GWG 
_pdbx_initial_refinement_model.details          ? 
# 
_atom_sites.entry_id                    3H1E 
_atom_sites.fract_transf_matrix[1][1]   -0.01426621 
_atom_sites.fract_transf_matrix[1][2]   -0.00435282 
_atom_sites.fract_transf_matrix[1][3]   0.00092198 
_atom_sites.fract_transf_matrix[2][1]   -0.00506933 
_atom_sites.fract_transf_matrix[2][2]   0.02004061 
_atom_sites.fract_transf_matrix[2][3]   0.01617508 
_atom_sites.fract_transf_matrix[3][1]   -0.01330891 
_atom_sites.fract_transf_matrix[3][2]   0.01254033 
_atom_sites.fract_transf_matrix[3][3]   -0.01970828 
_atom_sites.fract_transf_vector[1]      -0.272799 
_atom_sites.fract_transf_vector[2]      -0.004537 
_atom_sites.fract_transf_vector[3]      -0.270832 
# 
loop_
_atom_type.symbol 
BE 
C  
F  
MG 
N  
O  
S  
# 
loop_
_atom_site.group_PDB 
_atom_site.id 
_atom_site.type_symbol 
_atom_site.label_atom_id 
_atom_site.label_alt_id 
_atom_site.label_comp_id 
_atom_site.label_asym_id 
_atom_site.label_entity_id 
_atom_site.label_seq_id 
_atom_site.pdbx_PDB_ins_code 
_atom_site.Cartn_x 
_atom_site.Cartn_y 
_atom_site.Cartn_z 
_atom_site.occupancy 
_atom_site.B_iso_or_equiv 
_atom_site.pdbx_formal_charge 
_atom_site.auth_seq_id 
_atom_site.auth_comp_id 
_atom_site.auth_asym_id 
_atom_site.auth_atom_id 
_atom_site.pdbx_PDB_model_num 
ATOM   1    N  N   . MET A 1 6   ? -3.783  -10.775 -10.567 1.00 10.82 ? 1   MET A N   1 
ATOM   2    C  CA  . MET A 1 6   ? -4.117  -9.729  -9.526  1.00 11.15 ? 1   MET A CA  1 
ATOM   3    C  C   . MET A 1 6   ? -3.312  -9.861  -8.245  1.00 10.47 ? 1   MET A C   1 
ATOM   4    O  O   . MET A 1 6   ? -3.791  -10.262 -7.194  1.00 10.74 ? 1   MET A O   1 
ATOM   5    C  CB  . MET A 1 6   ? -5.603  -9.723  -9.206  1.00 11.60 ? 1   MET A CB  1 
ATOM   6    C  CG  . MET A 1 6   ? -6.121  -8.314  -8.835  1.00 12.32 ? 1   MET A CG  1 
ATOM   7    S  SD  . MET A 1 6   ? -5.974  -7.061  -10.163 1.00 12.79 ? 1   MET A SD  1 
ATOM   8    C  CE  . MET A 1 6   ? -6.189  -5.575  -9.181  1.00 8.92  ? 1   MET A CE  1 
ATOM   9    N  N   . LYS A 1 7   ? -2.078  -9.433  -8.380  1.00 9.91  ? 2   LYS A N   1 
ATOM   10   C  CA  . LYS A 1 7   ? -1.043  -9.581  -7.363  1.00 9.63  ? 2   LYS A CA  1 
ATOM   11   C  C   . LYS A 1 7   ? -0.847  -8.309  -6.575  1.00 8.35  ? 2   LYS A C   1 
ATOM   12   O  O   . LYS A 1 7   ? -0.585  -7.252  -7.111  1.00 8.04  ? 2   LYS A O   1 
ATOM   13   C  CB  . LYS A 1 7   ? 0.279   -9.975  -8.031  1.00 9.80  ? 2   LYS A CB  1 
ATOM   14   C  CG  . LYS A 1 7   ? 0.201   -11.285 -8.771  1.00 11.30 ? 2   LYS A CG  1 
ATOM   15   C  CD  . LYS A 1 7   ? 1.079   -11.299 -10.021 1.00 12.99 ? 2   LYS A CD  1 
ATOM   16   C  CE  . LYS A 1 7   ? 0.693   -12.443 -10.939 1.00 13.97 ? 2   LYS A CE  1 
ATOM   17   N  NZ  . LYS A 1 7   ? 1.618   -12.557 -12.089 1.00 14.99 ? 2   LYS A NZ  1 
ATOM   18   N  N   . LEU A 1 8   ? -0.975  -8.448  -5.278  1.00 7.45  ? 3   LEU A N   1 
ATOM   19   C  CA  . LEU A 1 8   ? -0.897  -7.309  -4.384  1.00 6.94  ? 3   LEU A CA  1 
ATOM   20   C  C   . LEU A 1 8   ? 0.315   -7.406  -3.474  1.00 5.92  ? 3   LEU A C   1 
ATOM   21   O  O   . LEU A 1 8   ? 0.678   -8.470  -2.990  1.00 5.31  ? 3   LEU A O   1 
ATOM   22   C  CB  . LEU A 1 8   ? -2.182  -7.189  -3.553  1.00 6.88  ? 3   LEU A CB  1 
ATOM   23   C  CG  . LEU A 1 8   ? -3.548  -7.114  -4.243  1.00 7.00  ? 3   LEU A CG  1 
ATOM   24   C  CD1 . LEU A 1 8   ? -4.586  -6.543  -3.270  1.00 6.57  ? 3   LEU A CD1 1 
ATOM   25   C  CD2 . LEU A 1 8   ? -3.527  -6.296  -5.508  1.00 6.80  ? 3   LEU A CD2 1 
ATOM   26   N  N   . LEU A 1 9   ? 0.933   -6.260  -3.274  1.00 5.07  ? 4   LEU A N   1 
ATOM   27   C  CA  . LEU A 1 9   ? 2.036   -6.114  -2.313  1.00 4.73  ? 4   LEU A CA  1 
ATOM   28   C  C   . LEU A 1 9   ? 1.657   -5.166  -1.207  1.00 3.86  ? 4   LEU A C   1 
ATOM   29   O  O   . LEU A 1 9   ? 1.389   -4.012  -1.424  1.00 3.71  ? 4   LEU A O   1 
ATOM   30   C  CB  . LEU A 1 9   ? 3.317   -5.622  -3.005  1.00 5.13  ? 4   LEU A CB  1 
ATOM   31   C  CG  . LEU A 1 9   ? 4.520   -5.306  -2.107  1.00 4.16  ? 4   LEU A CG  1 
ATOM   32   C  CD1 . LEU A 1 9   ? 4.996   -6.517  -1.343  1.00 5.09  ? 4   LEU A CD1 1 
ATOM   33   C  CD2 . LEU A 1 9   ? 5.612   -4.782  -2.979  1.00 6.02  ? 4   LEU A CD2 1 
ATOM   34   N  N   . VAL A 1 10  ? 1.640   -5.698  -0.007  1.00 3.79  ? 5   VAL A N   1 
ATOM   35   C  CA  . VAL A 1 10  ? 1.194   -4.965  1.186   1.00 3.20  ? 5   VAL A CA  1 
ATOM   36   C  C   . VAL A 1 10  ? 2.359   -4.688  2.118   1.00 3.22  ? 5   VAL A C   1 
ATOM   37   O  O   . VAL A 1 10  ? 3.021   -5.593  2.596   1.00 3.13  ? 5   VAL A O   1 
ATOM   38   C  CB  . VAL A 1 10  ? 0.082   -5.739  1.940   1.00 3.24  ? 5   VAL A CB  1 
ATOM   39   C  CG1 . VAL A 1 10  ? -0.313  -5.008  3.217   1.00 2.17  ? 5   VAL A CG1 1 
ATOM   40   C  CG2 . VAL A 1 10  ? -1.134  -5.943  1.044   1.00 2.00  ? 5   VAL A CG2 1 
ATOM   41   N  N   . VAL A 1 11  ? 2.603   -3.409  2.367   1.00 3.09  ? 6   VAL A N   1 
ATOM   42   C  CA  . VAL A 1 11  ? 3.794   -2.990  3.107   1.00 3.08  ? 6   VAL A CA  1 
ATOM   43   C  C   . VAL A 1 11  ? 3.491   -2.170  4.342   1.00 3.43  ? 6   VAL A C   1 
ATOM   44   O  O   . VAL A 1 11  ? 2.797   -1.173  4.298   1.00 3.00  ? 6   VAL A O   1 
ATOM   45   C  CB  . VAL A 1 11  ? 4.785   -2.200  2.222   1.00 3.50  ? 6   VAL A CB  1 
ATOM   46   C  CG1 . VAL A 1 11  ? 6.156   -2.232  2.863   1.00 2.77  ? 6   VAL A CG1 1 
ATOM   47   C  CG2 . VAL A 1 11  ? 4.836   -2.760  0.808   1.00 2.00  ? 6   VAL A CG2 1 
ATOM   48   N  N   . ASP A 1 12  ? 4.028   -2.628  5.460   1.00 3.82  ? 7   ASP A N   1 
ATOM   49   C  CA  . ASP A 1 12  ? 3.771   -2.001  6.777   1.00 4.20  ? 7   ASP A CA  1 
ATOM   50   C  C   . ASP A 1 12  ? 4.614   -2.618  7.906   1.00 4.29  ? 7   ASP A C   1 
ATOM   51   O  O   . ASP A 1 12  ? 4.720   -3.822  8.028   1.00 4.16  ? 7   ASP A O   1 
ATOM   52   C  CB  . ASP A 1 12  ? 2.267   -2.091  7.085   1.00 4.21  ? 7   ASP A CB  1 
ATOM   53   C  CG  . ASP A 1 12  ? 1.815   -1.091  8.134   1.00 4.30  ? 7   ASP A CG  1 
ATOM   54   O  OD1 . ASP A 1 12  ? 2.377   -1.103  9.238   1.00 8.75  ? 7   ASP A OD1 1 
ATOM   55   O  OD2 . ASP A 1 12  ? 0.881   -0.314  7.890   1.00 3.27  ? 7   ASP A OD2 1 
ATOM   56   N  N   . ASP A 1 13  ? 5.233   -1.766  8.696   1.00 5.07  ? 8   ASP A N   1 
ATOM   57   C  CA  . ASP A 1 13  ? 6.112   -2.233  9.799   1.00 6.29  ? 8   ASP A CA  1 
ATOM   58   C  C   . ASP A 1 13  ? 5.342   -2.803  10.992  1.00 6.71  ? 8   ASP A C   1 
ATOM   59   O  O   . ASP A 1 13  ? 5.910   -3.389  11.897  1.00 7.78  ? 8   ASP A O   1 
ATOM   60   C  CB  . ASP A 1 13  ? 7.126   -1.167  10.251  1.00 6.52  ? 8   ASP A CB  1 
ATOM   61   C  CG  . ASP A 1 13  ? 6.488   0.143   10.568  1.00 7.32  ? 8   ASP A CG  1 
ATOM   62   O  OD1 . ASP A 1 13  ? 5.411   0.428   9.997   1.00 11.69 ? 8   ASP A OD1 1 
ATOM   63   O  OD2 . ASP A 1 13  ? 7.055   0.904   11.366  1.00 7.02  ? 8   ASP A OD2 1 
ATOM   64   N  N   . SER A 1 14  ? 4.034   -2.635  10.961  1.00 6.95  ? 9   SER A N   1 
ATOM   65   C  CA  . SER A 1 14  ? 3.135   -3.191  11.979  1.00 6.80  ? 9   SER A CA  1 
ATOM   66   C  C   . SER A 1 14  ? 2.574   -4.536  11.572  1.00 6.36  ? 9   SER A C   1 
ATOM   67   O  O   . SER A 1 14  ? 1.865   -4.662  10.618  1.00 6.05  ? 9   SER A O   1 
ATOM   68   C  CB  . SER A 1 14  ? 1.974   -2.242  12.281  1.00 7.19  ? 9   SER A CB  1 
ATOM   69   O  OG  . SER A 1 14  ? 0.932   -2.923  12.974  1.00 7.85  ? 9   SER A OG  1 
ATOM   70   N  N   . SER A 1 15  ? 2.891   -5.526  12.371  1.00 6.59  ? 10  SER A N   1 
ATOM   71   C  CA  . SER A 1 15  ? 2.518   -6.921  12.119  1.00 6.98  ? 10  SER A CA  1 
ATOM   72   C  C   . SER A 1 15  ? 1.033   -7.182  12.166  1.00 6.69  ? 10  SER A C   1 
ATOM   73   O  O   . SER A 1 15  ? 0.509   -7.954  11.387  1.00 6.05  ? 10  SER A O   1 
ATOM   74   C  CB  . SER A 1 15  ? 3.210   -7.879  13.107  1.00 7.11  ? 10  SER A CB  1 
ATOM   75   O  OG  . SER A 1 15  ? 2.657   -7.727  14.394  1.00 7.35  ? 10  SER A OG  1 
ATOM   76   N  N   . THR A 1 16  ? 0.371   -6.531  13.100  1.00 7.14  ? 11  THR A N   1 
ATOM   77   C  CA  . THR A 1 16  ? -1.097  -6.649  13.246  1.00 7.58  ? 11  THR A CA  1 
ATOM   78   C  C   . THR A 1 16  ? -1.886  -5.908  12.168  1.00 7.48  ? 11  THR A C   1 
ATOM   79   O  O   . THR A 1 16  ? -3.004  -6.284  11.799  1.00 6.61  ? 11  THR A O   1 
ATOM   80   C  CB  . THR A 1 16  ? -1.588  -6.196  14.614  1.00 7.58  ? 11  THR A CB  1 
ATOM   81   O  OG1 . THR A 1 16  ? -0.950  -6.983  15.630  1.00 8.91  ? 11  THR A OG1 1 
ATOM   82   C  CG2 . THR A 1 16  ? -3.093  -6.395  14.691  1.00 6.98  ? 11  THR A CG2 1 
ATOM   83   N  N   . MET A 1 17  ? -1.274  -4.843  11.692  1.00 8.01  ? 12  MET A N   1 
ATOM   84   C  CA  . MET A 1 17  ? -1.812  -4.068  10.554  1.00 8.42  ? 12  MET A CA  1 
ATOM   85   C  C   . MET A 1 17  ? -1.769  -4.888  9.283   1.00 8.21  ? 12  MET A C   1 
ATOM   86   O  O   . MET A 1 17  ? -2.714  -4.904  8.511   1.00 7.83  ? 12  MET A O   1 
ATOM   87   C  CB  . MET A 1 17  ? -1.067  -2.748  10.339  1.00 8.71  ? 12  MET A CB  1 
ATOM   88   C  CG  . MET A 1 17  ? -1.709  -1.839  9.282   1.00 10.04 ? 12  MET A CG  1 
ATOM   89   S  SD  . MET A 1 17  ? -3.515  -1.616  9.389   1.00 11.90 ? 12  MET A SD  1 
ATOM   90   C  CE  . MET A 1 17  ? -3.625  -0.631  10.878  1.00 10.62 ? 12  MET A CE  1 
ATOM   91   N  N   . ARG A 1 18  ? -0.662  -5.578  9.077   1.00 8.17  ? 13  ARG A N   1 
ATOM   92   C  CA  . ARG A 1 18  ? -0.539  -6.488  7.924   1.00 8.48  ? 13  ARG A CA  1 
ATOM   93   C  C   . ARG A 1 18  ? -1.587  -7.611  7.976   1.00 8.18  ? 13  ARG A C   1 
ATOM   94   O  O   . ARG A 1 18  ? -2.188  -7.973  6.985   1.00 7.73  ? 13  ARG A O   1 
ATOM   95   C  CB  . ARG A 1 18  ? 0.879   -7.066  7.786   1.00 8.65  ? 13  ARG A CB  1 
ATOM   96   C  CG  . ARG A 1 18  ? 1.925   -6.045  7.324   1.00 9.66  ? 13  ARG A CG  1 
ATOM   97   C  CD  . ARG A 1 18  ? 3.287   -6.699  6.977   1.00 10.57 ? 13  ARG A CD  1 
ATOM   98   N  NE  . ARG A 1 18  ? 3.697   -7.693  7.967   1.00 10.82 ? 13  ARG A NE  1 
ATOM   99   C  CZ  . ARG A 1 18  ? 4.541   -7.469  8.971   1.00 10.95 ? 13  ARG A CZ  1 
ATOM   100  N  NH1 . ARG A 1 18  ? 5.098   -6.283  9.136   1.00 12.03 ? 13  ARG A NH1 1 
ATOM   101  N  NH2 . ARG A 1 18  ? 4.818   -8.441  9.822   1.00 9.92  ? 13  ARG A NH2 1 
ATOM   102  N  N   . ARG A 1 19  ? -1.784  -8.151  9.158   1.00 8.41  ? 14  ARG A N   1 
ATOM   103  C  CA  . ARG A 1 19  ? -2.822  -9.169  9.386   1.00 8.77  ? 14  ARG A CA  1 
ATOM   104  C  C   . ARG A 1 19  ? -4.174  -8.693  8.876   1.00 8.47  ? 14  ARG A C   1 
ATOM   105  O  O   . ARG A 1 19  ? -4.823  -9.316  8.059   1.00 7.95  ? 14  ARG A O   1 
ATOM   106  C  CB  . ARG A 1 19  ? -2.952  -9.513  10.876  1.00 9.21  ? 14  ARG A CB  1 
ATOM   107  C  CG  . ARG A 1 19  ? -4.006  -10.546 11.208  1.00 11.61 ? 14  ARG A CG  1 
ATOM   108  C  CD  . ARG A 1 19  ? -3.927  -10.953 12.661  1.00 14.09 ? 14  ARG A CD  1 
ATOM   109  N  NE  . ARG A 1 19  ? -2.708  -11.692 12.942  1.00 16.13 ? 14  ARG A NE  1 
ATOM   110  C  CZ  . ARG A 1 19  ? -2.070  -11.695 14.116  1.00 20.32 ? 14  ARG A CZ  1 
ATOM   111  N  NH1 . ARG A 1 19  ? -2.522  -10.972 15.141  1.00 21.16 ? 14  ARG A NH1 1 
ATOM   112  N  NH2 . ARG A 1 19  ? -0.958  -12.416 14.268  1.00 21.07 ? 14  ARG A NH2 1 
ATOM   113  N  N   . ILE A 1 20  ? -4.585  -7.575  9.434   1.00 8.56  ? 15  ILE A N   1 
ATOM   114  C  CA  . ILE A 1 20  ? -5.910  -6.991  9.187   1.00 8.23  ? 15  ILE A CA  1 
ATOM   115  C  C   . ILE A 1 20  ? -6.144  -6.639  7.729   1.00 7.40  ? 15  ILE A C   1 
ATOM   116  O  O   . ILE A 1 20  ? -7.196  -6.918  7.166   1.00 7.14  ? 15  ILE A O   1 
ATOM   117  C  CB  . ILE A 1 20  ? -6.183  -5.752  10.089  1.00 8.30  ? 15  ILE A CB  1 
ATOM   118  C  CG1 . ILE A 1 20  ? -7.497  -5.093  9.736   1.00 8.90  ? 15  ILE A CG1 1 
ATOM   119  C  CG2 . ILE A 1 20  ? -5.133  -4.710  9.904   1.00 10.00 ? 15  ILE A CG2 1 
ATOM   120  C  CD1 . ILE A 1 20  ? -7.887  -3.990  10.721  1.00 11.39 ? 15  ILE A CD1 1 
ATOM   121  N  N   . ILE A 1 21  ? -5.146  -6.020  7.130   1.00 6.65  ? 16  ILE A N   1 
ATOM   122  C  CA  . ILE A 1 21  ? -5.224  -5.649  5.719   1.00 6.05  ? 16  ILE A CA  1 
ATOM   123  C  C   . ILE A 1 21  ? -5.374  -6.927  4.941   1.00 6.30  ? 16  ILE A C   1 
ATOM   124  O  O   . ILE A 1 21  ? -6.230  -7.055  4.080   1.00 6.03  ? 16  ILE A O   1 
ATOM   125  C  CB  . ILE A 1 21  ? -3.985  -4.836  5.186   1.00 5.67  ? 16  ILE A CB  1 
ATOM   126  C  CG1 . ILE A 1 21  ? -3.922  -3.441  5.806   1.00 4.61  ? 16  ILE A CG1 1 
ATOM   127  C  CG2 . ILE A 1 21  ? -4.031  -4.709  3.671   1.00 3.70  ? 16  ILE A CG2 1 
ATOM   128  C  CD1 . ILE A 1 21  ? -2.581  -2.692  5.617   1.00 2.00  ? 16  ILE A CD1 1 
ATOM   129  N  N   . LYS A 1 22  ? -4.540  -7.886  5.291   1.00 6.74  ? 17  LYS A N   1 
ATOM   130  C  CA  . LYS A 1 22  ? -4.478  -9.136  4.531   1.00 7.58  ? 17  LYS A CA  1 
ATOM   131  C  C   . LYS A 1 22  ? -5.787  -9.900  4.683   1.00 8.67  ? 17  LYS A C   1 
ATOM   132  O  O   . LYS A 1 22  ? -6.347  -10.418 3.719   1.00 8.80  ? 17  LYS A O   1 
ATOM   133  C  CB  . LYS A 1 22  ? -3.265  -9.992  4.915   1.00 7.40  ? 17  LYS A CB  1 
ATOM   134  C  CG  . LYS A 1 22  ? -3.176  -11.329 4.222   1.00 6.82  ? 17  LYS A CG  1 
ATOM   135  C  CD  . LYS A 1 22  ? -1.790  -11.919 4.403   1.00 6.70  ? 17  LYS A CD  1 
ATOM   136  C  CE  . LYS A 1 22  ? -1.596  -13.193 3.615   1.00 5.68  ? 17  LYS A CE  1 
ATOM   137  N  NZ  . LYS A 1 22  ? -1.987  -14.304 4.417   1.00 5.31  ? 17  LYS A NZ  1 
ATOM   138  N  N   . ASN A 1 23  ? -6.288  -9.945  5.899   1.00 9.77  ? 18  ASN A N   1 
ATOM   139  C  CA  . ASN A 1 23  ? -7.571  -10.607 6.136   1.00 11.05 ? 18  ASN A CA  1 
ATOM   140  C  C   . ASN A 1 23  ? -8.670  -9.932  5.370   1.00 10.57 ? 18  ASN A C   1 
ATOM   141  O  O   . ASN A 1 23  ? -9.588  -10.559 4.879   1.00 10.66 ? 18  ASN A O   1 
ATOM   142  C  CB  . ASN A 1 23  ? -7.979  -10.656 7.609   1.00 11.80 ? 18  ASN A CB  1 
ATOM   143  C  CG  . ASN A 1 23  ? -9.277  -11.448 7.819   1.00 16.00 ? 18  ASN A CG  1 
ATOM   144  O  OD1 . ASN A 1 23  ? -9.416  -12.582 7.324   1.00 21.75 ? 18  ASN A OD1 1 
ATOM   145  N  ND2 . ASN A 1 23  ? -10.248 -10.848 8.532   1.00 17.66 ? 18  ASN A ND2 1 
ATOM   146  N  N   . THR A 1 24  ? -8.568  -8.626  5.295   1.00 10.32 ? 19  THR A N   1 
ATOM   147  C  CA  . THR A 1 24  ? -9.603  -7.809  4.650   1.00 9.98  ? 19  THR A CA  1 
ATOM   148  C  C   . THR A 1 24  ? -9.589  -7.939  3.140   1.00 9.67  ? 19  THR A C   1 
ATOM   149  O  O   . THR A 1 24  ? -10.626 -7.957  2.490   1.00 9.63  ? 19  THR A O   1 
ATOM   150  C  CB  . THR A 1 24  ? -9.521  -6.336  5.050   1.00 10.06 ? 19  THR A CB  1 
ATOM   151  O  OG1 . THR A 1 24  ? -9.862  -6.215  6.433   1.00 10.24 ? 19  THR A OG1 1 
ATOM   152  C  CG2 . THR A 1 24  ? -10.473 -5.496  4.202   1.00 9.89  ? 19  THR A CG2 1 
ATOM   153  N  N   . LEU A 1 25  ? -8.396  -8.051  2.589   1.00 9.31  ? 20  LEU A N   1 
ATOM   154  C  CA  . LEU A 1 25  ? -8.257  -8.371  1.168   1.00 8.88  ? 20  LEU A CA  1 
ATOM   155  C  C   . LEU A 1 25  ? -8.892  -9.729  0.864   1.00 9.12  ? 20  LEU A C   1 
ATOM   156  O  O   . LEU A 1 25  ? -9.562  -9.925  -0.141  1.00 9.36  ? 20  LEU A O   1 
ATOM   157  C  CB  . LEU A 1 25  ? -6.803  -8.332  0.714   1.00 8.64  ? 20  LEU A CB  1 
ATOM   158  C  CG  . LEU A 1 25  ? -6.222  -6.923  0.701   1.00 7.45  ? 20  LEU A CG  1 
ATOM   159  C  CD1 . LEU A 1 25  ? -4.713  -6.946  0.511   1.00 5.46  ? 20  LEU A CD1 1 
ATOM   160  C  CD2 . LEU A 1 25  ? -6.901  -6.111  -0.377  1.00 6.13  ? 20  LEU A CD2 1 
ATOM   161  N  N   . SER A 1 26  ? -8.710  -10.654 1.778   1.00 9.16  ? 21  SER A N   1 
ATOM   162  C  CA  . SER A 1 26  ? -9.242  -12.001 1.596   1.00 9.72  ? 21  SER A CA  1 
ATOM   163  C  C   . SER A 1 26  ? -10.746 -11.986 1.452   1.00 9.91  ? 21  SER A C   1 
ATOM   164  O  O   . SER A 1 26  ? -11.322 -12.671 0.611   1.00 10.58 ? 21  SER A O   1 
ATOM   165  C  CB  . SER A 1 26  ? -8.853  -12.941 2.752   1.00 9.76  ? 21  SER A CB  1 
ATOM   166  O  OG  . SER A 1 26  ? -9.198  -14.286 2.451   1.00 10.77 ? 21  SER A OG  1 
ATOM   167  N  N   . ARG A 1 27  ? -11.367 -11.201 2.306   1.00 10.00 ? 22  ARG A N   1 
ATOM   168  C  CA  . ARG A 1 27  ? -12.822 -11.103 2.368   1.00 10.26 ? 22  ARG A CA  1 
ATOM   169  C  C   . ARG A 1 27  ? -13.385 -10.507 1.088   1.00 9.99  ? 22  ARG A C   1 
ATOM   170  O  O   . ARG A 1 27  ? -14.548 -10.655 0.770   1.00 10.28 ? 22  ARG A O   1 
ATOM   171  C  CB  . ARG A 1 27  ? -13.294 -10.263 3.564   1.00 10.62 ? 22  ARG A CB  1 
ATOM   172  C  CG  . ARG A 1 27  ? -13.114 -10.887 4.927   1.00 12.71 ? 22  ARG A CG  1 
ATOM   173  C  CD  . ARG A 1 27  ? -13.515 -9.902  6.056   1.00 16.11 ? 22  ARG A CD  1 
ATOM   174  N  NE  . ARG A 1 27  ? -14.952 -9.587  6.057   1.00 19.94 ? 22  ARG A NE  1 
ATOM   175  C  CZ  . ARG A 1 27  ? -15.532 -8.620  6.773   1.00 21.32 ? 22  ARG A CZ  1 
ATOM   176  N  NH1 . ARG A 1 27  ? -14.812 -7.840  7.570   1.00 21.62 ? 22  ARG A NH1 1 
ATOM   177  N  NH2 . ARG A 1 27  ? -16.845 -8.434  6.693   1.00 22.25 ? 22  ARG A NH2 1 
ATOM   178  N  N   . LEU A 1 28  ? -12.527 -9.823  0.363   1.00 10.15 ? 23  LEU A N   1 
ATOM   179  C  CA  . LEU A 1 28  ? -12.905 -9.114  -0.881  1.00 9.50  ? 23  LEU A CA  1 
ATOM   180  C  C   . LEU A 1 28  ? -12.477 -9.913  -2.090  1.00 9.21  ? 23  LEU A C   1 
ATOM   181  O  O   . LEU A 1 28  ? -12.640 -9.502  -3.233  1.00 8.92  ? 23  LEU A O   1 
ATOM   182  C  CB  . LEU A 1 28  ? -12.298 -7.702  -0.949  1.00 9.43  ? 23  LEU A CB  1 
ATOM   183  C  CG  . LEU A 1 28  ? -12.813 -6.631  0.014   1.00 8.86  ? 23  LEU A CG  1 
ATOM   184  C  CD1 . LEU A 1 28  ? -11.989 -5.380  -0.151  1.00 7.82  ? 23  LEU A CD1 1 
ATOM   185  C  CD2 . LEU A 1 28  ? -14.266 -6.339  -0.234  1.00 8.85  ? 23  LEU A CD2 1 
ATOM   186  N  N   . GLY A 1 29  ? -11.931 -11.069 -1.787  1.00 8.87  ? 24  GLY A N   1 
ATOM   187  C  CA  . GLY A 1 29  ? -11.578 -12.063 -2.786  1.00 9.30  ? 24  GLY A CA  1 
ATOM   188  C  C   . GLY A 1 29  ? -10.185 -11.909 -3.354  1.00 9.59  ? 24  GLY A C   1 
ATOM   189  O  O   . GLY A 1 29  ? -9.866  -12.416 -4.420  1.00 9.58  ? 24  GLY A O   1 
ATOM   190  N  N   . TYR A 1 30  ? -9.381  -11.164 -2.614  1.00 10.00 ? 25  TYR A N   1 
ATOM   191  C  CA  . TYR A 1 30  ? -7.961  -10.897 -2.957  1.00 10.13 ? 25  TYR A CA  1 
ATOM   192  C  C   . TYR A 1 30  ? -6.988  -11.711 -2.117  1.00 10.53 ? 25  TYR A C   1 
ATOM   193  O  O   . TYR A 1 30  ? -6.700  -11.382 -0.972  1.00 10.08 ? 25  TYR A O   1 
ATOM   194  C  CB  . TYR A 1 30  ? -7.634  -9.419  -2.765  1.00 10.00 ? 25  TYR A CB  1 
ATOM   195  C  CG  . TYR A 1 30  ? -8.220  -8.508  -3.794  1.00 9.80  ? 25  TYR A CG  1 
ATOM   196  C  CD1 . TYR A 1 30  ? -7.639  -8.400  -5.038  1.00 10.71 ? 25  TYR A CD1 1 
ATOM   197  C  CD2 . TYR A 1 30  ? -9.336  -7.722  -3.512  1.00 9.51  ? 25  TYR A CD2 1 
ATOM   198  C  CE1 . TYR A 1 30  ? -8.156  -7.564  -5.992  1.00 12.07 ? 25  TYR A CE1 1 
ATOM   199  C  CE2 . TYR A 1 30  ? -9.866  -6.874  -4.453  1.00 10.38 ? 25  TYR A CE2 1 
ATOM   200  C  CZ  . TYR A 1 30  ? -9.266  -6.793  -5.706  1.00 12.94 ? 25  TYR A CZ  1 
ATOM   201  O  OH  . TYR A 1 30  ? -9.754  -5.965  -6.711  1.00 13.75 ? 25  TYR A OH  1 
ATOM   202  N  N   . GLU A 1 31  ? -6.462  -12.746 -2.748  1.00 11.19 ? 26  GLU A N   1 
ATOM   203  C  CA  . GLU A 1 31  ? -5.718  -13.827 -2.070  1.00 11.65 ? 26  GLU A CA  1 
ATOM   204  C  C   . GLU A 1 31  ? -4.230  -13.887 -2.411  1.00 11.23 ? 26  GLU A C   1 
ATOM   205  O  O   . GLU A 1 31  ? -3.404  -14.416 -1.668  1.00 10.92 ? 26  GLU A O   1 
ATOM   206  C  CB  . GLU A 1 31  ? -6.352  -15.190 -2.384  1.00 12.16 ? 26  GLU A CB  1 
ATOM   207  C  CG  . GLU A 1 31  ? -7.902  -15.228 -2.368  1.00 14.63 ? 26  GLU A CG  1 
ATOM   208  C  CD  . GLU A 1 31  ? -8.537  -15.114 -0.977  1.00 16.30 ? 26  GLU A CD  1 
ATOM   209  O  OE1 . GLU A 1 31  ? -7.874  -15.391 0.037   1.00 17.05 ? 26  GLU A OE1 1 
ATOM   210  O  OE2 . GLU A 1 31  ? -9.726  -14.751 -0.906  1.00 19.73 ? 26  GLU A OE2 1 
ATOM   211  N  N   . ASP A 1 32  ? -3.903  -13.346 -3.560  1.00 11.05 ? 27  ASP A N   1 
ATOM   212  C  CA  . ASP A 1 32  ? -2.506  -13.301 -3.996  1.00 10.80 ? 27  ASP A CA  1 
ATOM   213  C  C   . ASP A 1 32  ? -1.837  -12.058 -3.446  1.00 9.96  ? 27  ASP A C   1 
ATOM   214  O  O   . ASP A 1 32  ? -1.589  -11.081 -4.136  1.00 9.75  ? 27  ASP A O   1 
ATOM   215  C  CB  . ASP A 1 32  ? -2.403  -13.336 -5.512  1.00 11.10 ? 27  ASP A CB  1 
ATOM   216  C  CG  . ASP A 1 32  ? -1.055  -13.850 -5.987  1.00 11.51 ? 27  ASP A CG  1 
ATOM   217  O  OD1 . ASP A 1 32  ? -0.020  -13.582 -5.305  1.00 11.41 ? 27  ASP A OD1 1 
ATOM   218  O  OD2 . ASP A 1 32  ? -1.042  -14.516 -7.046  1.00 11.26 ? 27  ASP A OD2 1 
ATOM   219  N  N   . VAL A 1 33  ? -1.573  -12.137 -2.160  1.00 9.26  ? 28  VAL A N   1 
ATOM   220  C  CA  . VAL A 1 33  ? -1.030  -11.024 -1.384  1.00 8.52  ? 28  VAL A CA  1 
ATOM   221  C  C   . VAL A 1 33  ? 0.355   -11.334 -0.898  1.00 8.00  ? 28  VAL A C   1 
ATOM   222  O  O   . VAL A 1 33  ? 0.611   -12.365 -0.326  1.00 8.55  ? 28  VAL A O   1 
ATOM   223  C  CB  . VAL A 1 33  ? -1.944  -10.662 -0.201  1.00 8.44  ? 28  VAL A CB  1 
ATOM   224  C  CG1 . VAL A 1 33  ? -1.242  -9.744  0.788   1.00 7.14  ? 28  VAL A CG1 1 
ATOM   225  C  CG2 . VAL A 1 33  ? -3.205  -10.017 -0.722  1.00 8.19  ? 28  VAL A CG2 1 
ATOM   226  N  N   . LEU A 1 34  ? 1.250   -10.413 -1.181  1.00 7.75  ? 29  LEU A N   1 
ATOM   227  C  CA  . LEU A 1 34  ? 2.627   -10.472 -0.702  1.00 7.27  ? 29  LEU A CA  1 
ATOM   228  C  C   . LEU A 1 34  ? 2.849   -9.350  0.296   1.00 6.74  ? 29  LEU A C   1 
ATOM   229  O  O   . LEU A 1 34  ? 2.352   -8.251  0.153   1.00 5.65  ? 29  LEU A O   1 
ATOM   230  C  CB  . LEU A 1 34  ? 3.604   -10.376 -1.874  1.00 7.45  ? 29  LEU A CB  1 
ATOM   231  C  CG  . LEU A 1 34  ? 5.088   -10.623 -1.583  1.00 8.09  ? 29  LEU A CG  1 
ATOM   232  C  CD1 . LEU A 1 34  ? 5.331   -12.073 -1.173  1.00 7.24  ? 29  LEU A CD1 1 
ATOM   233  C  CD2 . LEU A 1 34  ? 5.950   -10.231 -2.801  1.00 8.14  ? 29  LEU A CD2 1 
ATOM   234  N  N   . GLU A 1 35  ? 3.588   -9.675  1.338   1.00 6.99  ? 30  GLU A N   1 
ATOM   235  C  CA  . GLU A 1 35  ? 3.890   -8.723  2.409   1.00 6.99  ? 30  GLU A CA  1 
ATOM   236  C  C   . GLU A 1 35  ? 5.335   -8.305  2.451   1.00 6.33  ? 30  GLU A C   1 
ATOM   237  O  O   . GLU A 1 35  ? 6.222   -8.979  1.981   1.00 5.72  ? 30  GLU A O   1 
ATOM   238  C  CB  . GLU A 1 35  ? 3.534   -9.299  3.770   1.00 7.27  ? 30  GLU A CB  1 
ATOM   239  C  CG  . GLU A 1 35  ? 2.103   -9.732  3.887   1.00 8.77  ? 30  GLU A CG  1 
ATOM   240  C  CD  . GLU A 1 35  ? 1.667   -9.948  5.318   1.00 7.98  ? 30  GLU A CD  1 
ATOM   241  O  OE1 . GLU A 1 35  ? 2.534   -10.116 6.196   1.00 6.36  ? 30  GLU A OE1 1 
ATOM   242  O  OE2 . GLU A 1 35  ? 0.443   -9.943  5.538   1.00 10.27 ? 30  GLU A OE2 1 
ATOM   243  N  N   . ALA A 1 36  ? 5.523   -7.142  3.029   1.00 6.52  ? 31  ALA A N   1 
ATOM   244  C  CA  . ALA A 1 36  ? 6.847   -6.641  3.371   1.00 6.76  ? 31  ALA A CA  1 
ATOM   245  C  C   . ALA A 1 36  ? 6.753   -5.807  4.623   1.00 6.79  ? 31  ALA A C   1 
ATOM   246  O  O   . ALA A 1 36  ? 5.755   -5.184  4.887   1.00 6.10  ? 31  ALA A O   1 
ATOM   247  C  CB  . ALA A 1 36  ? 7.455   -5.817  2.210   1.00 6.47  ? 31  ALA A CB  1 
ATOM   248  N  N   . GLU A 1 37  ? 7.835   -5.822  5.370   1.00 8.01  ? 32  GLU A N   1 
ATOM   249  C  CA  . GLU A 1 37  ? 7.954   -5.099  6.646   1.00 8.68  ? 32  GLU A CA  1 
ATOM   250  C  C   . GLU A 1 37  ? 8.385   -3.659  6.468   1.00 8.29  ? 32  GLU A C   1 
ATOM   251  O  O   . GLU A 1 37  ? 7.973   -2.755  7.202   1.00 8.69  ? 32  GLU A O   1 
ATOM   252  C  CB  . GLU A 1 37  ? 8.975   -5.780  7.564   1.00 9.59  ? 32  GLU A CB  1 
ATOM   253  C  CG  . GLU A 1 37  ? 8.424   -6.691  8.626   1.00 11.98 ? 32  GLU A CG  1 
ATOM   254  C  CD  . GLU A 1 37  ? 9.526   -7.168  9.582   1.00 15.80 ? 32  GLU A CD  1 
ATOM   255  O  OE1 . GLU A 1 37  ? 9.563   -6.692  10.742  1.00 16.51 ? 32  GLU A OE1 1 
ATOM   256  O  OE2 . GLU A 1 37  ? 10.366  -8.008  9.164   1.00 16.81 ? 32  GLU A OE2 1 
ATOM   257  N  N   . HIS A 1 38  ? 9.291   -3.472  5.530   1.00 7.78  ? 33  HIS A N   1 
ATOM   258  C  CA  . HIS A 1 38  ? 9.845   -2.146  5.275   1.00 7.07  ? 33  HIS A CA  1 
ATOM   259  C  C   . HIS A 1 38  ? 9.971   -1.878  3.811   1.00 6.56  ? 33  HIS A C   1 
ATOM   260  O  O   . HIS A 1 38  ? 9.782   -2.751  2.982   1.00 6.15  ? 33  HIS A O   1 
ATOM   261  C  CB  . HIS A 1 38  ? 11.211  -1.965  5.915   1.00 7.19  ? 33  HIS A CB  1 
ATOM   262  C  CG  . HIS A 1 38  ? 11.378  -2.647  7.237   1.00 8.02  ? 33  HIS A CG  1 
ATOM   263  N  ND1 . HIS A 1 38  ? 12.067  -3.830  7.375   1.00 8.31  ? 33  HIS A ND1 1 
ATOM   264  C  CD2 . HIS A 1 38  ? 10.998  -2.282  8.488   1.00 8.03  ? 33  HIS A CD2 1 
ATOM   265  C  CE1 . HIS A 1 38  ? 12.086  -4.175  8.652   1.00 8.48  ? 33  HIS A CE1 1 
ATOM   266  N  NE2 . HIS A 1 38  ? 11.446  -3.252  9.348   1.00 6.31  ? 33  HIS A NE2 1 
ATOM   267  N  N   . GLY A 1 39  ? 10.339  -0.644  3.540   1.00 6.15  ? 34  GLY A N   1 
ATOM   268  C  CA  . GLY A 1 39  ? 10.478  -0.137  2.186   1.00 6.00  ? 34  GLY A CA  1 
ATOM   269  C  C   . GLY A 1 39  ? 11.499  -0.865  1.343   1.00 5.96  ? 34  GLY A C   1 
ATOM   270  O  O   . GLY A 1 39  ? 11.289  -1.105  0.160   1.00 5.73  ? 34  GLY A O   1 
ATOM   271  N  N   . VAL A 1 40  ? 12.603  -1.232  1.973   1.00 5.81  ? 35  VAL A N   1 
ATOM   272  C  CA  . VAL A 1 40  ? 13.705  -1.913  1.263   1.00 6.01  ? 35  VAL A CA  1 
ATOM   273  C  C   . VAL A 1 40  ? 13.275  -3.259  0.686   1.00 5.79  ? 35  VAL A C   1 
ATOM   274  O  O   . VAL A 1 40  ? 13.562  -3.610  -0.464  1.00 4.69  ? 35  VAL A O   1 
ATOM   275  C  CB  . VAL A 1 40  ? 14.975  -2.069  2.129   1.00 5.94  ? 35  VAL A CB  1 
ATOM   276  C  CG1 . VAL A 1 40  ? 16.050  -2.873  1.402   1.00 4.89  ? 35  VAL A CG1 1 
ATOM   277  C  CG2 . VAL A 1 40  ? 15.512  -0.703  2.444   1.00 7.63  ? 35  VAL A CG2 1 
ATOM   278  N  N   . GLU A 1 41  ? 12.553  -3.968  1.534   1.00 6.13  ? 36  GLU A N   1 
ATOM   279  C  CA  . GLU A 1 41  ? 12.048  -5.326  1.258   1.00 6.14  ? 36  GLU A CA  1 
ATOM   280  C  C   . GLU A 1 41  ? 10.940  -5.278  0.237   1.00 6.23  ? 36  GLU A C   1 
ATOM   281  O  O   . GLU A 1 41  ? 10.813  -6.143  -0.622  1.00 6.48  ? 36  GLU A O   1 
ATOM   282  C  CB  . GLU A 1 41  ? 11.542  -5.990  2.538   1.00 6.24  ? 36  GLU A CB  1 
ATOM   283  C  CG  . GLU A 1 41  ? 10.915  -7.344  2.356   1.00 6.25  ? 36  GLU A CG  1 
ATOM   284  C  CD  . GLU A 1 41  ? 10.249  -7.840  3.631   1.00 6.77  ? 36  GLU A CD  1 
ATOM   285  O  OE1 . GLU A 1 41  ? 10.322  -7.164  4.675   1.00 8.02  ? 36  GLU A OE1 1 
ATOM   286  O  OE2 . GLU A 1 41  ? 9.642   -8.915  3.587   1.00 8.63  ? 36  GLU A OE2 1 
ATOM   287  N  N   . ALA A 1 42  ? 10.165  -4.212  0.351   1.00 6.08  ? 37  ALA A N   1 
ATOM   288  C  CA  . ALA A 1 42  ? 9.072   -3.903  -0.581  1.00 5.97  ? 37  ALA A CA  1 
ATOM   289  C  C   . ALA A 1 42  ? 9.658   -3.693  -1.962  1.00 5.88  ? 37  ALA A C   1 
ATOM   290  O  O   . ALA A 1 42  ? 9.249   -4.303  -2.941  1.00 4.50  ? 37  ALA A O   1 
ATOM   291  C  CB  . ALA A 1 42  ? 8.295   -2.655  -0.151  1.00 5.10  ? 37  ALA A CB  1 
ATOM   292  N  N   . TRP A 1 43  ? 10.636  -2.808  -1.995  1.00 6.38  ? 38  TRP A N   1 
ATOM   293  C  CA  . TRP A 1 43  ? 11.318  -2.458  -3.238  1.00 7.24  ? 38  TRP A CA  1 
ATOM   294  C  C   . TRP A 1 43  ? 11.950  -3.654  -3.890  1.00 7.85  ? 38  TRP A C   1 
ATOM   295  O  O   . TRP A 1 43  ? 11.830  -3.868  -5.084  1.00 7.74  ? 38  TRP A O   1 
ATOM   296  C  CB  . TRP A 1 43  ? 12.379  -1.363  -3.073  1.00 7.57  ? 38  TRP A CB  1 
ATOM   297  C  CG  . TRP A 1 43  ? 13.005  -1.156  -4.384  1.00 7.45  ? 38  TRP A CG  1 
ATOM   298  C  CD1 . TRP A 1 43  ? 14.286  -1.491  -4.768  1.00 7.40  ? 38  TRP A CD1 1 
ATOM   299  C  CD2 . TRP A 1 43  ? 12.346  -0.693  -5.557  1.00 8.15  ? 38  TRP A CD2 1 
ATOM   300  N  NE1 . TRP A 1 43  ? 14.467  -1.210  -6.102  1.00 6.52  ? 38  TRP A NE1 1 
ATOM   301  C  CE2 . TRP A 1 43  ? 13.291  -0.728  -6.612  1.00 8.35  ? 38  TRP A CE2 1 
ATOM   302  C  CE3 . TRP A 1 43  ? 11.057  -0.233  -5.822  1.00 5.70  ? 38  TRP A CE3 1 
ATOM   303  C  CZ2 . TRP A 1 43  ? 12.973  -0.325  -7.886  1.00 8.14  ? 38  TRP A CZ2 1 
ATOM   304  C  CZ3 . TRP A 1 43  ? 10.756  0.168   -7.088  1.00 6.35  ? 38  TRP A CZ3 1 
ATOM   305  C  CH2 . TRP A 1 43  ? 11.697  0.123   -8.100  1.00 8.20  ? 38  TRP A CH2 1 
ATOM   306  N  N   . GLU A 1 44  ? 12.637  -4.432  -3.080  1.00 9.54  ? 39  GLU A N   1 
ATOM   307  C  CA  . GLU A 1 44  ? 13.277  -5.683  -3.547  1.00 10.88 ? 39  GLU A CA  1 
ATOM   308  C  C   . GLU A 1 44  ? 12.276  -6.603  -4.237  1.00 10.33 ? 39  GLU A C   1 
ATOM   309  O  O   . GLU A 1 44  ? 12.541  -7.188  -5.283  1.00 10.86 ? 39  GLU A O   1 
ATOM   310  C  CB  . GLU A 1 44  ? 13.955  -6.453  -2.401  1.00 11.60 ? 39  GLU A CB  1 
ATOM   311  C  CG  . GLU A 1 44  ? 15.026  -7.437  -2.859  1.00 15.66 ? 39  GLU A CG  1 
ATOM   312  C  CD  . GLU A 1 44  ? 14.491  -8.694  -3.569  1.00 21.63 ? 39  GLU A CD  1 
ATOM   313  O  OE1 . GLU A 1 44  ? 13.371  -9.180  -3.214  1.00 24.22 ? 39  GLU A OE1 1 
ATOM   314  O  OE2 . GLU A 1 44  ? 15.219  -9.203  -4.476  1.00 23.95 ? 39  GLU A OE2 1 
ATOM   315  N  N   . LYS A 1 45  ? 11.124  -6.719  -3.610  1.00 9.67  ? 40  LYS A N   1 
ATOM   316  C  CA  . LYS A 1 45  ? 10.084  -7.640  -4.063  1.00 9.35  ? 40  LYS A CA  1 
ATOM   317  C  C   . LYS A 1 45  ? 9.437   -7.154  -5.350  1.00 9.47  ? 40  LYS A C   1 
ATOM   318  O  O   . LYS A 1 45  ? 9.215   -7.915  -6.285  1.00 9.64  ? 40  LYS A O   1 
ATOM   319  C  CB  . LYS A 1 45  ? 9.057   -7.900  -2.969  1.00 9.14  ? 40  LYS A CB  1 
ATOM   320  C  CG  . LYS A 1 45  ? 9.596   -8.835  -1.928  1.00 9.52  ? 40  LYS A CG  1 
ATOM   321  C  CD  . LYS A 1 45  ? 8.811   -8.789  -0.633  1.00 10.16 ? 40  LYS A CD  1 
ATOM   322  C  CE  . LYS A 1 45  ? 9.137   -9.990  0.243   1.00 10.46 ? 40  LYS A CE  1 
ATOM   323  N  NZ  . LYS A 1 45  ? 8.502   -9.940  1.597   1.00 10.40 ? 40  LYS A NZ  1 
ATOM   324  N  N   . LEU A 1 46  ? 9.187   -5.857  -5.394  1.00 9.49  ? 41  LEU A N   1 
ATOM   325  C  CA  . LEU A 1 46  ? 8.705   -5.200  -6.612  1.00 9.53  ? 41  LEU A CA  1 
ATOM   326  C  C   . LEU A 1 46  ? 9.688   -5.376  -7.741  1.00 9.67  ? 41  LEU A C   1 
ATOM   327  O  O   . LEU A 1 46  ? 9.340   -5.692  -8.867  1.00 8.73  ? 41  LEU A O   1 
ATOM   328  C  CB  . LEU A 1 46  ? 8.462   -3.702  -6.430  1.00 9.54  ? 41  LEU A CB  1 
ATOM   329  C  CG  . LEU A 1 46  ? 7.057   -3.274  -6.055  1.00 11.00 ? 41  LEU A CG  1 
ATOM   330  C  CD1 . LEU A 1 46  ? 7.027   -1.757  -6.011  1.00 11.06 ? 41  LEU A CD1 1 
ATOM   331  C  CD2 . LEU A 1 46  ? 6.043   -3.850  -7.073  1.00 11.60 ? 41  LEU A CD2 1 
ATOM   332  N  N   . ASP A 1 47  ? 10.938  -5.139  -7.424  1.00 10.38 ? 42  ASP A N   1 
ATOM   333  C  CA  . ASP A 1 47  ? 11.967  -5.158  -8.464  1.00 10.59 ? 42  ASP A CA  1 
ATOM   334  C  C   . ASP A 1 47  ? 12.069  -6.525  -9.081  1.00 10.77 ? 42  ASP A C   1 
ATOM   335  O  O   . ASP A 1 47  ? 12.357  -6.670  -10.252 1.00 10.30 ? 42  ASP A O   1 
ATOM   336  C  CB  . ASP A 1 47  ? 13.329  -4.739  -7.930  1.00 10.76 ? 42  ASP A CB  1 
ATOM   337  C  CG  . ASP A 1 47  ? 14.408  -4.875  -8.961  1.00 10.12 ? 42  ASP A CG  1 
ATOM   338  O  OD1 . ASP A 1 47  ? 14.303  -4.216  -10.020 1.00 9.77  ? 42  ASP A OD1 1 
ATOM   339  O  OD2 . ASP A 1 47  ? 15.358  -5.644  -8.704  1.00 9.99  ? 42  ASP A OD2 1 
ATOM   340  N  N   . ALA A 1 48  ? 11.832  -7.532  -8.260  1.00 11.60 ? 43  ALA A N   1 
ATOM   341  C  CA  . ALA A 1 48  ? 12.009  -8.937  -8.675  1.00 11.89 ? 43  ALA A CA  1 
ATOM   342  C  C   . ALA A 1 48  ? 10.726  -9.557  -9.223  1.00 12.53 ? 43  ALA A C   1 
ATOM   343  O  O   . ALA A 1 48  ? 10.721  -10.657 -9.754  1.00 12.82 ? 43  ALA A O   1 
ATOM   344  C  CB  . ALA A 1 48  ? 12.560  -9.767  -7.535  1.00 11.69 ? 43  ALA A CB  1 
ATOM   345  N  N   . ASN A 1 49  ? 9.653   -8.787  -9.121  1.00 12.98 ? 44  ASN A N   1 
ATOM   346  C  CA  . ASN A 1 49  ? 8.308   -9.179  -9.595  1.00 12.88 ? 44  ASN A CA  1 
ATOM   347  C  C   . ASN A 1 49  ? 7.502   -8.007  -10.166 1.00 12.73 ? 44  ASN A C   1 
ATOM   348  O  O   . ASN A 1 49  ? 6.612   -7.445  -9.539  1.00 12.66 ? 44  ASN A O   1 
ATOM   349  C  CB  . ASN A 1 49  ? 7.526   -9.860  -8.460  1.00 13.09 ? 44  ASN A CB  1 
ATOM   350  C  CG  . ASN A 1 49  ? 8.342   -10.953 -7.758  1.00 13.87 ? 44  ASN A CG  1 
ATOM   351  O  OD1 . ASN A 1 49  ? 8.672   -11.971 -8.352  1.00 13.66 ? 44  ASN A OD1 1 
ATOM   352  N  ND2 . ASN A 1 49  ? 8.677   -10.730 -6.491  1.00 15.08 ? 44  ASN A ND2 1 
ATOM   353  N  N   . ALA A 1 50  ? 7.847   -7.675  -11.395 1.00 12.63 ? 45  ALA A N   1 
ATOM   354  C  CA  . ALA A 1 50  ? 7.263   -6.535  -12.122 1.00 12.44 ? 45  ALA A CA  1 
ATOM   355  C  C   . ALA A 1 50  ? 5.792   -6.731  -12.467 1.00 12.28 ? 45  ALA A C   1 
ATOM   356  O  O   . ALA A 1 50  ? 5.096   -5.804  -12.914 1.00 12.48 ? 45  ALA A O   1 
ATOM   357  C  CB  . ALA A 1 50  ? 8.065   -6.234  -13.397 1.00 12.60 ? 45  ALA A CB  1 
ATOM   358  N  N   . ASP A 1 51  ? 5.337   -7.954  -12.247 1.00 11.31 ? 46  ASP A N   1 
ATOM   359  C  CA  . ASP A 1 51  ? 3.935   -8.352  -12.505 1.00 10.50 ? 46  ASP A CA  1 
ATOM   360  C  C   . ASP A 1 51  ? 2.985   -7.948  -11.385 1.00 9.35  ? 46  ASP A C   1 
ATOM   361  O  O   . ASP A 1 51  ? 1.783   -8.071  -11.501 1.00 9.04  ? 46  ASP A O   1 
ATOM   362  C  CB  . ASP A 1 51  ? 3.804   -9.860  -12.808 1.00 10.63 ? 46  ASP A CB  1 
ATOM   363  C  CG  . ASP A 1 51  ? 4.561   -10.739 -11.823 1.00 11.65 ? 46  ASP A CG  1 
ATOM   364  O  OD1 . ASP A 1 51  ? 5.548   -10.252 -11.246 1.00 12.61 ? 46  ASP A OD1 1 
ATOM   365  O  OD2 . ASP A 1 51  ? 4.195   -11.920 -11.638 1.00 13.19 ? 46  ASP A OD2 1 
ATOM   366  N  N   . THR A 1 52  ? 3.553   -7.437  -10.309 1.00 8.11  ? 47  THR A N   1 
ATOM   367  C  CA  . THR A 1 52  ? 2.742   -6.957  -9.196  1.00 6.92  ? 47  THR A CA  1 
ATOM   368  C  C   . THR A 1 52  ? 1.804   -5.899  -9.757  1.00 5.85  ? 47  THR A C   1 
ATOM   369  O  O   . THR A 1 52  ? 2.208   -5.024  -10.500 1.00 5.10  ? 47  THR A O   1 
ATOM   370  C  CB  . THR A 1 52  ? 3.586   -6.353  -8.038  1.00 6.89  ? 47  THR A CB  1 
ATOM   371  O  OG1 . THR A 1 52  ? 4.548   -7.299  -7.589  1.00 5.98  ? 47  THR A OG1 1 
ATOM   372  C  CG2 . THR A 1 52  ? 2.701   -5.952  -6.861  1.00 6.14  ? 47  THR A CG2 1 
ATOM   373  N  N   . LYS A 1 53  ? 0.550   -6.002  -9.355  1.00 4.68  ? 48  LYS A N   1 
ATOM   374  C  CA  . LYS A 1 53  ? -0.534  -5.180  -9.894  1.00 4.13  ? 48  LYS A CA  1 
ATOM   375  C  C   . LYS A 1 53  ? -0.836  -3.946  -9.086  1.00 3.29  ? 48  LYS A C   1 
ATOM   376  O  O   . LYS A 1 53  ? -1.092  -2.893  -9.620  1.00 2.77  ? 48  LYS A O   1 
ATOM   377  C  CB  . LYS A 1 53  ? -1.811  -6.011  -10.051 1.00 4.37  ? 48  LYS A CB  1 
ATOM   378  C  CG  . LYS A 1 53  ? -1.765  -6.985  -11.227 1.00 5.18  ? 48  LYS A CG  1 
ATOM   379  C  CD  . LYS A 1 53  ? -1.579  -6.240  -12.551 1.00 6.16  ? 48  LYS A CD  1 
ATOM   380  C  CE  . LYS A 1 53  ? -1.307  -7.172  -13.702 1.00 5.16  ? 48  LYS A CE  1 
ATOM   381  N  NZ  . LYS A 1 53  ? -0.141  -7.979  -13.402 1.00 6.40  ? 48  LYS A NZ  1 
ATOM   382  N  N   . VAL A 1 54  ? -0.793  -4.112  -7.782  1.00 3.27  ? 49  VAL A N   1 
ATOM   383  C  CA  . VAL A 1 54  ? -1.164  -3.055  -6.835  1.00 3.09  ? 49  VAL A CA  1 
ATOM   384  C  C   . VAL A 1 54  ? -0.226  -3.025  -5.657  1.00 3.77  ? 49  VAL A C   1 
ATOM   385  O  O   . VAL A 1 54  ? 0.115   -4.062  -5.074  1.00 3.71  ? 49  VAL A O   1 
ATOM   386  C  CB  . VAL A 1 54  ? -2.617  -3.248  -6.266  1.00 3.07  ? 49  VAL A CB  1 
ATOM   387  C  CG1 . VAL A 1 54  ? -2.990  -2.087  -5.389  1.00 2.00  ? 49  VAL A CG1 1 
ATOM   388  C  CG2 . VAL A 1 54  ? -3.653  -3.435  -7.369  1.00 2.00  ? 49  VAL A CG2 1 
ATOM   389  N  N   . LEU A 1 55  ? 0.196   -1.817  -5.334  1.00 3.99  ? 50  LEU A N   1 
ATOM   390  C  CA  . LEU A 1 55  ? 0.993   -1.554  -4.138  1.00 4.24  ? 50  LEU A CA  1 
ATOM   391  C  C   . LEU A 1 55  ? 0.146   -0.894  -3.099  1.00 4.16  ? 50  LEU A C   1 
ATOM   392  O  O   . LEU A 1 55  ? -0.484  0.107   -3.337  1.00 3.51  ? 50  LEU A O   1 
ATOM   393  C  CB  . LEU A 1 55  ? 2.180   -0.636  -4.440  1.00 4.48  ? 50  LEU A CB  1 
ATOM   394  C  CG  . LEU A 1 55  ? 3.029   -0.171  -3.235  1.00 4.80  ? 50  LEU A CG  1 
ATOM   395  C  CD1 . LEU A 1 55  ? 3.657   -1.340  -2.491  1.00 2.00  ? 50  LEU A CD1 1 
ATOM   396  C  CD2 . LEU A 1 55  ? 4.118   0.811   -3.682  1.00 5.83  ? 50  LEU A CD2 1 
ATOM   397  N  N   . ILE A 1 56  ? 0.155   -1.494  -1.927  1.00 4.76  ? 51  ILE A N   1 
ATOM   398  C  CA  . ILE A 1 56  ? -0.461  -0.908  -0.740  1.00 4.76  ? 51  ILE A CA  1 
ATOM   399  C  C   . ILE A 1 56  ? 0.593   -0.695  0.312   1.00 4.92  ? 51  ILE A C   1 
ATOM   400  O  O   . ILE A 1 56  ? 1.141   -1.625  0.849   1.00 5.25  ? 51  ILE A O   1 
ATOM   401  C  CB  . ILE A 1 56  ? -1.558  -1.803  -0.141  1.00 4.88  ? 51  ILE A CB  1 
ATOM   402  C  CG1 . ILE A 1 56  ? -2.668  -2.093  -1.152  1.00 4.21  ? 51  ILE A CG1 1 
ATOM   403  C  CG2 . ILE A 1 56  ? -2.150  -1.145  1.073   1.00 3.81  ? 51  ILE A CG2 1 
ATOM   404  C  CD1 . ILE A 1 56  ? -3.726  -2.989  -0.597  1.00 3.44  ? 51  ILE A CD1 1 
ATOM   405  N  N   . THR A 1 57  ? 0.846   0.554   0.628   1.00 4.96  ? 52  THR A N   1 
ATOM   406  C  CA  . THR A 1 57  ? 1.951   0.902   1.513   1.00 4.72  ? 52  THR A CA  1 
ATOM   407  C  C   . THR A 1 57  ? 1.612   1.836   2.658   1.00 4.35  ? 52  THR A C   1 
ATOM   408  O  O   . THR A 1 57  ? 0.882   2.785   2.531   1.00 4.97  ? 52  THR A O   1 
ATOM   409  C  CB  . THR A 1 57  ? 3.146   1.522   0.682   1.00 5.44  ? 52  THR A CB  1 
ATOM   410  O  OG1 . THR A 1 57  ? 4.291   1.740   1.530   1.00 5.32  ? 52  THR A OG1 1 
ATOM   411  C  CG2 . THR A 1 57  ? 2.727   2.840   -0.030  1.00 4.08  ? 52  THR A CG2 1 
ATOM   412  N  N   . ASP A 1 58  ? 2.215   1.514   3.780   1.00 4.07  ? 53  ASP A N   1 
ATOM   413  C  CA  . ASP A 1 58  ? 2.333   2.391   4.967   1.00 4.00  ? 53  ASP A CA  1 
ATOM   414  C  C   . ASP A 1 58  ? 3.274   3.540   4.604   1.00 3.72  ? 53  ASP A C   1 
ATOM   415  O  O   . ASP A 1 58  ? 3.917   3.522   3.570   1.00 3.36  ? 53  ASP A O   1 
ATOM   416  C  CB  . ASP A 1 58  ? 2.904   1.563   6.131   1.00 4.00  ? 53  ASP A CB  1 
ATOM   417  C  CG  . ASP A 1 58  ? 3.026   2.325   7.411   1.00 4.41  ? 53  ASP A CG  1 
ATOM   418  O  OD1 . ASP A 1 58  ? 2.343   3.360   7.580   1.00 6.48  ? 53  ASP A OD1 1 
ATOM   419  O  OD2 . ASP A 1 58  ? 3.814   1.857   8.274   1.00 3.16  ? 53  ASP A OD2 1 
ATOM   420  N  N   . TRP A 1 59  ? 3.332   4.541   5.464   1.00 3.56  ? 54  TRP A N   1 
ATOM   421  C  CA  . TRP A 1 59  ? 4.296   5.654   5.299   1.00 3.36  ? 54  TRP A CA  1 
ATOM   422  C  C   . TRP A 1 59  ? 5.495   5.509   6.246   1.00 3.42  ? 54  TRP A C   1 
ATOM   423  O  O   . TRP A 1 59  ? 6.640   5.348   5.833   1.00 2.32  ? 54  TRP A O   1 
ATOM   424  C  CB  . TRP A 1 59  ? 3.601   7.021   5.482   1.00 2.87  ? 54  TRP A CB  1 
ATOM   425  C  CG  . TRP A 1 59  ? 4.459   8.237   5.181   1.00 3.38  ? 54  TRP A CG  1 
ATOM   426  C  CD1 . TRP A 1 59  ? 5.804   8.361   5.381   1.00 5.57  ? 54  TRP A CD1 1 
ATOM   427  C  CD2 . TRP A 1 59  ? 4.029   9.502   4.667   1.00 3.09  ? 54  TRP A CD2 1 
ATOM   428  N  NE1 . TRP A 1 59  ? 6.229   9.602   5.014   1.00 3.71  ? 54  TRP A NE1 1 
ATOM   429  C  CE2 . TRP A 1 59  ? 5.154   10.325  4.579   1.00 4.21  ? 54  TRP A CE2 1 
ATOM   430  C  CE3 . TRP A 1 59  ? 2.801   10.014  4.272   1.00 4.79  ? 54  TRP A CE3 1 
ATOM   431  C  CZ2 . TRP A 1 59  ? 5.087   11.633  4.117   1.00 4.99  ? 54  TRP A CZ2 1 
ATOM   432  C  CZ3 . TRP A 1 59  ? 2.741   11.301  3.799   1.00 6.09  ? 54  TRP A CZ3 1 
ATOM   433  C  CH2 . TRP A 1 59  ? 3.873   12.096  3.728   1.00 5.65  ? 54  TRP A CH2 1 
ATOM   434  N  N   . ASN A 1 60  ? 5.188   5.596   7.529   1.00 4.15  ? 55  ASN A N   1 
ATOM   435  C  CA  . ASN A 1 60  ? 6.199   5.606   8.603   1.00 4.64  ? 55  ASN A CA  1 
ATOM   436  C  C   . ASN A 1 60  ? 6.752   4.218   8.877   1.00 5.29  ? 55  ASN A C   1 
ATOM   437  O  O   . ASN A 1 60  ? 6.116   3.378   9.487   1.00 5.70  ? 55  ASN A O   1 
ATOM   438  C  CB  . ASN A 1 60  ? 5.660   6.209   9.916   1.00 4.65  ? 55  ASN A CB  1 
ATOM   439  C  CG  . ASN A 1 60  ? 5.373   7.692   9.822   1.00 3.72  ? 55  ASN A CG  1 
ATOM   440  O  OD1 . ASN A 1 60  ? 6.232   8.477   9.506   1.00 4.16  ? 55  ASN A OD1 1 
ATOM   441  N  ND2 . ASN A 1 60  ? 4.158   8.076   10.148  1.00 5.83  ? 55  ASN A ND2 1 
ATOM   442  N  N   . MET A 1 61  ? 7.968   3.993   8.424   1.00 6.34  ? 56  MET A N   1 
ATOM   443  C  CA  . MET A 1 61  ? 8.663   2.750   8.727   1.00 6.70  ? 56  MET A CA  1 
ATOM   444  C  C   . MET A 1 61  ? 10.181  2.881   8.518   1.00 7.12  ? 56  MET A C   1 
ATOM   445  O  O   . MET A 1 61  ? 10.627  3.727   7.751   1.00 6.49  ? 56  MET A O   1 
ATOM   446  C  CB  . MET A 1 61  ? 8.071   1.598   7.918   1.00 6.82  ? 56  MET A CB  1 
ATOM   447  C  CG  . MET A 1 61  ? 7.685   1.962   6.530   1.00 6.50  ? 56  MET A CG  1 
ATOM   448  S  SD  . MET A 1 61  ? 6.860   0.639   5.619   1.00 6.54  ? 56  MET A SD  1 
ATOM   449  C  CE  . MET A 1 61  ? 6.887   1.384   4.003   1.00 5.41  ? 56  MET A CE  1 
ATOM   450  N  N   . PRO A 1 62  ? 10.965  2.082   9.253   1.00 7.69  ? 57  PRO A N   1 
ATOM   451  C  CA  . PRO A 1 62  ? 12.417  2.043   9.091   1.00 8.08  ? 57  PRO A CA  1 
ATOM   452  C  C   . PRO A 1 62  ? 12.769  1.452   7.756   1.00 8.21  ? 57  PRO A C   1 
ATOM   453  O  O   . PRO A 1 62  ? 11.898  0.979   7.022   1.00 8.96  ? 57  PRO A O   1 
ATOM   454  C  CB  . PRO A 1 62  ? 12.898  1.120   10.229  1.00 8.10  ? 57  PRO A CB  1 
ATOM   455  C  CG  . PRO A 1 62  ? 11.714  0.911   11.123  1.00 8.47  ? 57  PRO A CG  1 
ATOM   456  C  CD  . PRO A 1 62  ? 10.490  1.146   10.282  1.00 7.99  ? 57  PRO A CD  1 
ATOM   457  N  N   . GLU A 1 63  ? 14.046  1.500   7.445   1.00 7.75  ? 58  GLU A N   1 
ATOM   458  C  CA  . GLU A 1 63  ? 14.563  0.911   6.203   1.00 7.72  ? 58  GLU A CA  1 
ATOM   459  C  C   . GLU A 1 63  ? 13.784  1.296   4.974   1.00 6.54  ? 58  GLU A C   1 
ATOM   460  O  O   . GLU A 1 63  ? 13.291  0.466   4.236   1.00 6.50  ? 58  GLU A O   1 
ATOM   461  C  CB  . GLU A 1 63  ? 14.586  -0.614  6.301   1.00 7.83  ? 58  GLU A CB  1 
ATOM   462  C  CG  . GLU A 1 63  ? 15.322  -1.130  7.517   1.00 9.14  ? 58  GLU A CG  1 
ATOM   463  C  CD  . GLU A 1 63  ? 15.683  -2.601  7.411   1.00 9.97  ? 58  GLU A CD  1 
ATOM   464  O  OE1 . GLU A 1 63  ? 15.404  -3.208  6.356   1.00 10.55 ? 58  GLU A OE1 1 
ATOM   465  O  OE2 . GLU A 1 63  ? 16.259  -3.134  8.377   1.00 10.27 ? 58  GLU A OE2 1 
ATOM   466  N  N   . MET A 1 64  ? 13.716  2.595   4.811   1.00 5.67  ? 59  MET A N   1 
ATOM   467  C  CA  . MET A 1 64  ? 12.984  3.289   3.741   1.00 5.07  ? 59  MET A CA  1 
ATOM   468  C  C   . MET A 1 64  ? 11.476  3.436   3.985   1.00 4.16  ? 59  MET A C   1 
ATOM   469  O  O   . MET A 1 64  ? 10.718  2.495   3.950   1.00 3.31  ? 59  MET A O   1 
ATOM   470  C  CB  . MET A 1 64  ? 13.258  2.696   2.372   1.00 5.19  ? 59  MET A CB  1 
ATOM   471  C  CG  . MET A 1 64  ? 12.616  3.554   1.283   1.00 6.51  ? 59  MET A CG  1 
ATOM   472  S  SD  . MET A 1 64  ? 13.154  3.241   -0.402  1.00 9.96  ? 59  MET A SD  1 
ATOM   473  C  CE  . MET A 1 64  ? 12.508  1.588   -0.663  1.00 5.89  ? 59  MET A CE  1 
ATOM   474  N  N   . ASN A 1 65  ? 11.078  4.671   4.239   1.00 4.04  ? 60  ASN A N   1 
ATOM   475  C  CA  . ASN A 1 65  ? 9.661   5.005   4.431   1.00 4.18  ? 60  ASN A CA  1 
ATOM   476  C  C   . ASN A 1 65  ? 8.886   4.906   3.125   1.00 3.69  ? 60  ASN A C   1 
ATOM   477  O  O   . ASN A 1 65  ? 9.432   4.815   2.044   1.00 3.72  ? 60  ASN A O   1 
ATOM   478  C  CB  . ASN A 1 65  ? 9.465   6.367   5.109   1.00 3.97  ? 60  ASN A CB  1 
ATOM   479  C  CG  . ASN A 1 65  ? 10.014  7.512   4.297   1.00 3.79  ? 60  ASN A CG  1 
ATOM   480  O  OD1 . ASN A 1 65  ? 9.493   7.847   3.230   1.00 3.45  ? 60  ASN A OD1 1 
ATOM   481  N  ND2 . ASN A 1 65  ? 11.047  8.149   4.818   1.00 3.29  ? 60  ASN A ND2 1 
ATOM   482  N  N   . GLY A 1 66  ? 7.587   4.880   3.288   1.00 3.67  ? 61  GLY A N   1 
ATOM   483  C  CA  . GLY A 1 66  ? 6.645   4.705   2.182   1.00 3.71  ? 61  GLY A CA  1 
ATOM   484  C  C   . GLY A 1 66  ? 6.660   5.799   1.152   1.00 3.20  ? 61  GLY A C   1 
ATOM   485  O  O   . GLY A 1 66  ? 6.427   5.559   0.002   1.00 2.94  ? 61  GLY A O   1 
ATOM   486  N  N   . LEU A 1 67  ? 6.932   7.005   1.603   1.00 3.51  ? 62  LEU A N   1 
ATOM   487  C  CA  . LEU A 1 67  ? 7.050   8.169   0.717   1.00 3.83  ? 62  LEU A CA  1 
ATOM   488  C  C   . LEU A 1 67  ? 8.214   7.969   -0.242  1.00 3.55  ? 62  LEU A C   1 
ATOM   489  O  O   . LEU A 1 67  ? 8.092   8.148   -1.432  1.00 2.52  ? 62  LEU A O   1 
ATOM   490  C  CB  . LEU A 1 67  ? 7.207   9.509   1.488   1.00 3.86  ? 62  LEU A CB  1 
ATOM   491  C  CG  . LEU A 1 67  ? 7.074   10.757  0.576   1.00 4.42  ? 62  LEU A CG  1 
ATOM   492  C  CD1 . LEU A 1 67  ? 5.614   11.014  0.230   1.00 6.86  ? 62  LEU A CD1 1 
ATOM   493  C  CD2 . LEU A 1 67  ? 7.714   12.022  1.117   1.00 2.41  ? 62  LEU A CD2 1 
ATOM   494  N  N   . ASP A 1 68  ? 9.339   7.558   0.304   1.00 4.02  ? 63  ASP A N   1 
ATOM   495  C  CA  . ASP A 1 68  ? 10.558  7.356   -0.510  1.00 4.38  ? 63  ASP A CA  1 
ATOM   496  C  C   . ASP A 1 68  ? 10.366  6.178   -1.462  1.00 4.21  ? 63  ASP A C   1 
ATOM   497  O  O   . ASP A 1 68  ? 10.808  6.163   -2.608  1.00 4.50  ? 63  ASP A O   1 
ATOM   498  C  CB  . ASP A 1 68  ? 11.814  7.183   0.355   1.00 4.26  ? 63  ASP A CB  1 
ATOM   499  C  CG  . ASP A 1 68  ? 12.328  8.504   0.921   1.00 4.34  ? 63  ASP A CG  1 
ATOM   500  O  OD1 . ASP A 1 68  ? 11.783  9.559   0.573   1.00 5.55  ? 63  ASP A OD1 1 
ATOM   501  O  OD2 . ASP A 1 68  ? 13.277  8.501   1.731   1.00 6.07  ? 63  ASP A OD2 1 
ATOM   502  N  N   . LEU A 1 69  ? 9.655   5.201   -0.957  1.00 4.05  ? 64  LEU A N   1 
ATOM   503  C  CA  . LEU A 1 69  ? 9.296   4.008   -1.738  1.00 3.87  ? 64  LEU A CA  1 
ATOM   504  C  C   . LEU A 1 69  ? 8.449   4.356   -2.949  1.00 4.03  ? 64  LEU A C   1 
ATOM   505  O  O   . LEU A 1 69  ? 8.668   3.870   -4.048  1.00 3.95  ? 64  LEU A O   1 
ATOM   506  C  CB  . LEU A 1 69  ? 8.586   2.950   -0.867  1.00 3.69  ? 64  LEU A CB  1 
ATOM   507  C  CG  . LEU A 1 69  ? 7.985   1.763   -1.623  1.00 3.54  ? 64  LEU A CG  1 
ATOM   508  C  CD1 . LEU A 1 69  ? 9.094   0.960   -2.391  1.00 2.00  ? 64  LEU A CD1 1 
ATOM   509  C  CD2 . LEU A 1 69  ? 7.139   0.900   -0.682  1.00 2.00  ? 64  LEU A CD2 1 
ATOM   510  N  N   . VAL A 1 70  ? 7.478   5.217   -2.720  1.00 4.40  ? 65  VAL A N   1 
ATOM   511  C  CA  . VAL A 1 70  ? 6.507   5.573   -3.749  1.00 4.58  ? 65  VAL A CA  1 
ATOM   512  C  C   . VAL A 1 70  ? 7.160   6.361   -4.862  1.00 4.57  ? 65  VAL A C   1 
ATOM   513  O  O   . VAL A 1 70  ? 6.868   6.171   -6.038  1.00 4.37  ? 65  VAL A O   1 
ATOM   514  C  CB  . VAL A 1 70  ? 5.276   6.347   -3.176  1.00 5.11  ? 65  VAL A CB  1 
ATOM   515  C  CG1 . VAL A 1 70  ? 4.525   7.078   -4.285  1.00 3.43  ? 65  VAL A CG1 1 
ATOM   516  C  CG2 . VAL A 1 70  ? 4.351   5.374   -2.423  1.00 4.80  ? 65  VAL A CG2 1 
ATOM   517  N  N   . LYS A 1 71  ? 8.049   7.253   -4.468  1.00 4.49  ? 66  LYS A N   1 
ATOM   518  C  CA  . LYS A 1 71  ? 8.782   8.075   -5.444  1.00 4.75  ? 66  LYS A CA  1 
ATOM   519  C  C   . LYS A 1 71  ? 9.680   7.187   -6.309  1.00 4.77  ? 66  LYS A C   1 
ATOM   520  O  O   . LYS A 1 71  ? 9.808   7.366   -7.516  1.00 4.35  ? 66  LYS A O   1 
ATOM   521  C  CB  . LYS A 1 71  ? 9.640   9.147   -4.773  1.00 4.84  ? 66  LYS A CB  1 
ATOM   522  C  CG  . LYS A 1 71  ? 8.896   10.240  -4.054  1.00 5.53  ? 66  LYS A CG  1 
ATOM   523  C  CD  . LYS A 1 71  ? 9.866   11.225  -3.454  1.00 6.33  ? 66  LYS A CD  1 
ATOM   524  C  CE  . LYS A 1 71  ? 9.142   12.183  -2.548  1.00 8.99  ? 66  LYS A CE  1 
ATOM   525  N  NZ  . LYS A 1 71  ? 10.021  13.239  -1.954  1.00 10.40 ? 66  LYS A NZ  1 
ATOM   526  N  N   . LYS A 1 72  ? 10.279  6.216   -5.652  1.00 4.85  ? 67  LYS A N   1 
ATOM   527  C  CA  . LYS A 1 72  ? 11.179  5.280   -6.308  1.00 5.57  ? 67  LYS A CA  1 
ATOM   528  C  C   . LYS A 1 72  ? 10.438  4.434   -7.315  1.00 5.87  ? 67  LYS A C   1 
ATOM   529  O  O   . LYS A 1 72  ? 10.878  4.208   -8.440  1.00 5.91  ? 67  LYS A O   1 
ATOM   530  C  CB  . LYS A 1 72  ? 11.856  4.361   -5.300  1.00 6.25  ? 67  LYS A CB  1 
ATOM   531  C  CG  . LYS A 1 72  ? 12.645  3.266   -5.945  1.00 6.98  ? 67  LYS A CG  1 
ATOM   532  C  CD  . LYS A 1 72  ? 14.110  3.473   -5.800  1.00 8.34  ? 67  LYS A CD  1 
ATOM   533  C  CE  . LYS A 1 72  ? 14.575  2.560   -4.771  1.00 7.49  ? 67  LYS A CE  1 
ATOM   534  N  NZ  . LYS A 1 72  ? 13.426  2.445   -3.882  1.00 7.73  ? 67  LYS A NZ  1 
ATOM   535  N  N   . VAL A 1 73  ? 9.289   3.977   -6.875  1.00 6.12  ? 68  VAL A N   1 
ATOM   536  C  CA  . VAL A 1 73  ? 8.386   3.180   -7.715  1.00 6.09  ? 68  VAL A CA  1 
ATOM   537  C  C   . VAL A 1 73  ? 7.913   3.937   -8.953  1.00 6.94  ? 68  VAL A C   1 
ATOM   538  O  O   . VAL A 1 73  ? 7.926   3.430   -10.057 1.00 7.30  ? 68  VAL A O   1 
ATOM   539  C  CB  . VAL A 1 73  ? 7.172   2.632   -6.907  1.00 5.88  ? 68  VAL A CB  1 
ATOM   540  C  CG1 . VAL A 1 73  ? 6.122   2.015   -7.841  1.00 5.12  ? 68  VAL A CG1 1 
ATOM   541  C  CG2 . VAL A 1 73  ? 7.657   1.619   -5.906  1.00 2.66  ? 68  VAL A CG2 1 
ATOM   542  N  N   . ARG A 1 74  ? 7.499   5.168   -8.739  1.00 8.25  ? 69  ARG A N   1 
ATOM   543  C  CA  . ARG A 1 74  ? 6.988   6.035   -9.816  1.00 8.71  ? 69  ARG A CA  1 
ATOM   544  C  C   . ARG A 1 74  ? 8.063   6.411   -10.805 1.00 10.28 ? 69  ARG A C   1 
ATOM   545  O  O   . ARG A 1 74  ? 7.776   6.772   -11.940 1.00 11.25 ? 69  ARG A O   1 
ATOM   546  C  CB  . ARG A 1 74  ? 6.352   7.329   -9.274  1.00 8.62  ? 69  ARG A CB  1 
ATOM   547  C  CG  . ARG A 1 74  ? 4.926   7.186   -8.762  1.00 6.78  ? 69  ARG A CG  1 
ATOM   548  C  CD  . ARG A 1 74  ? 3.943   6.780   -9.862  1.00 5.80  ? 69  ARG A CD  1 
ATOM   549  N  NE  . ARG A 1 74  ? 2.591   6.633   -9.341  1.00 5.08  ? 69  ARG A NE  1 
ATOM   550  C  CZ  . ARG A 1 74  ? 1.877   5.516   -9.328  1.00 3.91  ? 69  ARG A CZ  1 
ATOM   551  N  NH1 . ARG A 1 74  ? 2.336   4.403   -9.848  1.00 6.97  ? 69  ARG A NH1 1 
ATOM   552  N  NH2 . ARG A 1 74  ? 0.671   5.532   -8.813  1.00 4.49  ? 69  ARG A NH2 1 
ATOM   553  N  N   . SER A 1 75  ? 9.304   6.340   -10.355 1.00 11.51 ? 70  SER A N   1 
ATOM   554  C  CA  . SER A 1 75  ? 10.479  6.693   -11.181 1.00 12.15 ? 70  SER A CA  1 
ATOM   555  C  C   . SER A 1 75  ? 10.925  5.557   -12.076 1.00 12.16 ? 70  SER A C   1 
ATOM   556  O  O   . SER A 1 75  ? 11.565  5.755   -13.102 1.00 12.60 ? 70  SER A O   1 
ATOM   557  C  CB  . SER A 1 75  ? 11.656  7.145   -10.299 1.00 12.60 ? 70  SER A CB  1 
ATOM   558  O  OG  . SER A 1 75  ? 11.370  8.390   -9.654  1.00 14.06 ? 70  SER A OG  1 
ATOM   559  N  N   . ASP A 1 76  ? 10.583  4.359   -11.650 1.00 12.16 ? 71  ASP A N   1 
ATOM   560  C  CA  . ASP A 1 76  ? 10.840  3.148   -12.439 1.00 11.77 ? 71  ASP A CA  1 
ATOM   561  C  C   . ASP A 1 76  ? 9.870   3.185   -13.600 1.00 11.55 ? 71  ASP A C   1 
ATOM   562  O  O   . ASP A 1 76  ? 8.727   3.563   -13.453 1.00 11.74 ? 71  ASP A O   1 
ATOM   563  C  CB  . ASP A 1 76  ? 10.645  1.885   -11.587 1.00 11.55 ? 71  ASP A CB  1 
ATOM   564  C  CG  . ASP A 1 76  ? 11.300  0.657   -12.190 1.00 11.65 ? 71  ASP A CG  1 
ATOM   565  O  OD1 . ASP A 1 76  ? 10.757  0.133   -13.177 1.00 12.48 ? 71  ASP A OD1 1 
ATOM   566  O  OD2 . ASP A 1 76  ? 12.327  0.191   -11.651 1.00 10.86 ? 71  ASP A OD2 1 
ATOM   567  N  N   . SER A 1 77  ? 10.348  2.782   -14.754 1.00 11.88 ? 72  SER A N   1 
ATOM   568  C  CA  . SER A 1 77  ? 9.543   2.779   -15.992 1.00 12.07 ? 72  SER A CA  1 
ATOM   569  C  C   . SER A 1 77  ? 8.688   1.530   -16.136 1.00 11.51 ? 72  SER A C   1 
ATOM   570  O  O   . SER A 1 77  ? 7.978   1.338   -17.118 1.00 11.96 ? 72  SER A O   1 
ATOM   571  C  CB  . SER A 1 77  ? 10.435  2.919   -17.231 1.00 12.21 ? 72  SER A CB  1 
ATOM   572  O  OG  . SER A 1 77  ? 11.144  1.720   -17.474 1.00 13.92 ? 72  SER A OG  1 
ATOM   573  N  N   . ARG A 1 78  ? 8.774   0.673   -15.151 1.00 10.77 ? 73  ARG A N   1 
ATOM   574  C  CA  . ARG A 1 78  ? 7.905   -0.499  -15.132 1.00 10.22 ? 73  ARG A CA  1 
ATOM   575  C  C   . ARG A 1 78  ? 6.636   -0.264  -14.324 1.00 9.93  ? 73  ARG A C   1 
ATOM   576  O  O   . ARG A 1 78  ? 5.648   -0.967  -14.457 1.00 9.52  ? 73  ARG A O   1 
ATOM   577  C  CB  . ARG A 1 78  ? 8.649   -1.714  -14.606 1.00 10.01 ? 73  ARG A CB  1 
ATOM   578  C  CG  . ARG A 1 78  ? 9.773   -2.168  -15.498 1.00 9.31  ? 73  ARG A CG  1 
ATOM   579  C  CD  . ARG A 1 78  ? 10.684  -3.117  -14.754 1.00 8.40  ? 73  ARG A CD  1 
ATOM   580  N  NE  . ARG A 1 78  ? 11.207  -2.525  -13.522 1.00 7.88  ? 73  ARG A NE  1 
ATOM   581  C  CZ  . ARG A 1 78  ? 11.789  -3.210  -12.542 1.00 8.77  ? 73  ARG A CZ  1 
ATOM   582  N  NH1 . ARG A 1 78  ? 11.938  -4.520  -12.630 1.00 9.41  ? 73  ARG A NH1 1 
ATOM   583  N  NH2 . ARG A 1 78  ? 12.228  -2.583  -11.465 1.00 9.89  ? 73  ARG A NH2 1 
ATOM   584  N  N   . PHE A 1 79  ? 6.684   0.753   -13.490 1.00 9.71  ? 74  PHE A N   1 
ATOM   585  C  CA  . PHE A 1 79  ? 5.625   0.976   -12.509 1.00 9.70  ? 74  PHE A CA  1 
ATOM   586  C  C   . PHE A 1 79  ? 5.038   2.369   -12.574 1.00 9.81  ? 74  PHE A C   1 
ATOM   587  O  O   . PHE A 1 79  ? 4.661   2.965   -11.576 1.00 9.76  ? 74  PHE A O   1 
ATOM   588  C  CB  . PHE A 1 79  ? 6.127   0.688   -11.089 1.00 9.91  ? 74  PHE A CB  1 
ATOM   589  C  CG  . PHE A 1 79  ? 6.817   -0.654  -10.941 1.00 10.29 ? 74  PHE A CG  1 
ATOM   590  C  CD1 . PHE A 1 79  ? 6.149   -1.829  -11.212 1.00 9.67  ? 74  PHE A CD1 1 
ATOM   591  C  CD2 . PHE A 1 79  ? 8.134   -0.732  -10.545 1.00 10.82 ? 74  PHE A CD2 1 
ATOM   592  C  CE1 . PHE A 1 79  ? 6.783   -3.043  -11.092 1.00 9.90  ? 74  PHE A CE1 1 
ATOM   593  C  CE2 . PHE A 1 79  ? 8.760   -1.948  -10.419 1.00 10.88 ? 74  PHE A CE2 1 
ATOM   594  C  CZ  . PHE A 1 79  ? 8.083   -3.099  -10.689 1.00 10.08 ? 74  PHE A CZ  1 
ATOM   595  N  N   . LYS A 1 80  ? 4.952   2.880   -13.782 1.00 10.11 ? 75  LYS A N   1 
ATOM   596  C  CA  . LYS A 1 80  ? 4.407   4.224   -14.001 1.00 10.42 ? 75  LYS A CA  1 
ATOM   597  C  C   . LYS A 1 80  ? 2.899   4.289   -13.848 1.00 10.02 ? 75  LYS A C   1 
ATOM   598  O  O   . LYS A 1 80  ? 2.335   5.338   -13.590 1.00 10.51 ? 75  LYS A O   1 
ATOM   599  C  CB  . LYS A 1 80  ? 4.838   4.797   -15.357 1.00 11.12 ? 75  LYS A CB  1 
ATOM   600  C  CG  . LYS A 1 80  ? 6.325   5.120   -15.402 1.00 12.14 ? 75  LYS A CG  1 
ATOM   601  C  CD  . LYS A 1 80  ? 6.668   6.028   -16.562 1.00 14.66 ? 75  LYS A CD  1 
ATOM   602  C  CE  . LYS A 1 80  ? 8.165   6.305   -16.568 1.00 15.67 ? 75  LYS A CE  1 
ATOM   603  N  NZ  . LYS A 1 80  ? 8.722   6.312   -15.186 1.00 15.80 ? 75  LYS A NZ  1 
ATOM   604  N  N   . GLU A 1 81  ? 2.247   3.156   -14.006 1.00 9.83  ? 76  GLU A N   1 
ATOM   605  C  CA  . GLU A 1 81  ? 0.773   3.105   -13.922 1.00 9.69  ? 76  GLU A CA  1 
ATOM   606  C  C   . GLU A 1 81  ? 0.246   2.157   -12.855 1.00 9.14  ? 76  GLU A C   1 
ATOM   607  O  O   . GLU A 1 81  ? -0.935  1.826   -12.827 1.00 8.77  ? 76  GLU A O   1 
ATOM   608  C  CB  . GLU A 1 81  ? 0.134   2.734   -15.271 1.00 9.70  ? 76  GLU A CB  1 
ATOM   609  C  CG  . GLU A 1 81  ? 0.550   3.603   -16.447 1.00 10.95 ? 76  GLU A CG  1 
ATOM   610  C  CD  . GLU A 1 81  ? 0.346   5.102   -16.214 1.00 11.53 ? 76  GLU A CD  1 
ATOM   611  O  OE1 . GLU A 1 81  ? -0.457  5.481   -15.327 1.00 12.42 ? 76  GLU A OE1 1 
ATOM   612  O  OE2 . GLU A 1 81  ? 1.004   5.894   -16.928 1.00 10.05 ? 76  GLU A OE2 1 
ATOM   613  N  N   . ILE A 1 82  ? 1.149   1.709   -12.000 1.00 8.29  ? 77  ILE A N   1 
ATOM   614  C  CA  . ILE A 1 82  ? 0.777   0.809   -10.914 1.00 7.44  ? 77  ILE A CA  1 
ATOM   615  C  C   . ILE A 1 82  ? -0.084  1.602   -9.950  1.00 7.05  ? 77  ILE A C   1 
ATOM   616  O  O   . ILE A 1 82  ? 0.305   2.702   -9.534  1.00 6.98  ? 77  ILE A O   1 
ATOM   617  C  CB  . ILE A 1 82  ? 1.997   0.169   -10.173 1.00 7.47  ? 77  ILE A CB  1 
ATOM   618  C  CG1 . ILE A 1 82  ? 1.516   -0.984  -9.271  1.00 7.14  ? 77  ILE A CG1 1 
ATOM   619  C  CG2 . ILE A 1 82  ? 2.781   1.207   -9.378  1.00 6.97  ? 77  ILE A CG2 1 
ATOM   620  C  CD1 . ILE A 1 82  ? 2.640   -1.840  -8.620  1.00 4.10  ? 77  ILE A CD1 1 
ATOM   621  N  N   . PRO A 1 83  ? -1.279  1.083   -9.634  1.00 6.11  ? 78  PRO A N   1 
ATOM   622  C  CA  . PRO A 1 83  ? -2.059  1.692   -8.587  1.00 5.83  ? 78  PRO A CA  1 
ATOM   623  C  C   . PRO A 1 83  ? -1.323  1.545   -7.268  1.00 5.03  ? 78  PRO A C   1 
ATOM   624  O  O   . PRO A 1 83  ? -0.699  0.532   -6.986  1.00 4.83  ? 78  PRO A O   1 
ATOM   625  C  CB  . PRO A 1 83  ? -3.360  0.892   -8.598  1.00 6.26  ? 78  PRO A CB  1 
ATOM   626  C  CG  . PRO A 1 83  ? -3.450  0.340   -9.960  1.00 6.45  ? 78  PRO A CG  1 
ATOM   627  C  CD  . PRO A 1 83  ? -2.043  0.082   -10.384 1.00 5.97  ? 78  PRO A CD  1 
ATOM   628  N  N   . ILE A 1 84  ? -1.393  2.621   -6.517  1.00 4.01  ? 79  ILE A N   1 
ATOM   629  C  CA  . ILE A 1 84  ? -0.733  2.775   -5.239  1.00 3.10  ? 79  ILE A CA  1 
ATOM   630  C  C   . ILE A 1 84  ? -1.670  3.375   -4.231  1.00 3.27  ? 79  ILE A C   1 
ATOM   631  O  O   . ILE A 1 84  ? -2.108  4.519   -4.364  1.00 2.85  ? 79  ILE A O   1 
ATOM   632  C  CB  . ILE A 1 84  ? 0.445   3.769   -5.313  1.00 2.75  ? 79  ILE A CB  1 
ATOM   633  C  CG1 . ILE A 1 84  ? 1.658   3.177   -6.048  1.00 2.00  ? 79  ILE A CG1 1 
ATOM   634  C  CG2 . ILE A 1 84  ? 0.806   4.223   -3.920  1.00 2.41  ? 79  ILE A CG2 1 
ATOM   635  C  CD1 . ILE A 1 84  ? 2.695   4.182   -6.454  1.00 2.00  ? 79  ILE A CD1 1 
ATOM   636  N  N   . ILE A 1 85  ? -1.947  2.574   -3.221  1.00 3.24  ? 80  ILE A N   1 
ATOM   637  C  CA  . ILE A 1 85  ? -2.760  2.984   -2.096  1.00 3.23  ? 80  ILE A CA  1 
ATOM   638  C  C   . ILE A 1 85  ? -1.889  3.163   -0.886  1.00 3.55  ? 80  ILE A C   1 
ATOM   639  O  O   . ILE A 1 85  ? -1.176  2.268   -0.489  1.00 3.69  ? 80  ILE A O   1 
ATOM   640  C  CB  . ILE A 1 85  ? -3.847  1.933   -1.738  1.00 3.39  ? 80  ILE A CB  1 
ATOM   641  C  CG1 . ILE A 1 85  ? -4.611  1.479   -2.979  1.00 3.28  ? 80  ILE A CG1 1 
ATOM   642  C  CG2 . ILE A 1 85  ? -4.792  2.487   -0.670  1.00 2.00  ? 80  ILE A CG2 1 
ATOM   643  C  CD1 . ILE A 1 85  ? -5.542  0.273   -2.703  1.00 2.35  ? 80  ILE A CD1 1 
ATOM   644  N  N   . MET A 1 86  ? -1.975  4.332   -0.282  1.00 3.96  ? 81  MET A N   1 
ATOM   645  C  CA  . MET A 1 86  ? -1.296  4.579   1.002   1.00 3.89  ? 81  MET A CA  1 
ATOM   646  C  C   . MET A 1 86  ? -2.269  4.495   2.162   1.00 3.96  ? 81  MET A C   1 
ATOM   647  O  O   . MET A 1 86  ? -3.321  5.118   2.177   1.00 3.93  ? 81  MET A O   1 
ATOM   648  C  CB  . MET A 1 86  ? -0.600  5.931   1.001   1.00 4.02  ? 81  MET A CB  1 
ATOM   649  C  CG  . MET A 1 86  ? 0.132   6.255   2.294   1.00 3.94  ? 81  MET A CG  1 
ATOM   650  S  SD  . MET A 1 86  ? 1.415   7.522   2.077   1.00 5.14  ? 81  MET A SD  1 
ATOM   651  C  CE  . MET A 1 86  ? 2.724   6.561   1.330   1.00 2.00  ? 81  MET A CE  1 
ATOM   652  N  N   . ILE A 1 87  ? -1.891  3.675   3.123   1.00 3.91  ? 82  ILE A N   1 
ATOM   653  C  CA  . ILE A 1 87  ? -2.649  3.474   4.346   1.00 3.86  ? 82  ILE A CA  1 
ATOM   654  C  C   . ILE A 1 87  ? -1.765  3.845   5.524   1.00 4.00  ? 82  ILE A C   1 
ATOM   655  O  O   . ILE A 1 87  ? -0.760  3.196   5.793   1.00 3.90  ? 82  ILE A O   1 
ATOM   656  C  CB  . ILE A 1 87  ? -3.136  1.990   4.477   1.00 4.02  ? 82  ILE A CB  1 
ATOM   657  C  CG1 . ILE A 1 87  ? -3.922  1.560   3.224   1.00 4.05  ? 82  ILE A CG1 1 
ATOM   658  C  CG2 . ILE A 1 87  ? -3.975  1.813   5.734   1.00 3.13  ? 82  ILE A CG2 1 
ATOM   659  C  CD1 . ILE A 1 87  ? -4.449  0.132   3.254   1.00 2.63  ? 82  ILE A CD1 1 
ATOM   660  N  N   . THR A 1 88  ? -2.159  4.908   6.220   1.00 4.34  ? 83  THR A N   1 
ATOM   661  C  CA  . THR A 1 88  ? -1.283  5.570   7.184   1.00 4.04  ? 83  THR A CA  1 
ATOM   662  C  C   . THR A 1 88  ? -1.980  6.399   8.240   1.00 4.90  ? 83  THR A C   1 
ATOM   663  O  O   . THR A 1 88  ? -3.101  6.884   8.074   1.00 5.60  ? 83  THR A O   1 
ATOM   664  C  CB  . THR A 1 88  ? -0.322  6.495   6.420   1.00 4.11  ? 83  THR A CB  1 
ATOM   665  O  OG1 . THR A 1 88  ? 0.581   7.137   7.324   1.00 2.07  ? 83  THR A OG1 1 
ATOM   666  C  CG2 . THR A 1 88  ? -1.112  7.538   5.615   1.00 2.38  ? 83  THR A CG2 1 
ATOM   667  N  N   . THR A 1 89  ? -1.282  6.545   9.348   1.00 5.61  ? 84  THR A N   1 
ATOM   668  C  CA  . THR A 1 89  ? -1.726  7.411   10.458  1.00 5.69  ? 84  THR A CA  1 
ATOM   669  C  C   . THR A 1 89  ? -1.498  8.886   10.183  1.00 6.29  ? 84  THR A C   1 
ATOM   670  O  O   . THR A 1 89  ? -2.032  9.759   10.859  1.00 5.57  ? 84  THR A O   1 
ATOM   671  C  CB  . THR A 1 89  ? -1.067  7.050   11.800  1.00 5.55  ? 84  THR A CB  1 
ATOM   672  O  OG1 . THR A 1 89  ? 0.359   7.021   11.665  1.00 4.73  ? 84  THR A OG1 1 
ATOM   673  C  CG2 . THR A 1 89  ? -1.589  5.715   12.298  1.00 4.14  ? 84  THR A CG2 1 
ATOM   674  N  N   . GLU A 1 90  ? -0.715  9.133   9.151   1.00 7.43  ? 85  GLU A N   1 
ATOM   675  C  CA  . GLU A 1 90  ? -0.383  10.502  8.738   1.00 8.40  ? 85  GLU A CA  1 
ATOM   676  C  C   . GLU A 1 90  ? -1.609  11.132  8.133   1.00 8.89  ? 85  GLU A C   1 
ATOM   677  O  O   . GLU A 1 90  ? -1.780  11.182  6.920   1.00 9.28  ? 85  GLU A O   1 
ATOM   678  C  CB  . GLU A 1 90  ? 0.758   10.532  7.729   1.00 9.04  ? 85  GLU A CB  1 
ATOM   679  C  CG  . GLU A 1 90  ? 2.131   10.193  8.308   1.00 10.95 ? 85  GLU A CG  1 
ATOM   680  C  CD  . GLU A 1 90  ? 2.520   11.098  9.464   1.00 14.06 ? 85  GLU A CD  1 
ATOM   681  O  OE1 . GLU A 1 90  ? 2.242   12.318  9.392   1.00 14.32 ? 85  GLU A OE1 1 
ATOM   682  O  OE2 . GLU A 1 90  ? 3.101   10.574  10.447  1.00 16.48 ? 85  GLU A OE2 1 
ATOM   683  N  N   . GLY A 1 91  ? -2.461  11.624  9.004   1.00 9.35  ? 86  GLY A N   1 
ATOM   684  C  CA  . GLY A 1 91  ? -3.799  12.097  8.591   1.00 10.11 ? 86  GLY A CA  1 
ATOM   685  C  C   . GLY A 1 91  ? -3.965  13.552  8.166   1.00 9.81  ? 86  GLY A C   1 
ATOM   686  O  O   . GLY A 1 91  ? -4.987  13.954  7.623   1.00 9.85  ? 86  GLY A O   1 
ATOM   687  N  N   . GLY A 1 92  ? -2.931  14.323  8.430   1.00 9.40  ? 87  GLY A N   1 
ATOM   688  C  CA  . GLY A 1 92  ? -2.923  15.748  8.115   1.00 8.84  ? 87  GLY A CA  1 
ATOM   689  C  C   . GLY A 1 92  ? -2.827  15.961  6.625   1.00 8.71  ? 87  GLY A C   1 
ATOM   690  O  O   . GLY A 1 92  ? -2.092  15.269  5.938   1.00 8.48  ? 87  GLY A O   1 
ATOM   691  N  N   . LYS A 1 93  ? -3.573  16.939  6.136   1.00 8.22  ? 88  LYS A N   1 
ATOM   692  C  CA  . LYS A 1 93  ? -3.689  17.177  4.688   1.00 8.00  ? 88  LYS A CA  1 
ATOM   693  C  C   . LYS A 1 93  ? -2.382  17.536  4.003   1.00 7.53  ? 88  LYS A C   1 
ATOM   694  O  O   . LYS A 1 93  ? -2.181  17.277  2.821   1.00 7.83  ? 88  LYS A O   1 
ATOM   695  C  CB  . LYS A 1 93  ? -4.733  18.258  4.362   1.00 8.64  ? 88  LYS A CB  1 
ATOM   696  C  CG  . LYS A 1 93  ? -6.170  17.757  4.387   1.00 7.77  ? 88  LYS A CG  1 
ATOM   697  C  CD  . LYS A 1 93  ? -6.318  16.399  3.773   1.00 7.31  ? 88  LYS A CD  1 
ATOM   698  C  CE  . LYS A 1 93  ? -7.740  15.896  3.929   1.00 8.11  ? 88  LYS A CE  1 
ATOM   699  N  NZ  . LYS A 1 93  ? -8.037  15.365  5.280   1.00 6.79  ? 88  LYS A NZ  1 
ATOM   700  N  N   . ALA A 1 94  ? -1.506  18.163  4.759   1.00 6.88  ? 89  ALA A N   1 
ATOM   701  C  CA  . ALA A 1 94  ? -0.187  18.527  4.253   1.00 6.44  ? 89  ALA A CA  1 
ATOM   702  C  C   . ALA A 1 94  ? 0.571   17.288  3.780   1.00 6.24  ? 89  ALA A C   1 
ATOM   703  O  O   . ALA A 1 94  ? 1.295   17.304  2.769   1.00 6.49  ? 89  ALA A O   1 
ATOM   704  C  CB  . ALA A 1 94  ? 0.620   19.290  5.304   1.00 6.19  ? 89  ALA A CB  1 
ATOM   705  N  N   . GLU A 1 95  ? 0.377   16.221  4.537   1.00 5.53  ? 90  GLU A N   1 
ATOM   706  C  CA  . GLU A 1 95  ? 1.013   14.926  4.275   1.00 5.17  ? 90  GLU A CA  1 
ATOM   707  C  C   . GLU A 1 95  ? 0.289   14.216  3.153   1.00 4.61  ? 90  GLU A C   1 
ATOM   708  O  O   . GLU A 1 95  ? 0.881   13.523  2.332   1.00 4.60  ? 90  GLU A O   1 
ATOM   709  C  CB  . GLU A 1 95  ? 1.070   14.046  5.536   1.00 5.64  ? 90  GLU A CB  1 
ATOM   710  C  CG  . GLU A 1 95  ? 2.144   14.435  6.545   1.00 6.21  ? 90  GLU A CG  1 
ATOM   711  C  CD  . GLU A 1 95  ? 1.820   15.709  7.322   1.00 8.13  ? 90  GLU A CD  1 
ATOM   712  O  OE1 . GLU A 1 95  ? 0.681   15.869  7.827   1.00 7.71  ? 90  GLU A OE1 1 
ATOM   713  O  OE2 . GLU A 1 95  ? 2.730   16.556  7.436   1.00 11.67 ? 90  GLU A OE2 1 
ATOM   714  N  N   . VAL A 1 96  ? -1.014  14.408  3.116   1.00 4.01  ? 91  VAL A N   1 
ATOM   715  C  CA  . VAL A 1 96  ? -1.810  13.867  2.025   1.00 3.39  ? 91  VAL A CA  1 
ATOM   716  C  C   . VAL A 1 96  ? -1.334  14.467  0.709   1.00 3.43  ? 91  VAL A C   1 
ATOM   717  O  O   . VAL A 1 96  ? -1.063  13.772  -0.259  1.00 2.63  ? 91  VAL A O   1 
ATOM   718  C  CB  . VAL A 1 96  ? -3.314  14.104  2.194   1.00 3.55  ? 91  VAL A CB  1 
ATOM   719  C  CG1 . VAL A 1 96  ? -4.032  13.891  0.862   1.00 2.11  ? 91  VAL A CG1 1 
ATOM   720  C  CG2 . VAL A 1 96  ? -3.859  13.188  3.279   1.00 2.00  ? 91  VAL A CG2 1 
ATOM   721  N  N   . ILE A 1 97  ? -1.218  15.783  0.703   1.00 3.44  ? 92  ILE A N   1 
ATOM   722  C  CA  . ILE A 1 97  ? -0.799  16.497  -0.505  1.00 3.40  ? 92  ILE A CA  1 
ATOM   723  C  C   . ILE A 1 97  ? 0.570   15.992  -0.935  1.00 3.45  ? 92  ILE A C   1 
ATOM   724  O  O   . ILE A 1 97  ? 0.798   15.652  -2.084  1.00 3.33  ? 92  ILE A O   1 
ATOM   725  C  CB  . ILE A 1 97  ? -0.801  18.024  -0.337  1.00 3.23  ? 92  ILE A CB  1 
ATOM   726  C  CG1 . ILE A 1 97  ? -2.237  18.529  -0.354  1.00 2.88  ? 92  ILE A CG1 1 
ATOM   727  C  CG2 . ILE A 1 97  ? 0.001   18.681  -1.459  1.00 3.24  ? 92  ILE A CG2 1 
ATOM   728  C  CD1 . ILE A 1 97  ? -2.471  19.785  0.436   1.00 3.73  ? 92  ILE A CD1 1 
ATOM   729  N  N   . THR A 1 98  ? 1.450   15.911  0.047   1.00 3.89  ? 93  THR A N   1 
ATOM   730  C  CA  . THR A 1 98  ? 2.819   15.401  -0.138  1.00 3.78  ? 93  THR A CA  1 
ATOM   731  C  C   . THR A 1 98  ? 2.834   14.077  -0.893  1.00 3.60  ? 93  THR A C   1 
ATOM   732  O  O   . THR A 1 98  ? 3.581   13.878  -1.846  1.00 3.89  ? 93  THR A O   1 
ATOM   733  C  CB  . THR A 1 98  ? 3.603   15.286  1.210   1.00 3.74  ? 93  THR A CB  1 
ATOM   734  O  OG1 . THR A 1 98  ? 3.948   16.600  1.645   1.00 4.45  ? 93  THR A OG1 1 
ATOM   735  C  CG2 . THR A 1 98  ? 4.904   14.475  1.055   1.00 3.17  ? 93  THR A CG2 1 
ATOM   736  N  N   . ALA A 1 99  ? 1.950   13.203  -0.453  1.00 3.55  ? 94  ALA A N   1 
ATOM   737  C  CA  . ALA A 1 99  ? 1.840   11.811  -0.947  1.00 3.09  ? 94  ALA A CA  1 
ATOM   738  C  C   . ALA A 1 99  ? 1.247   11.697  -2.329  1.00 3.09  ? 94  ALA A C   1 
ATOM   739  O  O   . ALA A 1 99  ? 1.660   10.866  -3.124  1.00 3.23  ? 94  ALA A O   1 
ATOM   740  C  CB  . ALA A 1 99  ? 1.032   10.946  0.018   1.00 2.82  ? 94  ALA A CB  1 
ATOM   741  N  N   . LEU A 1 100 ? 0.265   12.541  -2.602  1.00 3.18  ? 95  LEU A N   1 
ATOM   742  C  CA  . LEU A 1 100 ? -0.373  12.586  -3.921  1.00 2.95  ? 95  LEU A CA  1 
ATOM   743  C  C   . LEU A 1 100 ? 0.595   13.123  -4.962  1.00 3.27  ? 95  LEU A C   1 
ATOM   744  O  O   . LEU A 1 100 ? 0.644   12.673  -6.077  1.00 2.59  ? 95  LEU A O   1 
ATOM   745  C  CB  . LEU A 1 100 ? -1.633  13.443  -3.910  1.00 2.91  ? 95  LEU A CB  1 
ATOM   746  C  CG  . LEU A 1 100 ? -2.700  13.063  -2.884  1.00 2.19  ? 95  LEU A CG  1 
ATOM   747  C  CD1 . LEU A 1 100 ? -3.814  14.064  -2.976  1.00 2.00  ? 95  LEU A CD1 1 
ATOM   748  C  CD2 . LEU A 1 100 ? -3.217  11.622  -3.056  1.00 2.00  ? 95  LEU A CD2 1 
ATOM   749  N  N   . LYS A 1 101 ? 1.386   14.083  -4.538  1.00 4.26  ? 96  LYS A N   1 
ATOM   750  C  CA  . LYS A 1 101 ? 2.411   14.701  -5.399  1.00 4.94  ? 96  LYS A CA  1 
ATOM   751  C  C   . LYS A 1 101 ? 3.495   13.701  -5.742  1.00 4.97  ? 96  LYS A C   1 
ATOM   752  O  O   . LYS A 1 101 ? 4.163   13.794  -6.756  1.00 4.90  ? 96  LYS A O   1 
ATOM   753  C  CB  . LYS A 1 101 ? 3.028   15.947  -4.740  1.00 5.25  ? 96  LYS A CB  1 
ATOM   754  C  CG  . LYS A 1 101 ? 2.085   17.172  -4.747  1.00 6.02  ? 96  LYS A CG  1 
ATOM   755  C  CD  . LYS A 1 101 ? 2.593   18.295  -3.840  1.00 6.45  ? 96  LYS A CD  1 
ATOM   756  C  CE  . LYS A 1 101 ? 3.925   18.864  -4.317  1.00 6.18  ? 96  LYS A CE  1 
ATOM   757  N  NZ  . LYS A 1 101 ? 4.390   19.978  -3.426  1.00 4.52  ? 96  LYS A NZ  1 
ATOM   758  N  N   . ALA A 1 102 ? 3.645   12.729  -4.866  1.00 4.97  ? 97  ALA A N   1 
ATOM   759  C  CA  . ALA A 1 102 ? 4.692   11.716  -4.997  1.00 4.91  ? 97  ALA A CA  1 
ATOM   760  C  C   . ALA A 1 102 ? 4.218   10.588  -5.881  1.00 5.06  ? 97  ALA A C   1 
ATOM   761  O  O   . ALA A 1 102 ? 5.003   9.883   -6.492  1.00 4.66  ? 97  ALA A O   1 
ATOM   762  C  CB  . ALA A 1 102 ? 5.141   11.202  -3.624  1.00 4.46  ? 97  ALA A CB  1 
ATOM   763  N  N   . GLY A 1 103 ? 2.902   10.447  -5.942  1.00 5.71  ? 98  GLY A N   1 
ATOM   764  C  CA  . GLY A 1 103 ? 2.256   9.501   -6.873  1.00 6.02  ? 98  GLY A CA  1 
ATOM   765  C  C   . GLY A 1 103 ? 1.301   8.494   -6.272  1.00 6.25  ? 98  GLY A C   1 
ATOM   766  O  O   . GLY A 1 103 ? 0.881   7.548   -6.916  1.00 6.86  ? 98  GLY A O   1 
ATOM   767  N  N   . VAL A 1 104 ? 0.979   8.713   -5.014  1.00 6.17  ? 99  VAL A N   1 
ATOM   768  C  CA  . VAL A 1 104 ? -0.043  7.931   -4.312  1.00 5.96  ? 99  VAL A CA  1 
ATOM   769  C  C   . VAL A 1 104 ? -1.367  8.235   -4.979  1.00 6.52  ? 99  VAL A C   1 
ATOM   770  O  O   . VAL A 1 104 ? -1.626  9.368   -5.383  1.00 7.38  ? 99  VAL A O   1 
ATOM   771  C  CB  . VAL A 1 104 ? -0.118  8.296   -2.800  1.00 6.31  ? 99  VAL A CB  1 
ATOM   772  C  CG1 . VAL A 1 104 ? -1.446  7.849   -2.183  1.00 6.22  ? 99  VAL A CG1 1 
ATOM   773  C  CG2 . VAL A 1 104 ? 1.075   7.728   -2.030  1.00 3.57  ? 99  VAL A CG2 1 
ATOM   774  N  N   . ASN A 1 105 ? -2.209  7.217   -5.115  1.00 6.46  ? 100 ASN A N   1 
ATOM   775  C  CA  . ASN A 1 105 ? -3.475  7.370   -5.846  1.00 5.54  ? 100 ASN A CA  1 
ATOM   776  C  C   . ASN A 1 105 ? -4.678  7.380   -4.946  1.00 5.68  ? 100 ASN A C   1 
ATOM   777  O  O   . ASN A 1 105 ? -5.696  7.977   -5.238  1.00 5.34  ? 100 ASN A O   1 
ATOM   778  C  CB  . ASN A 1 105 ? -3.634  6.270   -6.902  1.00 5.24  ? 100 ASN A CB  1 
ATOM   779  C  CG  . ASN A 1 105 ? -2.511  6.261   -7.916  1.00 3.70  ? 100 ASN A CG  1 
ATOM   780  O  OD1 . ASN A 1 105 ? -2.308  7.231   -8.631  1.00 5.74  ? 100 ASN A OD1 1 
ATOM   781  N  ND2 . ASN A 1 105 ? -1.810  5.155   -8.013  1.00 2.00  ? 100 ASN A ND2 1 
ATOM   782  N  N   . ASN A 1 106 ? -4.538  6.675   -3.844  1.00 6.11  ? 101 ASN A N   1 
ATOM   783  C  CA  . ASN A 1 106 ? -5.630  6.536   -2.862  1.00 5.89  ? 101 ASN A CA  1 
ATOM   784  C  C   . ASN A 1 106 ? -5.068  6.526   -1.484  1.00 5.46  ? 101 ASN A C   1 
ATOM   785  O  O   . ASN A 1 106 ? -4.107  5.835   -1.206  1.00 5.56  ? 101 ASN A O   1 
ATOM   786  C  CB  . ASN A 1 106 ? -6.418  5.253   -3.075  1.00 6.49  ? 101 ASN A CB  1 
ATOM   787  C  CG  . ASN A 1 106 ? -7.248  5.282   -4.321  1.00 6.81  ? 101 ASN A CG  1 
ATOM   788  O  OD1 . ASN A 1 106 ? -8.326  5.852   -4.331  1.00 8.46  ? 101 ASN A OD1 1 
ATOM   789  N  ND2 . ASN A 1 106 ? -6.771  4.627   -5.373  1.00 6.55  ? 101 ASN A ND2 1 
ATOM   790  N  N   . TYR A 1 107 ? -5.701  7.303   -0.640  1.00 5.20  ? 102 TYR A N   1 
ATOM   791  C  CA  . TYR A 1 107 ? -5.219  7.570   0.703   1.00 5.35  ? 102 TYR A CA  1 
ATOM   792  C  C   . TYR A 1 107 ? -6.263  7.201   1.744   1.00 5.39  ? 102 TYR A C   1 
ATOM   793  O  O   . TYR A 1 107 ? -7.370  7.737   1.781   1.00 5.20  ? 102 TYR A O   1 
ATOM   794  C  CB  . TYR A 1 107 ? -4.852  9.037   0.815   1.00 5.25  ? 102 TYR A CB  1 
ATOM   795  C  CG  . TYR A 1 107 ? -3.751  9.385   1.810   1.00 6.23  ? 102 TYR A CG  1 
ATOM   796  C  CD1 . TYR A 1 107 ? -2.438  9.558   1.391   1.00 5.73  ? 102 TYR A CD1 1 
ATOM   797  C  CD2 . TYR A 1 107 ? -4.040  9.620   3.154   1.00 4.71  ? 102 TYR A CD2 1 
ATOM   798  C  CE1 . TYR A 1 107 ? -1.459  9.917   2.279   1.00 5.10  ? 102 TYR A CE1 1 
ATOM   799  C  CE2 . TYR A 1 107 ? -3.069  9.975   4.034   1.00 4.84  ? 102 TYR A CE2 1 
ATOM   800  C  CZ  . TYR A 1 107 ? -1.775  10.125  3.596   1.00 5.13  ? 102 TYR A CZ  1 
ATOM   801  O  OH  . TYR A 1 107 ? -0.781  10.482  4.490   1.00 5.35  ? 102 TYR A OH  1 
ATOM   802  N  N   . ILE A 1 108 ? -5.865  6.252   2.576   1.00 5.03  ? 103 ILE A N   1 
ATOM   803  C  CA  . ILE A 1 108 ? -6.677  5.765   3.670   1.00 5.12  ? 103 ILE A CA  1 
ATOM   804  C  C   . ILE A 1 108 ? -5.951  6.053   4.954   1.00 5.09  ? 103 ILE A C   1 
ATOM   805  O  O   . ILE A 1 108 ? -4.793  5.776   5.100   1.00 5.15  ? 103 ILE A O   1 
ATOM   806  C  CB  . ILE A 1 108 ? -6.955  4.245   3.561   1.00 5.16  ? 103 ILE A CB  1 
ATOM   807  C  CG1 . ILE A 1 108 ? -7.725  3.925   2.275   1.00 5.79  ? 103 ILE A CG1 1 
ATOM   808  C  CG2 . ILE A 1 108 ? -7.750  3.772   4.730   1.00 4.90  ? 103 ILE A CG2 1 
ATOM   809  C  CD1 . ILE A 1 108 ? -7.884  2.427   1.996   1.00 5.81  ? 103 ILE A CD1 1 
ATOM   810  N  N   . VAL A 1 109 ? -6.677  6.627   5.886   1.00 5.68  ? 104 VAL A N   1 
ATOM   811  C  CA  . VAL A 1 109 ? -6.118  7.088   7.152   1.00 5.72  ? 104 VAL A CA  1 
ATOM   812  C  C   . VAL A 1 109 ? -6.482  6.137   8.287   1.00 5.33  ? 104 VAL A C   1 
ATOM   813  O  O   . VAL A 1 109 ? -7.633  5.832   8.496   1.00 4.66  ? 104 VAL A O   1 
ATOM   814  C  CB  . VAL A 1 109 ? -6.589  8.555   7.453   1.00 5.62  ? 104 VAL A CB  1 
ATOM   815  C  CG1 . VAL A 1 109 ? -6.121  9.034   8.831   1.00 5.55  ? 104 VAL A CG1 1 
ATOM   816  C  CG2 . VAL A 1 109 ? -6.085  9.482   6.378   1.00 5.39  ? 104 VAL A CG2 1 
ATOM   817  N  N   . LYS A 1 110 ? -5.448  5.654   8.966   1.00 5.34  ? 105 LYS A N   1 
ATOM   818  C  CA  . LYS A 1 110 ? -5.577  4.829   10.177  1.00 5.27  ? 105 LYS A CA  1 
ATOM   819  C  C   . LYS A 1 110 ? -5.921  5.731   11.345  1.00 5.48  ? 105 LYS A C   1 
ATOM   820  O  O   . LYS A 1 110 ? -5.540  6.893   11.348  1.00 6.53  ? 105 LYS A O   1 
ATOM   821  C  CB  . LYS A 1 110 ? -4.275  4.103   10.540  1.00 5.16  ? 105 LYS A CB  1 
ATOM   822  C  CG  . LYS A 1 110 ? -3.673  3.230   9.485   1.00 4.54  ? 105 LYS A CG  1 
ATOM   823  C  CD  . LYS A 1 110 ? -2.184  3.161   9.731   1.00 4.22  ? 105 LYS A CD  1 
ATOM   824  C  CE  . LYS A 1 110 ? -1.521  1.965   9.122   1.00 3.85  ? 105 LYS A CE  1 
ATOM   825  N  NZ  . LYS A 1 110 ? -0.220  1.700   9.817   1.00 3.85  ? 105 LYS A NZ  1 
ATOM   826  N  N   . PRO A 1 111 ? -6.583  5.196   12.374  1.00 6.05  ? 106 PRO A N   1 
ATOM   827  C  CA  . PRO A 1 111 ? -6.999  3.814   12.546  1.00 5.80  ? 106 PRO A CA  1 
ATOM   828  C  C   . PRO A 1 111 ? -8.357  3.568   11.974  1.00 5.99  ? 106 PRO A C   1 
ATOM   829  O  O   . PRO A 1 111 ? -9.078  4.490   11.624  1.00 6.05  ? 106 PRO A O   1 
ATOM   830  C  CB  . PRO A 1 111 ? -7.036  3.637   14.061  1.00 5.67  ? 106 PRO A CB  1 
ATOM   831  C  CG  . PRO A 1 111 ? -6.900  5.009   14.665  1.00 5.89  ? 106 PRO A CG  1 
ATOM   832  C  CD  . PRO A 1 111 ? -6.915  6.009   13.557  1.00 6.17  ? 106 PRO A CD  1 
ATOM   833  N  N   . PHE A 1 112 ? -8.660  2.289   11.872  1.00 6.38  ? 107 PHE A N   1 
ATOM   834  C  CA  . PHE A 1 112 ? -9.942  1.810   11.385  1.00 6.42  ? 107 PHE A CA  1 
ATOM   835  C  C   . PHE A 1 112 ? -10.319 0.455   11.959  1.00 6.84  ? 107 PHE A C   1 
ATOM   836  O  O   . PHE A 1 112 ? -9.493  -0.326  12.358  1.00 6.59  ? 107 PHE A O   1 
ATOM   837  C  CB  . PHE A 1 112 ? -9.942  1.732   9.856   1.00 6.74  ? 107 PHE A CB  1 
ATOM   838  C  CG  . PHE A 1 112 ? -8.622  1.321   9.264   1.00 5.89  ? 107 PHE A CG  1 
ATOM   839  C  CD1 . PHE A 1 112 ? -8.120  0.053   9.474   1.00 6.44  ? 107 PHE A CD1 1 
ATOM   840  C  CD2 . PHE A 1 112 ? -7.889  2.209   8.500   1.00 5.69  ? 107 PHE A CD2 1 
ATOM   841  C  CE1 . PHE A 1 112 ? -6.912  -0.320  8.943   1.00 6.37  ? 107 PHE A CE1 1 
ATOM   842  C  CE2 . PHE A 1 112 ? -6.685  1.851   7.970   1.00 5.31  ? 107 PHE A CE2 1 
ATOM   843  C  CZ  . PHE A 1 112 ? -6.189  0.591   8.191   1.00 6.92  ? 107 PHE A CZ  1 
ATOM   844  N  N   . THR A 1 113 ? -11.609 0.233   11.990  1.00 7.78  ? 108 THR A N   1 
ATOM   845  C  CA  . THR A 1 113 ? -12.172 -1.061  12.304  1.00 7.82  ? 108 THR A CA  1 
ATOM   846  C  C   . THR A 1 113 ? -11.973 -1.934  11.055  1.00 8.74  ? 108 THR A C   1 
ATOM   847  O  O   . THR A 1 113 ? -11.711 -1.419  9.965   1.00 8.59  ? 108 THR A O   1 
ATOM   848  C  CB  . THR A 1 113 ? -13.670 -0.965  12.701  1.00 7.93  ? 108 THR A CB  1 
ATOM   849  O  OG1 . THR A 1 113 ? -14.487 -0.691  11.553  1.00 5.40  ? 108 THR A OG1 1 
ATOM   850  C  CG2 . THR A 1 113 ? -13.875 0.121   13.766  1.00 7.26  ? 108 THR A CG2 1 
ATOM   851  N  N   . PRO A 1 114 ? -12.062 -3.260  11.212  1.00 9.47  ? 109 PRO A N   1 
ATOM   852  C  CA  . PRO A 1 114 ? -11.935 -4.110  10.044  1.00 10.08 ? 109 PRO A CA  1 
ATOM   853  C  C   . PRO A 1 114 ? -13.058 -3.916  9.047   1.00 9.70  ? 109 PRO A C   1 
ATOM   854  O  O   . PRO A 1 114 ? -12.910 -4.179  7.859   1.00 10.55 ? 109 PRO A O   1 
ATOM   855  C  CB  . PRO A 1 114 ? -11.976 -5.525  10.640  1.00 10.61 ? 109 PRO A CB  1 
ATOM   856  C  CG  . PRO A 1 114 ? -11.466 -5.346  12.039  1.00 10.70 ? 109 PRO A CG  1 
ATOM   857  C  CD  . PRO A 1 114 ? -12.030 -4.033  12.463  1.00 9.80  ? 109 PRO A CD  1 
ATOM   858  N  N   . GLN A 1 115 ? -14.172 -3.440  9.555   1.00 9.14  ? 110 GLN A N   1 
ATOM   859  C  CA  . GLN A 1 115 ? -15.362 -3.145  8.726   1.00 8.38  ? 110 GLN A CA  1 
ATOM   860  C  C   . GLN A 1 115 ? -15.226 -1.880  7.886   1.00 7.35  ? 110 GLN A C   1 
ATOM   861  O  O   . GLN A 1 115 ? -15.657 -1.808  6.741   1.00 7.17  ? 110 GLN A O   1 
ATOM   862  C  CB  . GLN A 1 115 ? -16.621 -3.062  9.588   1.00 8.30  ? 110 GLN A CB  1 
ATOM   863  C  CG  . GLN A 1 115 ? -17.887 -2.724  8.822   1.00 7.91  ? 110 GLN A CG  1 
ATOM   864  C  CD  . GLN A 1 115 ? -18.256 -3.756  7.790   1.00 7.07  ? 110 GLN A CD  1 
ATOM   865  O  OE1 . GLN A 1 115 ? -17.878 -4.928  7.886   1.00 7.42  ? 110 GLN A OE1 1 
ATOM   866  N  NE2 . GLN A 1 115 ? -18.999 -3.320  6.787   1.00 4.96  ? 110 GLN A NE2 1 
ATOM   867  N  N   . VAL A 1 116 ? -14.611 -0.883  8.475   1.00 6.52  ? 111 VAL A N   1 
ATOM   868  C  CA  . VAL A 1 116 ? -14.406 0.371   7.778   1.00 5.90  ? 111 VAL A CA  1 
ATOM   869  C  C   . VAL A 1 116 ? -13.341 0.178   6.715   1.00 6.18  ? 111 VAL A C   1 
ATOM   870  O  O   . VAL A 1 116 ? -13.419 0.713   5.631   1.00 5.35  ? 111 VAL A O   1 
ATOM   871  C  CB  . VAL A 1 116 ? -14.026 1.534   8.730   1.00 6.21  ? 111 VAL A CB  1 
ATOM   872  C  CG1 . VAL A 1 116 ? -13.471 2.733   7.941   1.00 2.89  ? 111 VAL A CG1 1 
ATOM   873  C  CG2 . VAL A 1 116 ? -15.244 1.925   9.579   1.00 4.53  ? 111 VAL A CG2 1 
ATOM   874  N  N   . LEU A 1 117 ? -12.345 -0.623  7.050   1.00 6.92  ? 112 LEU A N   1 
ATOM   875  C  CA  . LEU A 1 117 ? -11.252 -0.906  6.108   1.00 7.23  ? 112 LEU A CA  1 
ATOM   876  C  C   . LEU A 1 117 ? -11.793 -1.612  4.869   1.00 7.59  ? 112 LEU A C   1 
ATOM   877  O  O   . LEU A 1 117 ? -11.345 -1.403  3.749   1.00 6.97  ? 112 LEU A O   1 
ATOM   878  C  CB  . LEU A 1 117 ? -10.141 -1.744  6.742   1.00 7.02  ? 112 LEU A CB  1 
ATOM   879  C  CG  . LEU A 1 117 ? -8.978  -2.016  5.783   1.00 6.25  ? 112 LEU A CG  1 
ATOM   880  C  CD1 . LEU A 1 117 ? -8.530  -0.723  5.103   1.00 5.25  ? 112 LEU A CD1 1 
ATOM   881  C  CD2 . LEU A 1 117 ? -7.833  -2.706  6.489   1.00 4.65  ? 112 LEU A CD2 1 
ATOM   882  N  N   . LYS A 1 118 ? -12.780 -2.445  5.116   1.00 8.15  ? 113 LYS A N   1 
ATOM   883  C  CA  . LYS A 1 118 ? -13.360 -3.299  4.077   1.00 9.18  ? 113 LYS A CA  1 
ATOM   884  C  C   . LYS A 1 118 ? -14.168 -2.442  3.109   1.00 9.14  ? 113 LYS A C   1 
ATOM   885  O  O   . LYS A 1 118 ? -14.160 -2.643  1.910   1.00 8.67  ? 113 LYS A O   1 
ATOM   886  C  CB  . LYS A 1 118 ? -14.205 -4.426  4.690   1.00 9.77  ? 113 LYS A CB  1 
ATOM   887  C  CG  . LYS A 1 118 ? -14.671 -5.499  3.726   1.00 12.02 ? 113 LYS A CG  1 
ATOM   888  C  CD  . LYS A 1 118 ? -15.662 -6.447  4.415   1.00 16.10 ? 113 LYS A CD  1 
ATOM   889  C  CE  . LYS A 1 118 ? -16.471 -7.263  3.391   1.00 18.19 ? 113 LYS A CE  1 
ATOM   890  N  NZ  . LYS A 1 118 ? -17.631 -6.476  2.864   1.00 19.38 ? 113 LYS A NZ  1 
ATOM   891  N  N   . GLU A 1 119 ? -14.850 -1.469  3.678   1.00 9.59  ? 114 GLU A N   1 
ATOM   892  C  CA  . GLU A 1 119 ? -15.598 -0.459  2.904   1.00 10.16 ? 114 GLU A CA  1 
ATOM   893  C  C   . GLU A 1 119 ? -14.664 0.411   2.083   1.00 9.53  ? 114 GLU A C   1 
ATOM   894  O  O   . GLU A 1 119 ? -14.851 0.621   0.894   1.00 9.62  ? 114 GLU A O   1 
ATOM   895  C  CB  . GLU A 1 119 ? -16.425 0.456   3.819   1.00 10.41 ? 114 GLU A CB  1 
ATOM   896  C  CG  . GLU A 1 119 ? -17.516 -0.264  4.598   1.00 13.74 ? 114 GLU A CG  1 
ATOM   897  C  CD  . GLU A 1 119 ? -18.156 0.625   5.683   1.00 18.79 ? 114 GLU A CD  1 
ATOM   898  O  OE1 . GLU A 1 119 ? -17.858 1.841   5.687   1.00 21.28 ? 114 GLU A OE1 1 
ATOM   899  O  OE2 . GLU A 1 119 ? -18.953 0.119   6.529   1.00 21.50 ? 114 GLU A OE2 1 
ATOM   900  N  N   . LYS A 1 120 ? -13.665 0.936   2.757   1.00 9.08  ? 115 LYS A N   1 
ATOM   901  C  CA  . LYS A 1 120 ? -12.728 1.887   2.135   1.00 9.10  ? 115 LYS A CA  1 
ATOM   902  C  C   . LYS A 1 120 ? -11.880 1.258   1.037   1.00 9.21  ? 115 LYS A C   1 
ATOM   903  O  O   . LYS A 1 120 ? -11.475 1.905   0.080   1.00 9.15  ? 115 LYS A O   1 
ATOM   904  C  CB  . LYS A 1 120 ? -11.830 2.535   3.170   1.00 9.04  ? 115 LYS A CB  1 
ATOM   905  C  CG  . LYS A 1 120 ? -12.563 3.452   4.112   1.00 9.80  ? 115 LYS A CG  1 
ATOM   906  C  CD  . LYS A 1 120 ? -11.632 3.990   5.172   1.00 12.25 ? 115 LYS A CD  1 
ATOM   907  C  CE  . LYS A 1 120 ? -12.278 5.075   5.989   1.00 14.25 ? 115 LYS A CE  1 
ATOM   908  N  NZ  . LYS A 1 120 ? -12.543 6.252   5.122   1.00 17.02 ? 115 LYS A NZ  1 
ATOM   909  N  N   . LEU A 1 121 ? -11.618 -0.026  1.207   1.00 9.55  ? 116 LEU A N   1 
ATOM   910  C  CA  . LEU A 1 121 ? -10.846 -0.807  0.220   1.00 9.45  ? 116 LEU A CA  1 
ATOM   911  C  C   . LEU A 1 121 ? -11.759 -1.288  -0.909  1.00 9.72  ? 116 LEU A C   1 
ATOM   912  O  O   . LEU A 1 121 ? -11.382 -1.340  -2.076  1.00 8.77  ? 116 LEU A O   1 
ATOM   913  C  CB  . LEU A 1 121 ? -10.104 -1.981  0.860   1.00 9.36  ? 116 LEU A CB  1 
ATOM   914  C  CG  . LEU A 1 121 ? -8.757  -1.689  1.526   1.00 9.26  ? 116 LEU A CG  1 
ATOM   915  C  CD1 . LEU A 1 121 ? -8.077  -2.989  1.957   1.00 6.92  ? 116 LEU A CD1 1 
ATOM   916  C  CD2 . LEU A 1 121 ? -7.847  -0.887  0.591   1.00 8.21  ? 116 LEU A CD2 1 
ATOM   917  N  N   . GLU A 1 122 ? -12.983 -1.601  -0.530  1.00 10.03 ? 117 GLU A N   1 
ATOM   918  C  CA  . GLU A 1 122 ? -13.981 -2.046  -1.498  1.00 10.95 ? 117 GLU A CA  1 
ATOM   919  C  C   . GLU A 1 122 ? -14.259 -0.933  -2.478  1.00 11.32 ? 117 GLU A C   1 
ATOM   920  O  O   . GLU A 1 122 ? -14.592 -1.154  -3.644  1.00 11.52 ? 117 GLU A O   1 
ATOM   921  C  CB  . GLU A 1 122 ? -15.282 -2.512  -0.828  1.00 11.35 ? 117 GLU A CB  1 
ATOM   922  C  CG  . GLU A 1 122 ? -16.460 -2.639  -1.795  1.00 12.81 ? 117 GLU A CG  1 
ATOM   923  C  CD  . GLU A 1 122 ? -17.286 -3.895  -1.553  1.00 15.12 ? 117 GLU A CD  1 
ATOM   924  O  OE1 . GLU A 1 122 ? -17.167 -4.458  -0.442  1.00 17.23 ? 117 GLU A OE1 1 
ATOM   925  O  OE2 . GLU A 1 122 ? -18.026 -4.330  -2.479  1.00 16.14 ? 117 GLU A OE2 1 
ATOM   926  N  N   . VAL A 1 123 ? -14.076 0.275   -1.982  1.00 11.65 ? 118 VAL A N   1 
ATOM   927  C  CA  . VAL A 1 123 ? -14.273 1.486   -2.780  1.00 11.74 ? 118 VAL A CA  1 
ATOM   928  C  C   . VAL A 1 123 ? -13.220 1.612   -3.851  1.00 12.12 ? 118 VAL A C   1 
ATOM   929  O  O   . VAL A 1 123 ? -13.488 2.059   -4.969  1.00 12.40 ? 118 VAL A O   1 
ATOM   930  C  CB  . VAL A 1 123 ? -14.263 2.775   -1.940  1.00 11.56 ? 118 VAL A CB  1 
ATOM   931  C  CG1 . VAL A 1 123 ? -14.257 3.999   -2.851  1.00 11.23 ? 118 VAL A CG1 1 
ATOM   932  C  CG2 . VAL A 1 123 ? -15.460 2.790   -1.010  1.00 11.88 ? 118 VAL A CG2 1 
ATOM   933  N  N   . VAL A 1 124 ? -12.012 1.226   -3.496  1.00 12.19 ? 119 VAL A N   1 
ATOM   934  C  CA  . VAL A 1 124 ? -10.883 1.363   -4.417  1.00 12.31 ? 119 VAL A CA  1 
ATOM   935  C  C   . VAL A 1 124 ? -10.763 0.154   -5.299  1.00 12.72 ? 119 VAL A C   1 
ATOM   936  O  O   . VAL A 1 124 ? -10.515 0.256   -6.496  1.00 13.25 ? 119 VAL A O   1 
ATOM   937  C  CB  . VAL A 1 124 ? -9.533  1.558   -3.685  1.00 12.48 ? 119 VAL A CB  1 
ATOM   938  C  CG1 . VAL A 1 124 ? -8.399  1.533   -4.680  1.00 10.80 ? 119 VAL A CG1 1 
ATOM   939  C  CG2 . VAL A 1 124 ? -9.542  2.851   -2.867  1.00 11.66 ? 119 VAL A CG2 1 
ATOM   940  N  N   . LEU A 1 125 ? -10.969 -0.995  -4.683  1.00 13.09 ? 120 LEU A N   1 
ATOM   941  C  CA  . LEU A 1 125 ? -10.591 -2.282  -5.293  1.00 13.29 ? 120 LEU A CA  1 
ATOM   942  C  C   . LEU A 1 125 ? -11.763 -3.114  -5.737  1.00 13.74 ? 120 LEU A C   1 
ATOM   943  O  O   . LEU A 1 125 ? -11.641 -4.001  -6.571  1.00 13.81 ? 120 LEU A O   1 
ATOM   944  C  CB  . LEU A 1 125 ? -9.694  -3.109  -4.358  1.00 13.19 ? 120 LEU A CB  1 
ATOM   945  C  CG  . LEU A 1 125 ? -8.272  -2.586  -4.108  1.00 12.27 ? 120 LEU A CG  1 
ATOM   946  C  CD1 . LEU A 1 125 ? -7.624  -3.315  -2.935  1.00 11.07 ? 120 LEU A CD1 1 
ATOM   947  C  CD2 . LEU A 1 125 ? -7.411  -2.697  -5.353  1.00 11.08 ? 120 LEU A CD2 1 
ATOM   948  N  N   . GLY A 1 126 ? -12.906 -2.803  -5.168  1.00 14.31 ? 121 GLY A N   1 
ATOM   949  C  CA  . GLY A 1 126 ? -14.092 -3.653  -5.310  1.00 14.02 ? 121 GLY A CA  1 
ATOM   950  C  C   . GLY A 1 126 ? -13.783 -5.050  -4.836  1.00 14.08 ? 121 GLY A C   1 
ATOM   951  O  O   . GLY A 1 126 ? -12.872 -5.287  -4.040  1.00 13.85 ? 121 GLY A O   1 
ATOM   952  N  N   . THR A 1 127 ? -14.545 -5.986  -5.351  1.00 14.29 ? 122 THR A N   1 
ATOM   953  C  CA  . THR A 1 127 ? -14.310 -7.387  -5.050  1.00 14.91 ? 122 THR A CA  1 
ATOM   954  C  C   . THR A 1 127 ? -13.589 -8.040  -6.204  1.00 15.15 ? 122 THR A C   1 
ATOM   955  O  O   . THR A 1 127 ? -13.491 -7.505  -7.285  1.00 15.04 ? 122 THR A O   1 
ATOM   956  C  CB  . THR A 1 127 ? -15.607 -8.133  -4.715  1.00 15.11 ? 122 THR A CB  1 
ATOM   957  O  OG1 . THR A 1 127 ? -16.391 -8.330  -5.896  1.00 14.62 ? 122 THR A OG1 1 
ATOM   958  C  CG2 . THR A 1 127 ? -16.420 -7.334  -3.681  1.00 15.44 ? 122 THR A CG2 1 
ATOM   959  N  N   . ASN A 1 128 ? -13.066 -9.209  -5.933  1.00 15.89 ? 123 ASN A N   1 
ATOM   960  C  CA  . ASN A 1 128 ? -12.230 -9.912  -6.908  1.00 16.30 ? 123 ASN A CA  1 
ATOM   961  C  C   . ASN A 1 128 ? -12.540 -11.392 -6.970  1.00 15.89 ? 123 ASN A C   1 
ATOM   962  O  O   . ASN A 1 128 ? -13.707 -11.752 -6.980  1.00 16.26 ? 123 ASN A O   1 
ATOM   963  C  CB  . ASN A 1 128 ? -10.749 -9.711  -6.599  1.00 16.60 ? 123 ASN A CB  1 
ATOM   964  C  CG  . ASN A 1 128 ? -9.854  -10.359 -7.636  1.00 17.91 ? 123 ASN A CG  1 
ATOM   965  O  OD1 . ASN A 1 128 ? -9.991  -10.101 -8.845  1.00 18.83 ? 123 ASN A OD1 1 
ATOM   966  N  ND2 . ASN A 1 128 ? -8.935  -11.210 -7.177  1.00 18.51 ? 123 ASN A ND2 1 
HETATM 967  MG MG  . MG  B 2 .   ? -3.269  1.816   13.180  1.00 2.00  ? 201 MG  A MG  1 
HETATM 968  MG MG  . MG  C 2 .   ? 4.482   2.299   10.272  1.00 3.30  ? 202 MG  A MG  1 
HETATM 969  BE BE  . BEF D 3 .   ? 2.237   4.430   9.068   1.00 2.00  ? 301 BEF A BE  1 
HETATM 970  F  F1  . BEF D 3 .   ? 2.500   5.882   8.143   1.00 6.25  ? 301 BEF A F1  1 
HETATM 971  F  F2  . BEF D 3 .   ? 3.537   3.886   10.109  1.00 4.46  ? 301 BEF A F2  1 
HETATM 972  F  F3  . BEF D 3 .   ? 0.592   4.208   9.594   1.00 2.00  ? 301 BEF A F3  1 
HETATM 973  S  S   . SO4 E 4 .   ? -4.770  9.109   -10.674 1.00 14.58 ? 501 SO4 A S   1 
HETATM 974  O  O1  . SO4 E 4 .   ? -4.480  8.828   -9.278  1.00 14.47 ? 501 SO4 A O1  1 
HETATM 975  O  O2  . SO4 E 4 .   ? -3.697  8.662   -11.529 1.00 14.06 ? 501 SO4 A O2  1 
HETATM 976  O  O3  . SO4 E 4 .   ? -6.007  8.424   -10.985 1.00 16.34 ? 501 SO4 A O3  1 
HETATM 977  O  O4  . SO4 E 4 .   ? -4.906  10.539  -10.889 1.00 15.69 ? 501 SO4 A O4  1 
HETATM 978  O  O   . HOH F 5 .   ? 1.786   5.044   -19.187 1.00 2.00  ? 125 HOH A O   1 
HETATM 979  O  O   . HOH F 5 .   ? -7.415  9.928   -1.759  1.00 2.00  ? 126 HOH A O   1 
HETATM 980  O  O   . HOH F 5 .   ? -5.452  -11.798 1.396   1.00 2.98  ? 127 HOH A O   1 
HETATM 981  O  O   . HOH F 5 .   ? 1.676   -10.398 -4.994  1.00 6.47  ? 128 HOH A O   1 
HETATM 982  O  O   . HOH F 5 .   ? -0.973  11.052  -7.474  1.00 2.00  ? 129 HOH A O   1 
HETATM 983  O  O   . HOH F 5 .   ? -5.504  -11.569 -5.596  1.00 8.57  ? 130 HOH A O   1 
HETATM 984  O  O   . HOH F 5 .   ? 2.432   20.081  1.394   1.00 10.95 ? 131 HOH A O   1 
HETATM 985  O  O   . HOH F 5 .   ? 1.566   9.082   12.550  1.00 2.00  ? 132 HOH A O   1 
HETATM 986  O  O   . HOH F 5 .   ? 11.074  -8.920  6.880   1.00 6.13  ? 133 HOH A O   1 
HETATM 987  O  O   . HOH F 5 .   ? 17.539  -2.074  10.023  1.00 9.08  ? 134 HOH A O   1 
HETATM 988  O  O   . HOH F 5 .   ? 11.566  -11.427 -3.949  1.00 12.08 ? 135 HOH A O   1 
HETATM 989  O  O   . HOH F 5 .   ? -10.453 -13.283 -14.318 1.00 3.20  ? 136 HOH A O   1 
HETATM 990  O  O   . HOH F 5 .   ? -0.137  13.707  9.113   1.00 5.54  ? 137 HOH A O   1 
HETATM 991  O  O   . HOH F 5 .   ? 10.788  -2.531  12.201  1.00 15.47 ? 138 HOH A O   1 
HETATM 992  O  O   . HOH F 5 .   ? -0.144  -1.491  3.897   1.00 8.35  ? 139 HOH A O   1 
HETATM 993  O  O   . HOH F 5 .   ? 12.518  8.216   7.652   1.00 6.54  ? 140 HOH A O   1 
HETATM 994  O  O   . HOH F 5 .   ? -12.774 3.126   12.052  1.00 4.66  ? 141 HOH A O   1 
HETATM 995  O  O   . HOH F 5 .   ? 14.266  10.380  4.012   1.00 4.18  ? 142 HOH A O   1 
HETATM 996  O  O   . HOH F 5 .   ? -13.735 -14.472 -0.168  1.00 11.14 ? 143 HOH A O   1 
HETATM 997  O  O   . HOH F 5 .   ? -0.699  -11.273 7.742   1.00 8.11  ? 144 HOH A O   1 
HETATM 998  O  O   . HOH F 5 .   ? -12.254 -9.912  -11.015 1.00 14.20 ? 145 HOH A O   1 
HETATM 999  O  O   . HOH F 5 .   ? 6.314   -6.362  11.894  1.00 7.75  ? 146 HOH A O   1 
HETATM 1000 O  O   . HOH F 5 .   ? -1.951  19.526  7.565   1.00 6.65  ? 147 HOH A O   1 
HETATM 1001 O  O   . HOH F 5 .   ? -10.108 3.243   -7.590  1.00 8.86  ? 148 HOH A O   1 
HETATM 1002 O  O   . HOH F 5 .   ? -10.655 6.767   2.725   1.00 18.02 ? 149 HOH A O   1 
HETATM 1003 O  O   . HOH F 5 .   ? 16.675  -1.659  -8.218  1.00 7.70  ? 150 HOH A O   1 
HETATM 1004 O  O   . HOH F 5 .   ? -5.355  -13.661 5.803   1.00 8.67  ? 151 HOH A O   1 
HETATM 1005 O  O   . HOH F 5 .   ? -9.334  7.443   11.532  1.00 10.53 ? 152 HOH A O   1 
HETATM 1006 O  O   . HOH F 5 .   ? 5.096   15.193  8.321   1.00 12.66 ? 153 HOH A O   1 
HETATM 1007 O  O   . HOH F 5 .   ? 14.682  -7.854  -12.182 1.00 5.99  ? 154 HOH A O   1 
HETATM 1008 O  O   . HOH F 5 .   ? 9.549   -9.587  -13.120 1.00 18.45 ? 155 HOH A O   1 
HETATM 1009 O  O   . HOH F 5 .   ? 2.503   0.948   10.815  1.00 2.00  ? 156 HOH A O   1 
HETATM 1010 O  O   . HOH F 5 .   ? -0.614  0.274   12.029  1.00 4.97  ? 157 HOH A O   1 
HETATM 1011 O  O   . HOH F 5 .   ? 0.943   -10.351 10.095  1.00 9.94  ? 158 HOH A O   1 
HETATM 1012 O  O   . HOH F 5 .   ? -6.444  -11.897 -12.768 1.00 8.65  ? 159 HOH A O   1 
HETATM 1013 O  O   . HOH F 5 .   ? 0.372   8.599   -10.260 1.00 9.49  ? 160 HOH A O   1 
HETATM 1014 O  O   . HOH F 5 .   ? 0.342   -2.778  -12.566 1.00 15.41 ? 161 HOH A O   1 
HETATM 1015 O  O   . HOH F 5 .   ? 3.064   -3.772  -12.676 1.00 11.99 ? 162 HOH A O   1 
HETATM 1016 O  O   . HOH F 5 .   ? 15.790  2.969   -8.320  1.00 10.92 ? 163 HOH A O   1 
HETATM 1017 O  O   . HOH F 5 .   ? -2.798  9.213   -13.855 1.00 7.08  ? 164 HOH A O   1 
HETATM 1018 O  O   . HOH F 5 .   ? 9.920   11.013  3.737   1.00 11.55 ? 165 HOH A O   1 
HETATM 1019 O  O   . HOH F 5 .   ? -0.407  8.493   -16.177 1.00 17.14 ? 166 HOH A O   1 
HETATM 1020 O  O   . HOH F 5 .   ? 14.564  1.396   -11.400 1.00 9.51  ? 167 HOH A O   1 
HETATM 1021 O  O   . HOH F 5 .   ? 5.186   2.863   12.483  1.00 14.24 ? 168 HOH A O   1 
HETATM 1022 O  O   . HOH F 5 .   ? -11.224 4.579   0.177   1.00 9.30  ? 169 HOH A O   1 
HETATM 1023 O  O   . HOH F 5 .   ? 13.617  6.488   3.811   1.00 2.00  ? 170 HOH A O   1 
HETATM 1024 O  O   . HOH F 5 .   ? -5.998  0.766   12.484  1.00 5.16  ? 171 HOH A O   1 
HETATM 1025 O  O   . HOH F 5 .   ? -4.534  -12.348 7.803   1.00 8.81  ? 172 HOH A O   1 
HETATM 1026 O  O   . HOH F 5 .   ? -16.078 3.362   5.252   1.00 14.10 ? 173 HOH A O   1 
HETATM 1027 O  O   . HOH F 5 .   ? 1.011   -12.310 2.263   1.00 14.15 ? 174 HOH A O   1 
HETATM 1028 O  O   . HOH F 5 .   ? 5.722   14.812  -2.374  1.00 9.09  ? 175 HOH A O   1 
HETATM 1029 O  O   . HOH F 5 .   ? 3.488   11.856  -10.144 1.00 2.00  ? 176 HOH A O   1 
HETATM 1030 O  O   . HOH F 5 .   ? 17.695  -6.780  -4.634  0.50 4.82  ? 177 HOH A O   1 
HETATM 1031 O  O   . HOH F 5 .   ? 13.180  -12.610 -5.613  1.00 16.91 ? 178 HOH A O   1 
HETATM 1032 O  O   . HOH F 5 .   ? -16.120 5.357   3.612   1.00 17.78 ? 179 HOH A O   1 
HETATM 1033 O  O   . HOH F 5 .   ? 13.485  4.350   -9.709  1.00 12.99 ? 180 HOH A O   1 
HETATM 1034 O  O   . HOH F 5 .   ? -20.930 -1.404  5.905   1.00 22.16 ? 181 HOH A O   1 
HETATM 1035 O  O   . HOH F 5 .   ? -14.840 -13.488 -4.899  1.00 20.99 ? 182 HOH A O   1 
# 
